data_5QXJ
# 
_entry.id   5QXJ 
# 
_audit_conform.dict_name       mmcif_pdbx.dic 
_audit_conform.dict_version    5.387 
_audit_conform.dict_location   http://mmcif.pdb.org/dictionaries/ascii/mmcif_pdbx.dic 
# 
loop_
_database_2.database_id 
_database_2.database_code 
_database_2.pdbx_database_accession 
_database_2.pdbx_DOI 
PDB   5QXJ         pdb_00005qxj 10.2210/pdb5qxj/pdb 
WWPDB D_1001402440 ?            ?                   
# 
loop_
_pdbx_audit_revision_history.ordinal 
_pdbx_audit_revision_history.data_content_type 
_pdbx_audit_revision_history.major_revision 
_pdbx_audit_revision_history.minor_revision 
_pdbx_audit_revision_history.revision_date 
1 'Structure model' 1 0 2020-04-08 
2 'Structure model' 1 1 2024-03-06 
# 
_pdbx_audit_revision_details.ordinal             1 
_pdbx_audit_revision_details.revision_ordinal    1 
_pdbx_audit_revision_details.data_content_type   'Structure model' 
_pdbx_audit_revision_details.provider            repository 
_pdbx_audit_revision_details.type                'Initial release' 
_pdbx_audit_revision_details.description         ? 
_pdbx_audit_revision_details.details             ? 
# 
loop_
_pdbx_audit_revision_group.ordinal 
_pdbx_audit_revision_group.revision_ordinal 
_pdbx_audit_revision_group.data_content_type 
_pdbx_audit_revision_group.group 
1 2 'Structure model' 'Data collection'     
2 2 'Structure model' 'Database references' 
# 
loop_
_pdbx_audit_revision_category.ordinal 
_pdbx_audit_revision_category.revision_ordinal 
_pdbx_audit_revision_category.data_content_type 
_pdbx_audit_revision_category.category 
1 2 'Structure model' chem_comp_atom 
2 2 'Structure model' chem_comp_bond 
3 2 'Structure model' database_2     
# 
loop_
_pdbx_audit_revision_item.ordinal 
_pdbx_audit_revision_item.revision_ordinal 
_pdbx_audit_revision_item.data_content_type 
_pdbx_audit_revision_item.item 
1 2 'Structure model' '_database_2.pdbx_DOI'                
2 2 'Structure model' '_database_2.pdbx_database_accession' 
# 
_pdbx_database_status.entry_id                        5QXJ 
_pdbx_database_status.status_code                     REL 
_pdbx_database_status.status_code_sf                  REL 
_pdbx_database_status.status_code_mr                  ? 
_pdbx_database_status.status_code_cs                  ? 
_pdbx_database_status.recvd_initial_deposition_date   2020-02-11 
_pdbx_database_status.deposit_site                    RCSB 
_pdbx_database_status.process_site                    RCSB 
_pdbx_database_status.SG_entry                        ? 
_pdbx_database_status.pdb_format_compatible           Y 
_pdbx_database_status.methods_development_category    ? 
_pdbx_database_status.status_code_nmr_data            ? 
# 
loop_
_audit_author.name 
_audit_author.pdbx_ordinal 
'Snee, M.'         1 
'Talon, R.'        2 
'Fowley, D.'       3 
'Collins, P.'      4 
'Nelson, A.'       5 
'Arrowsmith, C.H.' 6 
'Bountra, C.'      7 
'Edwards, A.'      8 
'Von-Delft, F.'    9 
# 
_citation.id                        primary 
_citation.title                     'PanDDA analysis group deposition - Bromodomain of human ATAD2 fragment screening' 
_citation.journal_abbrev            'To Be Published' 
_citation.journal_volume            ? 
_citation.page_first                ? 
_citation.page_last                 ? 
_citation.year                      ? 
_citation.journal_id_ASTM           ? 
_citation.country                   ? 
_citation.journal_id_ISSN           ? 
_citation.journal_id_CSD            0353 
_citation.book_publisher            ? 
_citation.pdbx_database_id_PubMed   ? 
_citation.pdbx_database_id_DOI      ? 
# 
loop_
_citation_author.citation_id 
_citation_author.name 
_citation_author.identifier_ORCID 
_citation_author.ordinal 
primary 'Snee, M.'         ? 1 
primary 'Talon, R.'        ? 2 
primary 'Fowley, D.'       ? 3 
primary 'Collins, P.'      ? 4 
primary 'Nelson, A.'       ? 5 
primary 'Arrowsmith, C.H.' ? 6 
primary 'Bountra, C.'      ? 7 
primary 'Edwards, A.'      ? 8 
primary 'Von-Delft, F.'    ? 9 
# 
loop_
_entity.id 
_entity.type 
_entity.src_method 
_entity.pdbx_description 
_entity.formula_weight 
_entity.pdbx_number_of_molecules 
_entity.pdbx_ec 
_entity.pdbx_mutation 
_entity.pdbx_fragment 
_entity.details 
1 polymer     man 'ATPase family AAA domain-containing protein 2' 15512.562 1   3.6.1.3 ? ? ? 
2 non-polymer syn 
"(3aS,8S,9aS)-10-methyl-4-oxo-1,4,6,8,9,9a-hexahydro-3a,8-epiminocyclohepta[1,2-c:4,5-c']dipyrrole-2(3H)-carbaldehyde" 245.277   1 
?       ? ? ? 
3 non-polymer syn 'SULFATE ION' 96.063    2   ?       ? ? ? 
4 non-polymer syn 1,2-ETHANEDIOL 62.068    3   ?       ? ? ? 
5 water       nat water 18.015    222 ?       ? ? ? 
# 
_entity_name_com.entity_id   1 
_entity_name_com.name        'AAA nuclear coregulator cancer-associated protein,ANCCA' 
# 
_entity_poly.entity_id                      1 
_entity_poly.type                           'polypeptide(L)' 
_entity_poly.nstd_linkage                   no 
_entity_poly.nstd_monomer                   no 
_entity_poly.pdbx_seq_one_letter_code       
;SMQEEDTFRELRIFLRNVTHRLAIDKRFRVFTKPVDPDEVPDYRTVIKEPMDLSSVISKIDLHKYLTVKDYLRDIDLICS
NALEYNPDRDPGDRLIRHRACALRDTAYAIIKEELDEDFEQLCEEIQESR
;
_entity_poly.pdbx_seq_one_letter_code_can   
;SMQEEDTFRELRIFLRNVTHRLAIDKRFRVFTKPVDPDEVPDYRTVIKEPMDLSSVISKIDLHKYLTVKDYLRDIDLICS
NALEYNPDRDPGDRLIRHRACALRDTAYAIIKEELDEDFEQLCEEIQESR
;
_entity_poly.pdbx_strand_id                 A 
_entity_poly.pdbx_target_identifier         ? 
# 
loop_
_pdbx_entity_nonpoly.entity_id 
_pdbx_entity_nonpoly.name 
_pdbx_entity_nonpoly.comp_id 
2 "(3aS,8S,9aS)-10-methyl-4-oxo-1,4,6,8,9,9a-hexahydro-3a,8-epiminocyclohepta[1,2-c:4,5-c']dipyrrole-2(3H)-carbaldehyde" RGV 
3 'SULFATE ION'                                                                                                          SO4 
4 1,2-ETHANEDIOL                                                                                                         EDO 
5 water                                                                                                                  HOH 
# 
loop_
_entity_poly_seq.entity_id 
_entity_poly_seq.num 
_entity_poly_seq.mon_id 
_entity_poly_seq.hetero 
1 1   SER n 
1 2   MET n 
1 3   GLN n 
1 4   GLU n 
1 5   GLU n 
1 6   ASP n 
1 7   THR n 
1 8   PHE n 
1 9   ARG n 
1 10  GLU n 
1 11  LEU n 
1 12  ARG n 
1 13  ILE n 
1 14  PHE n 
1 15  LEU n 
1 16  ARG n 
1 17  ASN n 
1 18  VAL n 
1 19  THR n 
1 20  HIS n 
1 21  ARG n 
1 22  LEU n 
1 23  ALA n 
1 24  ILE n 
1 25  ASP n 
1 26  LYS n 
1 27  ARG n 
1 28  PHE n 
1 29  ARG n 
1 30  VAL n 
1 31  PHE n 
1 32  THR n 
1 33  LYS n 
1 34  PRO n 
1 35  VAL n 
1 36  ASP n 
1 37  PRO n 
1 38  ASP n 
1 39  GLU n 
1 40  VAL n 
1 41  PRO n 
1 42  ASP n 
1 43  TYR n 
1 44  ARG n 
1 45  THR n 
1 46  VAL n 
1 47  ILE n 
1 48  LYS n 
1 49  GLU n 
1 50  PRO n 
1 51  MET n 
1 52  ASP n 
1 53  LEU n 
1 54  SER n 
1 55  SER n 
1 56  VAL n 
1 57  ILE n 
1 58  SER n 
1 59  LYS n 
1 60  ILE n 
1 61  ASP n 
1 62  LEU n 
1 63  HIS n 
1 64  LYS n 
1 65  TYR n 
1 66  LEU n 
1 67  THR n 
1 68  VAL n 
1 69  LYS n 
1 70  ASP n 
1 71  TYR n 
1 72  LEU n 
1 73  ARG n 
1 74  ASP n 
1 75  ILE n 
1 76  ASP n 
1 77  LEU n 
1 78  ILE n 
1 79  CYS n 
1 80  SER n 
1 81  ASN n 
1 82  ALA n 
1 83  LEU n 
1 84  GLU n 
1 85  TYR n 
1 86  ASN n 
1 87  PRO n 
1 88  ASP n 
1 89  ARG n 
1 90  ASP n 
1 91  PRO n 
1 92  GLY n 
1 93  ASP n 
1 94  ARG n 
1 95  LEU n 
1 96  ILE n 
1 97  ARG n 
1 98  HIS n 
1 99  ARG n 
1 100 ALA n 
1 101 CYS n 
1 102 ALA n 
1 103 LEU n 
1 104 ARG n 
1 105 ASP n 
1 106 THR n 
1 107 ALA n 
1 108 TYR n 
1 109 ALA n 
1 110 ILE n 
1 111 ILE n 
1 112 LYS n 
1 113 GLU n 
1 114 GLU n 
1 115 LEU n 
1 116 ASP n 
1 117 GLU n 
1 118 ASP n 
1 119 PHE n 
1 120 GLU n 
1 121 GLN n 
1 122 LEU n 
1 123 CYS n 
1 124 GLU n 
1 125 GLU n 
1 126 ILE n 
1 127 GLN n 
1 128 GLU n 
1 129 SER n 
1 130 ARG n 
# 
_entity_src_gen.entity_id                          1 
_entity_src_gen.pdbx_src_id                        1 
_entity_src_gen.pdbx_alt_source_flag               sample 
_entity_src_gen.pdbx_seq_type                      'Biological sequence' 
_entity_src_gen.pdbx_beg_seq_num                   1 
_entity_src_gen.pdbx_end_seq_num                   130 
_entity_src_gen.gene_src_common_name               Human 
_entity_src_gen.gene_src_genus                     ? 
_entity_src_gen.pdbx_gene_src_gene                 'ATAD2, L16, PRO2000' 
_entity_src_gen.gene_src_species                   ? 
_entity_src_gen.gene_src_strain                    ? 
_entity_src_gen.gene_src_tissue                    ? 
_entity_src_gen.gene_src_tissue_fraction           ? 
_entity_src_gen.gene_src_details                   ? 
_entity_src_gen.pdbx_gene_src_fragment             ? 
_entity_src_gen.pdbx_gene_src_scientific_name      'Homo sapiens' 
_entity_src_gen.pdbx_gene_src_ncbi_taxonomy_id     9606 
_entity_src_gen.pdbx_gene_src_variant              ? 
_entity_src_gen.pdbx_gene_src_cell_line            ? 
_entity_src_gen.pdbx_gene_src_atcc                 ? 
_entity_src_gen.pdbx_gene_src_organ                ? 
_entity_src_gen.pdbx_gene_src_organelle            ? 
_entity_src_gen.pdbx_gene_src_cell                 ? 
_entity_src_gen.pdbx_gene_src_cellular_location    ? 
_entity_src_gen.host_org_common_name               ? 
_entity_src_gen.pdbx_host_org_scientific_name      'Escherichia coli' 
_entity_src_gen.pdbx_host_org_ncbi_taxonomy_id     562 
_entity_src_gen.host_org_genus                     ? 
_entity_src_gen.pdbx_host_org_gene                 ? 
_entity_src_gen.pdbx_host_org_organ                ? 
_entity_src_gen.host_org_species                   ? 
_entity_src_gen.pdbx_host_org_tissue               ? 
_entity_src_gen.pdbx_host_org_tissue_fraction      ? 
_entity_src_gen.pdbx_host_org_strain               ? 
_entity_src_gen.pdbx_host_org_variant              ? 
_entity_src_gen.pdbx_host_org_cell_line            ? 
_entity_src_gen.pdbx_host_org_atcc                 ? 
_entity_src_gen.pdbx_host_org_culture_collection   ? 
_entity_src_gen.pdbx_host_org_cell                 ? 
_entity_src_gen.pdbx_host_org_organelle            ? 
_entity_src_gen.pdbx_host_org_cellular_location    ? 
_entity_src_gen.pdbx_host_org_vector_type          ? 
_entity_src_gen.pdbx_host_org_vector               ? 
_entity_src_gen.host_org_details                   ? 
_entity_src_gen.expression_system_id               ? 
_entity_src_gen.plasmid_name                       ? 
_entity_src_gen.plasmid_details                    ? 
_entity_src_gen.pdbx_description                   ? 
# 
loop_
_chem_comp.id 
_chem_comp.type 
_chem_comp.mon_nstd_flag 
_chem_comp.name 
_chem_comp.pdbx_synonyms 
_chem_comp.formula 
_chem_comp.formula_weight 
ALA 'L-peptide linking' y ALANINE ?                 'C3 H7 N O2'     89.093  
ARG 'L-peptide linking' y ARGININE ?                 'C6 H15 N4 O2 1' 175.209 
ASN 'L-peptide linking' y ASPARAGINE ?                 'C4 H8 N2 O3'    132.118 
ASP 'L-peptide linking' y 'ASPARTIC ACID' ?                 'C4 H7 N O4'     133.103 
CYS 'L-peptide linking' y CYSTEINE ?                 'C3 H7 N O2 S'   121.158 
EDO non-polymer         . 1,2-ETHANEDIOL 'ETHYLENE GLYCOL' 'C2 H6 O2'       62.068  
GLN 'L-peptide linking' y GLUTAMINE ?                 'C5 H10 N2 O3'   146.144 
GLU 'L-peptide linking' y 'GLUTAMIC ACID' ?                 'C5 H9 N O4'     147.129 
GLY 'peptide linking'   y GLYCINE ?                 'C2 H5 N O2'     75.067  
HIS 'L-peptide linking' y HISTIDINE ?                 'C6 H10 N3 O2 1' 156.162 
HOH non-polymer         . WATER ?                 'H2 O'           18.015  
ILE 'L-peptide linking' y ISOLEUCINE ?                 'C6 H13 N O2'    131.173 
LEU 'L-peptide linking' y LEUCINE ?                 'C6 H13 N O2'    131.173 
LYS 'L-peptide linking' y LYSINE ?                 'C6 H15 N2 O2 1' 147.195 
MET 'L-peptide linking' y METHIONINE ?                 'C5 H11 N O2 S'  149.211 
PHE 'L-peptide linking' y PHENYLALANINE ?                 'C9 H11 N O2'    165.189 
PRO 'L-peptide linking' y PROLINE ?                 'C5 H9 N O2'     115.130 
RGV non-polymer         . 
"(3aS,8S,9aS)-10-methyl-4-oxo-1,4,6,8,9,9a-hexahydro-3a,8-epiminocyclohepta[1,2-c:4,5-c']dipyrrole-2(3H)-carbaldehyde" ? 
'C13 H15 N3 O2'  245.277 
SER 'L-peptide linking' y SERINE ?                 'C3 H7 N O3'     105.093 
SO4 non-polymer         . 'SULFATE ION' ?                 'O4 S -2'        96.063  
THR 'L-peptide linking' y THREONINE ?                 'C4 H9 N O3'     119.119 
TYR 'L-peptide linking' y TYROSINE ?                 'C9 H11 N O3'    181.189 
VAL 'L-peptide linking' y VALINE ?                 'C5 H11 N O2'    117.146 
# 
loop_
_pdbx_poly_seq_scheme.asym_id 
_pdbx_poly_seq_scheme.entity_id 
_pdbx_poly_seq_scheme.seq_id 
_pdbx_poly_seq_scheme.mon_id 
_pdbx_poly_seq_scheme.ndb_seq_num 
_pdbx_poly_seq_scheme.pdb_seq_num 
_pdbx_poly_seq_scheme.auth_seq_num 
_pdbx_poly_seq_scheme.pdb_mon_id 
_pdbx_poly_seq_scheme.auth_mon_id 
_pdbx_poly_seq_scheme.pdb_strand_id 
_pdbx_poly_seq_scheme.pdb_ins_code 
_pdbx_poly_seq_scheme.hetero 
A 1 1   SER 1   979  979  SER SER A . n 
A 1 2   MET 2   980  980  MET MET A . n 
A 1 3   GLN 3   981  981  GLN GLN A . n 
A 1 4   GLU 4   982  982  GLU GLU A . n 
A 1 5   GLU 5   983  983  GLU GLU A . n 
A 1 6   ASP 6   984  984  ASP ASP A . n 
A 1 7   THR 7   985  985  THR THR A . n 
A 1 8   PHE 8   986  986  PHE PHE A . n 
A 1 9   ARG 9   987  987  ARG ARG A . n 
A 1 10  GLU 10  988  988  GLU GLU A . n 
A 1 11  LEU 11  989  989  LEU LEU A . n 
A 1 12  ARG 12  990  990  ARG ARG A . n 
A 1 13  ILE 13  991  991  ILE ILE A . n 
A 1 14  PHE 14  992  992  PHE PHE A . n 
A 1 15  LEU 15  993  993  LEU LEU A . n 
A 1 16  ARG 16  994  994  ARG ARG A . n 
A 1 17  ASN 17  995  995  ASN ASN A . n 
A 1 18  VAL 18  996  996  VAL VAL A . n 
A 1 19  THR 19  997  997  THR THR A . n 
A 1 20  HIS 20  998  998  HIS HIS A . n 
A 1 21  ARG 21  999  999  ARG ARG A . n 
A 1 22  LEU 22  1000 1000 LEU LEU A . n 
A 1 23  ALA 23  1001 1001 ALA ALA A . n 
A 1 24  ILE 24  1002 1002 ILE ILE A . n 
A 1 25  ASP 25  1003 1003 ASP ASP A . n 
A 1 26  LYS 26  1004 1004 LYS LYS A . n 
A 1 27  ARG 27  1005 1005 ARG ARG A . n 
A 1 28  PHE 28  1006 1006 PHE PHE A . n 
A 1 29  ARG 29  1007 1007 ARG ARG A . n 
A 1 30  VAL 30  1008 1008 VAL VAL A . n 
A 1 31  PHE 31  1009 1009 PHE PHE A . n 
A 1 32  THR 32  1010 1010 THR THR A . n 
A 1 33  LYS 33  1011 1011 LYS LYS A . n 
A 1 34  PRO 34  1012 1012 PRO PRO A . n 
A 1 35  VAL 35  1013 1013 VAL VAL A . n 
A 1 36  ASP 36  1014 1014 ASP ASP A . n 
A 1 37  PRO 37  1015 1015 PRO PRO A . n 
A 1 38  ASP 38  1016 1016 ASP ASP A . n 
A 1 39  GLU 39  1017 1017 GLU GLU A . n 
A 1 40  VAL 40  1018 1018 VAL VAL A . n 
A 1 41  PRO 41  1019 1019 PRO PRO A . n 
A 1 42  ASP 42  1020 1020 ASP ASP A . n 
A 1 43  TYR 43  1021 1021 TYR TYR A . n 
A 1 44  ARG 44  1022 1022 ARG ARG A . n 
A 1 45  THR 45  1023 1023 THR THR A . n 
A 1 46  VAL 46  1024 1024 VAL VAL A . n 
A 1 47  ILE 47  1025 1025 ILE ILE A . n 
A 1 48  LYS 48  1026 1026 LYS LYS A . n 
A 1 49  GLU 49  1027 1027 GLU GLU A . n 
A 1 50  PRO 50  1028 1028 PRO PRO A . n 
A 1 51  MET 51  1029 1029 MET MET A . n 
A 1 52  ASP 52  1030 1030 ASP ASP A . n 
A 1 53  LEU 53  1031 1031 LEU LEU A . n 
A 1 54  SER 54  1032 1032 SER SER A . n 
A 1 55  SER 55  1033 1033 SER SER A . n 
A 1 56  VAL 56  1034 1034 VAL VAL A . n 
A 1 57  ILE 57  1035 1035 ILE ILE A . n 
A 1 58  SER 58  1036 1036 SER SER A . n 
A 1 59  LYS 59  1037 1037 LYS LYS A . n 
A 1 60  ILE 60  1038 1038 ILE ILE A . n 
A 1 61  ASP 61  1039 1039 ASP ASP A . n 
A 1 62  LEU 62  1040 1040 LEU LEU A . n 
A 1 63  HIS 63  1041 1041 HIS HIS A . n 
A 1 64  LYS 64  1042 1042 LYS LYS A . n 
A 1 65  TYR 65  1043 1043 TYR TYR A . n 
A 1 66  LEU 66  1044 1044 LEU LEU A . n 
A 1 67  THR 67  1045 1045 THR THR A . n 
A 1 68  VAL 68  1046 1046 VAL VAL A . n 
A 1 69  LYS 69  1047 1047 LYS LYS A . n 
A 1 70  ASP 70  1048 1048 ASP ASP A . n 
A 1 71  TYR 71  1049 1049 TYR TYR A . n 
A 1 72  LEU 72  1050 1050 LEU LEU A . n 
A 1 73  ARG 73  1051 1051 ARG ARG A . n 
A 1 74  ASP 74  1052 1052 ASP ASP A . n 
A 1 75  ILE 75  1053 1053 ILE ILE A . n 
A 1 76  ASP 76  1054 1054 ASP ASP A . n 
A 1 77  LEU 77  1055 1055 LEU LEU A . n 
A 1 78  ILE 78  1056 1056 ILE ILE A . n 
A 1 79  CYS 79  1057 1057 CYS CYS A . n 
A 1 80  SER 80  1058 1058 SER SER A . n 
A 1 81  ASN 81  1059 1059 ASN ASN A . n 
A 1 82  ALA 82  1060 1060 ALA ALA A . n 
A 1 83  LEU 83  1061 1061 LEU LEU A . n 
A 1 84  GLU 84  1062 1062 GLU GLU A . n 
A 1 85  TYR 85  1063 1063 TYR TYR A . n 
A 1 86  ASN 86  1064 1064 ASN ASN A . n 
A 1 87  PRO 87  1065 1065 PRO PRO A . n 
A 1 88  ASP 88  1066 1066 ASP ASP A . n 
A 1 89  ARG 89  1067 1067 ARG ARG A . n 
A 1 90  ASP 90  1068 1068 ASP ASP A . n 
A 1 91  PRO 91  1069 1069 PRO PRO A . n 
A 1 92  GLY 92  1070 1070 GLY GLY A . n 
A 1 93  ASP 93  1071 1071 ASP ASP A . n 
A 1 94  ARG 94  1072 1072 ARG ARG A . n 
A 1 95  LEU 95  1073 1073 LEU LEU A . n 
A 1 96  ILE 96  1074 1074 ILE ILE A . n 
A 1 97  ARG 97  1075 1075 ARG ARG A . n 
A 1 98  HIS 98  1076 1076 HIS HIS A . n 
A 1 99  ARG 99  1077 1077 ARG ARG A . n 
A 1 100 ALA 100 1078 1078 ALA ALA A . n 
A 1 101 CYS 101 1079 1079 CYS CYS A . n 
A 1 102 ALA 102 1080 1080 ALA ALA A . n 
A 1 103 LEU 103 1081 1081 LEU LEU A . n 
A 1 104 ARG 104 1082 1082 ARG ARG A . n 
A 1 105 ASP 105 1083 1083 ASP ASP A . n 
A 1 106 THR 106 1084 1084 THR THR A . n 
A 1 107 ALA 107 1085 1085 ALA ALA A . n 
A 1 108 TYR 108 1086 1086 TYR TYR A . n 
A 1 109 ALA 109 1087 1087 ALA ALA A . n 
A 1 110 ILE 110 1088 1088 ILE ILE A . n 
A 1 111 ILE 111 1089 1089 ILE ILE A . n 
A 1 112 LYS 112 1090 1090 LYS LYS A . n 
A 1 113 GLU 113 1091 1091 GLU GLU A . n 
A 1 114 GLU 114 1092 1092 GLU GLU A . n 
A 1 115 LEU 115 1093 1093 LEU LEU A . n 
A 1 116 ASP 116 1094 1094 ASP ASP A . n 
A 1 117 GLU 117 1095 1095 GLU GLU A . n 
A 1 118 ASP 118 1096 1096 ASP ASP A . n 
A 1 119 PHE 119 1097 1097 PHE PHE A . n 
A 1 120 GLU 120 1098 1098 GLU GLU A . n 
A 1 121 GLN 121 1099 1099 GLN GLN A . n 
A 1 122 LEU 122 1100 1100 LEU LEU A . n 
A 1 123 CYS 123 1101 1101 CYS CYS A . n 
A 1 124 GLU 124 1102 1102 GLU GLU A . n 
A 1 125 GLU 125 1103 1103 GLU GLU A . n 
A 1 126 ILE 126 1104 1104 ILE ILE A . n 
A 1 127 GLN 127 1105 1105 GLN GLN A . n 
A 1 128 GLU 128 1106 1106 GLU GLU A . n 
A 1 129 SER 129 1107 1107 SER SER A . n 
A 1 130 ARG 130 1108 1108 ARG ARG A . n 
# 
loop_
_pdbx_nonpoly_scheme.asym_id 
_pdbx_nonpoly_scheme.entity_id 
_pdbx_nonpoly_scheme.mon_id 
_pdbx_nonpoly_scheme.ndb_seq_num 
_pdbx_nonpoly_scheme.pdb_seq_num 
_pdbx_nonpoly_scheme.auth_seq_num 
_pdbx_nonpoly_scheme.pdb_mon_id 
_pdbx_nonpoly_scheme.auth_mon_id 
_pdbx_nonpoly_scheme.pdb_strand_id 
_pdbx_nonpoly_scheme.pdb_ins_code 
B 2 RGV 1   1201 1201 RGV LIG A . 
C 3 SO4 1   1202 1    SO4 SO4 A . 
D 3 SO4 1   1203 2    SO4 SO4 A . 
E 4 EDO 1   1204 3    EDO EDO A . 
F 4 EDO 1   1205 5    EDO EDO A . 
G 4 EDO 1   1206 6    EDO EDO A . 
H 5 HOH 1   1301 85   HOH HOH A . 
H 5 HOH 2   1302 134  HOH HOH A . 
H 5 HOH 3   1303 79   HOH HOH A . 
H 5 HOH 4   1304 184  HOH HOH A . 
H 5 HOH 5   1305 158  HOH HOH A . 
H 5 HOH 6   1306 200  HOH HOH A . 
H 5 HOH 7   1307 128  HOH HOH A . 
H 5 HOH 8   1308 256  HOH HOH A . 
H 5 HOH 9   1309 118  HOH HOH A . 
H 5 HOH 10  1310 106  HOH HOH A . 
H 5 HOH 11  1311 161  HOH HOH A . 
H 5 HOH 12  1312 129  HOH HOH A . 
H 5 HOH 13  1313 194  HOH HOH A . 
H 5 HOH 14  1314 111  HOH HOH A . 
H 5 HOH 15  1315 68   HOH HOH A . 
H 5 HOH 16  1316 5    HOH HOH A . 
H 5 HOH 17  1317 60   HOH HOH A . 
H 5 HOH 18  1318 201  HOH HOH A . 
H 5 HOH 19  1319 88   HOH HOH A . 
H 5 HOH 20  1320 64   HOH HOH A . 
H 5 HOH 21  1321 87   HOH HOH A . 
H 5 HOH 22  1322 27   HOH HOH A . 
H 5 HOH 23  1323 59   HOH HOH A . 
H 5 HOH 24  1324 32   HOH HOH A . 
H 5 HOH 25  1325 113  HOH HOH A . 
H 5 HOH 26  1326 98   HOH HOH A . 
H 5 HOH 27  1327 171  HOH HOH A . 
H 5 HOH 28  1328 50   HOH HOH A . 
H 5 HOH 29  1329 221  HOH HOH A . 
H 5 HOH 30  1330 203  HOH HOH A . 
H 5 HOH 31  1331 23   HOH HOH A . 
H 5 HOH 32  1332 258  HOH HOH A . 
H 5 HOH 33  1333 132  HOH HOH A . 
H 5 HOH 34  1334 163  HOH HOH A . 
H 5 HOH 35  1335 16   HOH HOH A . 
H 5 HOH 36  1336 100  HOH HOH A . 
H 5 HOH 37  1337 142  HOH HOH A . 
H 5 HOH 38  1338 28   HOH HOH A . 
H 5 HOH 39  1339 109  HOH HOH A . 
H 5 HOH 40  1340 162  HOH HOH A . 
H 5 HOH 41  1341 144  HOH HOH A . 
H 5 HOH 42  1342 9    HOH HOH A . 
H 5 HOH 43  1343 56   HOH HOH A . 
H 5 HOH 44  1344 165  HOH HOH A . 
H 5 HOH 45  1345 13   HOH HOH A . 
H 5 HOH 46  1346 72   HOH HOH A . 
H 5 HOH 47  1347 25   HOH HOH A . 
H 5 HOH 48  1348 107  HOH HOH A . 
H 5 HOH 49  1349 20   HOH HOH A . 
H 5 HOH 50  1350 34   HOH HOH A . 
H 5 HOH 51  1351 94   HOH HOH A . 
H 5 HOH 52  1352 99   HOH HOH A . 
H 5 HOH 53  1353 160  HOH HOH A . 
H 5 HOH 54  1354 192  HOH HOH A . 
H 5 HOH 55  1355 80   HOH HOH A . 
H 5 HOH 56  1356 61   HOH HOH A . 
H 5 HOH 57  1357 19   HOH HOH A . 
H 5 HOH 58  1358 17   HOH HOH A . 
H 5 HOH 59  1359 52   HOH HOH A . 
H 5 HOH 60  1360 77   HOH HOH A . 
H 5 HOH 61  1361 2    HOH HOH A . 
H 5 HOH 62  1362 189  HOH HOH A . 
H 5 HOH 63  1363 7    HOH HOH A . 
H 5 HOH 64  1364 75   HOH HOH A . 
H 5 HOH 65  1365 42   HOH HOH A . 
H 5 HOH 66  1366 89   HOH HOH A . 
H 5 HOH 67  1367 21   HOH HOH A . 
H 5 HOH 68  1368 140  HOH HOH A . 
H 5 HOH 69  1369 197  HOH HOH A . 
H 5 HOH 70  1370 55   HOH HOH A . 
H 5 HOH 71  1371 47   HOH HOH A . 
H 5 HOH 72  1372 31   HOH HOH A . 
H 5 HOH 73  1373 33   HOH HOH A . 
H 5 HOH 74  1374 131  HOH HOH A . 
H 5 HOH 75  1375 24   HOH HOH A . 
H 5 HOH 76  1376 43   HOH HOH A . 
H 5 HOH 77  1377 139  HOH HOH A . 
H 5 HOH 78  1378 22   HOH HOH A . 
H 5 HOH 79  1379 141  HOH HOH A . 
H 5 HOH 80  1380 1    HOH HOH A . 
H 5 HOH 81  1381 14   HOH HOH A . 
H 5 HOH 82  1382 236  HOH HOH A . 
H 5 HOH 83  1383 46   HOH HOH A . 
H 5 HOH 84  1384 29   HOH HOH A . 
H 5 HOH 85  1385 54   HOH HOH A . 
H 5 HOH 86  1386 45   HOH HOH A . 
H 5 HOH 87  1387 76   HOH HOH A . 
H 5 HOH 88  1388 172  HOH HOH A . 
H 5 HOH 89  1389 73   HOH HOH A . 
H 5 HOH 90  1390 187  HOH HOH A . 
H 5 HOH 91  1391 104  HOH HOH A . 
H 5 HOH 92  1392 120  HOH HOH A . 
H 5 HOH 93  1393 176  HOH HOH A . 
H 5 HOH 94  1394 6    HOH HOH A . 
H 5 HOH 95  1395 70   HOH HOH A . 
H 5 HOH 96  1396 216  HOH HOH A . 
H 5 HOH 97  1397 130  HOH HOH A . 
H 5 HOH 98  1398 15   HOH HOH A . 
H 5 HOH 99  1399 67   HOH HOH A . 
H 5 HOH 100 1400 4    HOH HOH A . 
H 5 HOH 101 1401 48   HOH HOH A . 
H 5 HOH 102 1402 58   HOH HOH A . 
H 5 HOH 103 1403 154  HOH HOH A . 
H 5 HOH 104 1404 30   HOH HOH A . 
H 5 HOH 105 1405 206  HOH HOH A . 
H 5 HOH 106 1406 40   HOH HOH A . 
H 5 HOH 107 1407 12   HOH HOH A . 
H 5 HOH 108 1408 83   HOH HOH A . 
H 5 HOH 109 1409 145  HOH HOH A . 
H 5 HOH 110 1410 49   HOH HOH A . 
H 5 HOH 111 1411 199  HOH HOH A . 
H 5 HOH 112 1412 36   HOH HOH A . 
H 5 HOH 113 1413 90   HOH HOH A . 
H 5 HOH 114 1414 95   HOH HOH A . 
H 5 HOH 115 1415 102  HOH HOH A . 
H 5 HOH 116 1416 237  HOH HOH A . 
H 5 HOH 117 1417 253  HOH HOH A . 
H 5 HOH 118 1418 3    HOH HOH A . 
H 5 HOH 119 1419 190  HOH HOH A . 
H 5 HOH 120 1420 101  HOH HOH A . 
H 5 HOH 121 1421 177  HOH HOH A . 
H 5 HOH 122 1422 78   HOH HOH A . 
H 5 HOH 123 1423 62   HOH HOH A . 
H 5 HOH 124 1424 147  HOH HOH A . 
H 5 HOH 125 1425 92   HOH HOH A . 
H 5 HOH 126 1426 155  HOH HOH A . 
H 5 HOH 127 1427 86   HOH HOH A . 
H 5 HOH 128 1428 247  HOH HOH A . 
H 5 HOH 129 1429 105  HOH HOH A . 
H 5 HOH 130 1430 196  HOH HOH A . 
H 5 HOH 131 1431 234  HOH HOH A . 
H 5 HOH 132 1432 51   HOH HOH A . 
H 5 HOH 133 1433 10   HOH HOH A . 
H 5 HOH 134 1434 82   HOH HOH A . 
H 5 HOH 135 1435 18   HOH HOH A . 
H 5 HOH 136 1436 11   HOH HOH A . 
H 5 HOH 137 1437 124  HOH HOH A . 
H 5 HOH 138 1438 116  HOH HOH A . 
H 5 HOH 139 1439 240  HOH HOH A . 
H 5 HOH 140 1440 39   HOH HOH A . 
H 5 HOH 141 1441 215  HOH HOH A . 
H 5 HOH 142 1442 207  HOH HOH A . 
H 5 HOH 143 1443 252  HOH HOH A . 
H 5 HOH 144 1444 53   HOH HOH A . 
H 5 HOH 145 1445 254  HOH HOH A . 
H 5 HOH 146 1446 123  HOH HOH A . 
H 5 HOH 147 1447 97   HOH HOH A . 
H 5 HOH 148 1448 26   HOH HOH A . 
H 5 HOH 149 1449 209  HOH HOH A . 
H 5 HOH 150 1450 175  HOH HOH A . 
H 5 HOH 151 1451 180  HOH HOH A . 
H 5 HOH 152 1452 57   HOH HOH A . 
H 5 HOH 153 1453 230  HOH HOH A . 
H 5 HOH 154 1454 122  HOH HOH A . 
H 5 HOH 155 1455 93   HOH HOH A . 
H 5 HOH 156 1456 96   HOH HOH A . 
H 5 HOH 157 1457 178  HOH HOH A . 
H 5 HOH 158 1458 179  HOH HOH A . 
H 5 HOH 159 1459 164  HOH HOH A . 
H 5 HOH 160 1460 38   HOH HOH A . 
H 5 HOH 161 1461 181  HOH HOH A . 
H 5 HOH 162 1462 188  HOH HOH A . 
H 5 HOH 163 1463 115  HOH HOH A . 
H 5 HOH 164 1464 114  HOH HOH A . 
H 5 HOH 165 1465 243  HOH HOH A . 
H 5 HOH 166 1466 41   HOH HOH A . 
H 5 HOH 167 1467 110  HOH HOH A . 
H 5 HOH 168 1468 91   HOH HOH A . 
H 5 HOH 169 1469 167  HOH HOH A . 
H 5 HOH 170 1470 81   HOH HOH A . 
H 5 HOH 171 1471 69   HOH HOH A . 
H 5 HOH 172 1472 152  HOH HOH A . 
H 5 HOH 173 1473 150  HOH HOH A . 
H 5 HOH 174 1474 186  HOH HOH A . 
H 5 HOH 175 1475 225  HOH HOH A . 
H 5 HOH 176 1476 217  HOH HOH A . 
H 5 HOH 177 1477 224  HOH HOH A . 
H 5 HOH 178 1478 159  HOH HOH A . 
H 5 HOH 179 1479 135  HOH HOH A . 
H 5 HOH 180 1480 37   HOH HOH A . 
H 5 HOH 181 1481 250  HOH HOH A . 
H 5 HOH 182 1482 151  HOH HOH A . 
H 5 HOH 183 1483 257  HOH HOH A . 
H 5 HOH 184 1484 210  HOH HOH A . 
H 5 HOH 185 1485 205  HOH HOH A . 
H 5 HOH 186 1486 174  HOH HOH A . 
H 5 HOH 187 1487 112  HOH HOH A . 
H 5 HOH 188 1488 157  HOH HOH A . 
H 5 HOH 189 1489 84   HOH HOH A . 
H 5 HOH 190 1490 233  HOH HOH A . 
H 5 HOH 191 1491 8    HOH HOH A . 
H 5 HOH 192 1492 103  HOH HOH A . 
H 5 HOH 193 1493 244  HOH HOH A . 
H 5 HOH 194 1494 143  HOH HOH A . 
H 5 HOH 195 1495 137  HOH HOH A . 
H 5 HOH 196 1496 66   HOH HOH A . 
H 5 HOH 197 1497 119  HOH HOH A . 
H 5 HOH 198 1498 74   HOH HOH A . 
H 5 HOH 199 1499 248  HOH HOH A . 
H 5 HOH 200 1500 185  HOH HOH A . 
H 5 HOH 201 1501 44   HOH HOH A . 
H 5 HOH 202 1502 71   HOH HOH A . 
H 5 HOH 203 1503 125  HOH HOH A . 
H 5 HOH 204 1504 149  HOH HOH A . 
H 5 HOH 205 1505 127  HOH HOH A . 
H 5 HOH 206 1506 117  HOH HOH A . 
H 5 HOH 207 1507 35   HOH HOH A . 
H 5 HOH 208 1508 245  HOH HOH A . 
H 5 HOH 209 1509 211  HOH HOH A . 
H 5 HOH 210 1510 148  HOH HOH A . 
H 5 HOH 211 1511 168  HOH HOH A . 
H 5 HOH 212 1512 183  HOH HOH A . 
H 5 HOH 213 1513 249  HOH HOH A . 
H 5 HOH 214 1514 63   HOH HOH A . 
H 5 HOH 215 1515 255  HOH HOH A . 
H 5 HOH 216 1516 202  HOH HOH A . 
H 5 HOH 217 1517 219  HOH HOH A . 
H 5 HOH 218 1518 213  HOH HOH A . 
H 5 HOH 219 1519 121  HOH HOH A . 
H 5 HOH 220 1520 136  HOH HOH A . 
H 5 HOH 221 1521 214  HOH HOH A . 
H 5 HOH 222 1522 204  HOH HOH A . 
# 
loop_
_pdbx_unobs_or_zero_occ_atoms.id 
_pdbx_unobs_or_zero_occ_atoms.PDB_model_num 
_pdbx_unobs_or_zero_occ_atoms.polymer_flag 
_pdbx_unobs_or_zero_occ_atoms.occupancy_flag 
_pdbx_unobs_or_zero_occ_atoms.auth_asym_id 
_pdbx_unobs_or_zero_occ_atoms.auth_comp_id 
_pdbx_unobs_or_zero_occ_atoms.auth_seq_id 
_pdbx_unobs_or_zero_occ_atoms.PDB_ins_code 
_pdbx_unobs_or_zero_occ_atoms.auth_atom_id 
_pdbx_unobs_or_zero_occ_atoms.label_alt_id 
_pdbx_unobs_or_zero_occ_atoms.label_asym_id 
_pdbx_unobs_or_zero_occ_atoms.label_comp_id 
_pdbx_unobs_or_zero_occ_atoms.label_seq_id 
_pdbx_unobs_or_zero_occ_atoms.label_atom_id 
1 1 Y 1 A LYS 1004 ? CG ? A LYS 26 CG 
2 1 Y 1 A LYS 1004 ? CD ? A LYS 26 CD 
3 1 Y 1 A LYS 1004 ? CE ? A LYS 26 CE 
4 1 Y 1 A LYS 1004 ? NZ ? A LYS 26 NZ 
# 
loop_
_software.pdbx_ordinal 
_software.name 
_software.version 
_software.date 
_software.type 
_software.contact_author 
_software.contact_author_email 
_software.classification 
_software.location 
_software.language 
_software.citation_id 
1 REFMAC      5.8.0238 ?               program 'Garib N. Murshudov' garib@ysbl.york.ac.uk    refinement        
http://www.ccp4.ac.uk/dist/html/refmac5.html        Fortran_77 ? 
2 Aimless     0.5.23   02/02/16        program 'Phil Evans'         ?                        'data scaling'    
http://www.mrc-lmb.cam.ac.uk/harry/pre/aimless.html ?          ? 
3 PDB_EXTRACT 3.23     'SEP. 23, 2016' package PDB                  deposit@deposit.rcsb.org 'data extraction' 
http://sw-tools.pdb.org/apps/PDB_EXTRACT/           C++        ? 
4 XDS         .        ?               program ?                    ?                        'data reduction'  ? ?          ? 
5 REFMAC      .        ?               program ?                    ?                        phasing           ? ?          ? 
# 
_cell.entry_id           5QXJ 
_cell.length_a           80.535 
_cell.length_b           80.535 
_cell.length_c           139.800 
_cell.angle_alpha        90.000 
_cell.angle_beta         90.000 
_cell.angle_gamma        120.000 
_cell.Z_PDB              12 
_cell.pdbx_unique_axis   ? 
# 
_symmetry.entry_id                         5QXJ 
_symmetry.space_group_name_H-M             'P 65 2 2' 
_symmetry.pdbx_full_space_group_name_H-M   ? 
_symmetry.cell_setting                     ? 
_symmetry.Int_Tables_number                179 
# 
_exptl.crystals_number   1 
_exptl.entry_id          5QXJ 
_exptl.method            'X-RAY DIFFRACTION' 
# 
_exptl_crystal.id                    1 
_exptl_crystal.pdbx_mosaicity        0.060 
_exptl_crystal.pdbx_mosaicity_esd    ? 
_exptl_crystal.density_Matthews      4.2 
_exptl_crystal.density_diffrn        ? 
_exptl_crystal.density_meas          ? 
_exptl_crystal.density_meas_temp     ? 
_exptl_crystal.density_percent_sol   70.7 
_exptl_crystal.size_max              ? 
_exptl_crystal.size_mid              ? 
_exptl_crystal.size_min              ? 
_exptl_crystal.size_rad              ? 
_exptl_crystal.description           ? 
# 
_exptl_crystal_grow.crystal_id      1 
_exptl_crystal_grow.method          'VAPOR DIFFUSION, SITTING DROP' 
_exptl_crystal_grow.pH              5.5 
_exptl_crystal_grow.temp            277 
_exptl_crystal_grow.pdbx_details    '1.6M Ammonium Sulfate, 0.1M bis-tris pH 5.5' 
_exptl_crystal_grow.temp_details    ? 
_exptl_crystal_grow.pdbx_pH_range   ? 
# 
_diffrn.id                     1 
_diffrn.ambient_temp           100 
_diffrn.crystal_id             1 
_diffrn.ambient_temp_details   ? 
# 
_diffrn_detector.detector               PIXEL 
_diffrn_detector.type                   'DECTRIS PILATUS 6M' 
_diffrn_detector.pdbx_collection_date   2016-04-23 
_diffrn_detector.diffrn_id              1 
_diffrn_detector.details                ? 
# 
_diffrn_radiation.diffrn_id                        1 
_diffrn_radiation.wavelength_id                    1 
_diffrn_radiation.pdbx_diffrn_protocol             'SINGLE WAVELENGTH' 
_diffrn_radiation.pdbx_monochromatic_or_laue_m_l   ? 
_diffrn_radiation.monochromator                    ? 
_diffrn_radiation.pdbx_scattering_type             x-ray 
# 
_diffrn_radiation_wavelength.id           1 
_diffrn_radiation_wavelength.wavelength   0.92819 
_diffrn_radiation_wavelength.wt           1.0 
# 
_diffrn_source.diffrn_id                   1 
_diffrn_source.source                      SYNCHROTRON 
_diffrn_source.type                        'DIAMOND BEAMLINE I04-1' 
_diffrn_source.pdbx_wavelength_list        0.92819 
_diffrn_source.pdbx_synchrotron_site       Diamond 
_diffrn_source.pdbx_synchrotron_beamline   I04-1 
_diffrn_source.pdbx_wavelength             ? 
# 
_reflns.entry_id                     5QXJ 
_reflns.pdbx_diffrn_id               1 
_reflns.pdbx_ordinal                 1 
_reflns.observed_criterion_sigma_I   ? 
_reflns.observed_criterion_sigma_F   ? 
_reflns.d_resolution_low             27.960 
_reflns.d_resolution_high            1.460 
_reflns.number_obs                   47262 
_reflns.number_all                   ? 
_reflns.percent_possible_obs         99.900 
_reflns.pdbx_Rmerge_I_obs            0.059 
_reflns.pdbx_Rsym_value              ? 
_reflns.pdbx_netI_over_sigmaI        30.300 
_reflns.B_iso_Wilson_estimate        ? 
_reflns.pdbx_redundancy              19.200 
_reflns.pdbx_Rrim_I_all              0.061 
_reflns.pdbx_Rpim_I_all              0.014 
_reflns.pdbx_CC_half                 1.000 
_reflns.pdbx_netI_over_av_sigmaI     ? 
_reflns.pdbx_number_measured_all     908258 
_reflns.pdbx_scaling_rejects         0 
_reflns.pdbx_chi_squared             ? 
_reflns.Rmerge_F_all                 ? 
_reflns.Rmerge_F_obs                 ? 
_reflns.observed_criterion_F_max     ? 
_reflns.observed_criterion_F_min     ? 
_reflns.observed_criterion_I_max     ? 
_reflns.observed_criterion_I_min     ? 
_reflns.pdbx_d_res_high_opt          ? 
_reflns.pdbx_d_res_low_opt           ? 
_reflns.details                      ? 
# 
loop_
_reflns_shell.pdbx_diffrn_id 
_reflns_shell.pdbx_ordinal 
_reflns_shell.d_res_high 
_reflns_shell.d_res_low 
_reflns_shell.number_measured_obs 
_reflns_shell.number_measured_all 
_reflns_shell.number_unique_obs 
_reflns_shell.pdbx_rejects 
_reflns_shell.Rmerge_I_obs 
_reflns_shell.meanI_over_sigI_obs 
_reflns_shell.pdbx_Rsym_value 
_reflns_shell.pdbx_chi_squared 
_reflns_shell.pdbx_redundancy 
_reflns_shell.percent_possible_obs 
_reflns_shell.pdbx_netI_over_sigmaI_obs 
_reflns_shell.number_possible 
_reflns_shell.number_unique_all 
_reflns_shell.Rmerge_F_all 
_reflns_shell.Rmerge_F_obs 
_reflns_shell.Rmerge_I_all 
_reflns_shell.meanI_over_sigI_all 
_reflns_shell.percent_possible_all 
_reflns_shell.pdbx_Rrim_I_all 
_reflns_shell.pdbx_Rpim_I_all 
_reflns_shell.pdbx_CC_half 
1 1 1.460 1.500  ? 56693 ? ? 0.693 ? ? ? 16.700 ? 4.400  ? 3394 ? ? ? ? 99.200 0.714 0.173 0.925 
1 2 6.530 27.960 ? 11334 ? ? 0.031 ? ? ? 17.500 ? 86.900 ? 649  ? ? ? ? 98.800 0.032 0.008 1.000 
# 
_refine.entry_id                                 5QXJ 
_refine.pdbx_refine_id                           'X-RAY DIFFRACTION' 
_refine.ls_d_res_high                            1.4600 
_refine.ls_d_res_low                             27.9400 
_refine.pdbx_ls_sigma_F                          0.000 
_refine.pdbx_data_cutoff_high_absF               ? 
_refine.pdbx_data_cutoff_low_absF                ? 
_refine.ls_percent_reflns_obs                    99.9300 
_refine.ls_number_reflns_obs                     44788 
_refine.ls_number_reflns_all                     ? 
_refine.pdbx_ls_cross_valid_method               THROUGHOUT 
_refine.ls_matrix_type                           ? 
_refine.pdbx_R_Free_selection_details            RANDOM 
_refine.details                                  
'HYDROGENS HAVE BEEN ADDED IN THE RIDING POSITIONS U VALUES      : REFINED INDIVIDUALLY' 
_refine.ls_R_factor_all                          ? 
_refine.ls_R_factor_obs                          0.1730 
_refine.ls_R_factor_R_work                       0.1722 
_refine.ls_wR_factor_R_work                      ? 
_refine.ls_R_factor_R_free                       0.1882 
_refine.ls_wR_factor_R_free                      ? 
_refine.ls_percent_reflns_R_free                 5.1000 
_refine.ls_number_reflns_R_free                  2402 
_refine.ls_number_reflns_R_work                  ? 
_refine.ls_R_factor_R_free_error                 ? 
_refine.B_iso_mean                               23.3860 
_refine.solvent_model_param_bsol                 ? 
_refine.solvent_model_param_ksol                 ? 
_refine.pdbx_isotropic_thermal_model             ? 
_refine.aniso_B[1][1]                            0.1600 
_refine.aniso_B[2][2]                            0.1600 
_refine.aniso_B[3][3]                            -0.5000 
_refine.aniso_B[1][2]                            0.0800 
_refine.aniso_B[1][3]                            -0.0000 
_refine.aniso_B[2][3]                            0.0000 
_refine.correlation_coeff_Fo_to_Fc               0.9670 
_refine.correlation_coeff_Fo_to_Fc_free          0.9610 
_refine.overall_SU_R_Cruickshank_DPI             ? 
_refine.pdbx_overall_SU_R_free_Cruickshank_DPI   ? 
_refine.pdbx_overall_SU_R_Blow_DPI               ? 
_refine.pdbx_overall_SU_R_free_Blow_DPI          ? 
_refine.overall_SU_R_free                        ? 
_refine.pdbx_overall_ESU_R                       0.0590 
_refine.pdbx_overall_ESU_R_Free                  0.0580 
_refine.overall_SU_ML                            0.0380 
_refine.overall_SU_B                             0.9770 
_refine.solvent_model_details                    MASK 
_refine.pdbx_solvent_vdw_probe_radii             1.2000 
_refine.pdbx_solvent_ion_probe_radii             0.8000 
_refine.pdbx_solvent_shrinkage_radii             0.8000 
_refine.ls_number_parameters                     ? 
_refine.ls_number_restraints                     ? 
_refine.pdbx_starting_model                      3DAI 
_refine.pdbx_method_to_determine_struct          'FOURIER SYNTHESIS' 
_refine.pdbx_stereochemistry_target_values       'MAXIMUM LIKELIHOOD' 
_refine.pdbx_stereochem_target_val_spec_case     ? 
_refine.overall_FOM_work_R_set                   ? 
_refine.B_iso_max                                98.600 
_refine.B_iso_min                                10.050 
_refine.pdbx_overall_phase_error                 ? 
_refine.occupancy_max                            ? 
_refine.occupancy_min                            ? 
_refine.pdbx_diffrn_id                           1 
_refine.pdbx_TLS_residual_ADP_flag               ? 
_refine.pdbx_ls_sigma_I                          ? 
_refine.pdbx_data_cutoff_high_rms_absF           ? 
_refine.ls_R_factor_R_free_error_details         ? 
# 
_refine_hist.cycle_id                         final 
_refine_hist.pdbx_refine_id                   'X-RAY DIFFRACTION' 
_refine_hist.d_res_high                       1.4600 
_refine_hist.d_res_low                        27.9400 
_refine_hist.pdbx_number_atoms_ligand         40 
_refine_hist.number_atoms_solvent             222 
_refine_hist.number_atoms_total               1346 
_refine_hist.pdbx_number_residues_total       130 
_refine_hist.pdbx_B_iso_mean_ligand           38.26 
_refine_hist.pdbx_B_iso_mean_solvent          35.24 
_refine_hist.pdbx_number_atoms_protein        1084 
_refine_hist.pdbx_number_atoms_nucleic_acid   0 
# 
loop_
_refine_ls_restr.pdbx_refine_id 
_refine_ls_restr.type 
_refine_ls_restr.number 
_refine_ls_restr.dev_ideal 
_refine_ls_restr.dev_ideal_target 
_refine_ls_restr.weight 
_refine_ls_restr.pdbx_restraint_function 
'X-RAY DIFFRACTION' r_bond_refined_d       2502 0.013  0.015  ? ? 
'X-RAY DIFFRACTION' r_bond_other_d         1637 0.001  0.017  ? ? 
'X-RAY DIFFRACTION' r_angle_refined_deg    2464 2.115  1.707  ? ? 
'X-RAY DIFFRACTION' r_angle_other_deg      3850 1.420  1.633  ? ? 
'X-RAY DIFFRACTION' r_dihedral_angle_1_deg 239  4.390  5.000  ? ? 
'X-RAY DIFFRACTION' r_dihedral_angle_2_deg 106  28.617 21.604 ? ? 
'X-RAY DIFFRACTION' r_dihedral_angle_3_deg 341  14.538 15.000 ? ? 
'X-RAY DIFFRACTION' r_dihedral_angle_4_deg 19   14.626 15.000 ? ? 
'X-RAY DIFFRACTION' r_chiral_restr         230  0.103  0.200  ? ? 
'X-RAY DIFFRACTION' r_gen_planes_refined   2162 0.009  0.020  ? ? 
'X-RAY DIFFRACTION' r_gen_planes_other     391  0.003  0.020  ? ? 
'X-RAY DIFFRACTION' r_mcbond_it            1137 1.662  1.831  ? ? 
'X-RAY DIFFRACTION' r_mcbond_other         1100 1.678  1.789  ? ? 
'X-RAY DIFFRACTION' r_mcangle_it           1097 2.880  2.692  ? ? 
# 
_refine_ls_shell.d_res_high                       1.4600 
_refine_ls_shell.d_res_low                        1.4980 
_refine_ls_shell.pdbx_total_number_of_bins_used   20 
_refine_ls_shell.percent_reflns_obs               99.7700 
_refine_ls_shell.number_reflns_R_work             3235 
_refine_ls_shell.R_factor_all                     ? 
_refine_ls_shell.R_factor_R_work                  0.2230 
_refine_ls_shell.R_factor_R_free                  0.2240 
_refine_ls_shell.percent_reflns_R_free            ? 
_refine_ls_shell.number_reflns_R_free             176 
_refine_ls_shell.R_factor_R_free_error            ? 
_refine_ls_shell.number_reflns_all                3411 
_refine_ls_shell.number_reflns_obs                ? 
_refine_ls_shell.pdbx_refine_id                   'X-RAY DIFFRACTION' 
# 
_struct.entry_id                  5QXJ 
_struct.title                     'PanDDA analysis group deposition -- Crystal Structure of ATAD2 in complex with PC578' 
_struct.pdbx_model_details        ? 
_struct.pdbx_CASP_flag            ? 
_struct.pdbx_model_type_details   ? 
# 
_struct_keywords.entry_id        5QXJ 
_struct_keywords.text            
'SGC - Diamond I04-1 fragment screening, PanDDA, XChemExplorer, HYDROLASE-HYDROLASE INHIBITOR complex' 
_struct_keywords.pdbx_keywords   'HYDROLASE/HYDROLASE INHIBITOR' 
# 
loop_
_struct_asym.id 
_struct_asym.pdbx_blank_PDB_chainid_flag 
_struct_asym.pdbx_modified 
_struct_asym.entity_id 
_struct_asym.details 
A N N 1 ? 
B N N 2 ? 
C N N 3 ? 
D N N 3 ? 
E N N 4 ? 
F N N 4 ? 
G N N 4 ? 
H N N 5 ? 
# 
_struct_ref.id                         1 
_struct_ref.db_name                    UNP 
_struct_ref.db_code                    ATAD2_HUMAN 
_struct_ref.pdbx_db_accession          Q6PL18 
_struct_ref.pdbx_db_isoform            ? 
_struct_ref.entity_id                  1 
_struct_ref.pdbx_seq_one_letter_code   
;QEEDTFRELRIFLRNVTHRLAIDKRFRVFTKPVDPDEVPDYVTVIKQPMDLSSVISKIDLHKYLTVKDYLRDIDLICSNA
LEYNPDRDPGDRLIRHRACALRDTAYAIIKEELDEDFEQLCEEIQESR
;
_struct_ref.pdbx_align_begin           981 
# 
_struct_ref_seq.align_id                      1 
_struct_ref_seq.ref_id                        1 
_struct_ref_seq.pdbx_PDB_id_code              5QXJ 
_struct_ref_seq.pdbx_strand_id                A 
_struct_ref_seq.seq_align_beg                 3 
_struct_ref_seq.pdbx_seq_align_beg_ins_code   ? 
_struct_ref_seq.seq_align_end                 130 
_struct_ref_seq.pdbx_seq_align_end_ins_code   ? 
_struct_ref_seq.pdbx_db_accession             Q6PL18 
_struct_ref_seq.db_align_beg                  981 
_struct_ref_seq.pdbx_db_align_beg_ins_code    ? 
_struct_ref_seq.db_align_end                  1108 
_struct_ref_seq.pdbx_db_align_end_ins_code    ? 
_struct_ref_seq.pdbx_auth_seq_align_beg       981 
_struct_ref_seq.pdbx_auth_seq_align_end       1108 
# 
loop_
_struct_ref_seq_dif.align_id 
_struct_ref_seq_dif.pdbx_pdb_id_code 
_struct_ref_seq_dif.mon_id 
_struct_ref_seq_dif.pdbx_pdb_strand_id 
_struct_ref_seq_dif.seq_num 
_struct_ref_seq_dif.pdbx_pdb_ins_code 
_struct_ref_seq_dif.pdbx_seq_db_name 
_struct_ref_seq_dif.pdbx_seq_db_accession_code 
_struct_ref_seq_dif.db_mon_id 
_struct_ref_seq_dif.pdbx_seq_db_seq_num 
_struct_ref_seq_dif.details 
_struct_ref_seq_dif.pdbx_auth_seq_num 
_struct_ref_seq_dif.pdbx_ordinal 
1 5QXJ SER A 1  ? UNP Q6PL18 ?   ?    'expression tag' 979  1 
1 5QXJ MET A 2  ? UNP Q6PL18 ?   ?    'expression tag' 980  2 
1 5QXJ ARG A 44 ? UNP Q6PL18 VAL 1022 conflict         1022 3 
1 5QXJ GLU A 49 ? UNP Q6PL18 GLN 1027 conflict         1027 4 
# 
_pdbx_struct_assembly.id                   1 
_pdbx_struct_assembly.details              author_and_software_defined_assembly 
_pdbx_struct_assembly.method_details       PISA 
_pdbx_struct_assembly.oligomeric_details   monomeric 
_pdbx_struct_assembly.oligomeric_count     1 
# 
_pdbx_struct_assembly_gen.assembly_id       1 
_pdbx_struct_assembly_gen.oper_expression   1 
_pdbx_struct_assembly_gen.asym_id_list      A,B,C,D,E,F,G,H 
# 
_pdbx_struct_oper_list.id                   1 
_pdbx_struct_oper_list.type                 'identity operation' 
_pdbx_struct_oper_list.name                 1_555 
_pdbx_struct_oper_list.symmetry_operation   x,y,z 
_pdbx_struct_oper_list.matrix[1][1]         1.0000000000 
_pdbx_struct_oper_list.matrix[1][2]         0.0000000000 
_pdbx_struct_oper_list.matrix[1][3]         0.0000000000 
_pdbx_struct_oper_list.vector[1]            0.0000000000 
_pdbx_struct_oper_list.matrix[2][1]         0.0000000000 
_pdbx_struct_oper_list.matrix[2][2]         1.0000000000 
_pdbx_struct_oper_list.matrix[2][3]         0.0000000000 
_pdbx_struct_oper_list.vector[2]            0.0000000000 
_pdbx_struct_oper_list.matrix[3][1]         0.0000000000 
_pdbx_struct_oper_list.matrix[3][2]         0.0000000000 
_pdbx_struct_oper_list.matrix[3][3]         1.0000000000 
_pdbx_struct_oper_list.vector[3]            0.0000000000 
# 
loop_
_struct_conf.conf_type_id 
_struct_conf.id 
_struct_conf.pdbx_PDB_helix_id 
_struct_conf.beg_label_comp_id 
_struct_conf.beg_label_asym_id 
_struct_conf.beg_label_seq_id 
_struct_conf.pdbx_beg_PDB_ins_code 
_struct_conf.end_label_comp_id 
_struct_conf.end_label_asym_id 
_struct_conf.end_label_seq_id 
_struct_conf.pdbx_end_PDB_ins_code 
_struct_conf.beg_auth_comp_id 
_struct_conf.beg_auth_asym_id 
_struct_conf.beg_auth_seq_id 
_struct_conf.end_auth_comp_id 
_struct_conf.end_auth_asym_id 
_struct_conf.end_auth_seq_id 
_struct_conf.pdbx_PDB_helix_class 
_struct_conf.details 
_struct_conf.pdbx_PDB_helix_length 
HELX_P HELX_P1 AA1 SER A 1   ? ILE A 24  ? SER A 979  ILE A 1002 1 ? 24 
HELX_P HELX_P2 AA2 ASP A 25  ? THR A 32  ? ASP A 1003 THR A 1010 5 ? 8  
HELX_P HELX_P3 AA3 ASP A 42  ? ILE A 47  ? ASP A 1020 ILE A 1025 1 ? 6  
HELX_P HELX_P4 AA4 ASP A 52  ? LEU A 62  ? ASP A 1030 LEU A 1040 1 ? 11 
HELX_P HELX_P5 AA5 THR A 67  ? ASN A 86  ? THR A 1045 ASN A 1064 1 ? 20 
HELX_P HELX_P6 AA6 ASP A 90  ? LEU A 115 ? ASP A 1068 LEU A 1093 1 ? 26 
HELX_P HELX_P7 AA7 ASP A 116 ? SER A 129 ? ASP A 1094 SER A 1107 1 ? 14 
# 
_struct_conf_type.id          HELX_P 
_struct_conf_type.criteria    ? 
_struct_conf_type.reference   ? 
# 
loop_
_struct_site.id 
_struct_site.pdbx_evidence_code 
_struct_site.pdbx_auth_asym_id 
_struct_site.pdbx_auth_comp_id 
_struct_site.pdbx_auth_seq_id 
_struct_site.pdbx_auth_ins_code 
_struct_site.pdbx_num_residues 
_struct_site.details 
AC1 Software A RGV 1201 ? 5 'binding site for residue RGV A 1201' 
AC2 Software A SO4 1202 ? 9 'binding site for residue SO4 A 1202' 
AC3 Software A SO4 1203 ? 8 'binding site for residue SO4 A 1203' 
AC4 Software A EDO 1204 ? 6 'binding site for residue EDO A 1204' 
AC5 Software A EDO 1205 ? 5 'binding site for residue EDO A 1205' 
AC6 Software A EDO 1206 ? 5 'binding site for residue EDO A 1206' 
# 
loop_
_struct_site_gen.id 
_struct_site_gen.site_id 
_struct_site_gen.pdbx_num_res 
_struct_site_gen.label_comp_id 
_struct_site_gen.label_asym_id 
_struct_site_gen.label_seq_id 
_struct_site_gen.pdbx_auth_ins_code 
_struct_site_gen.auth_comp_id 
_struct_site_gen.auth_asym_id 
_struct_site_gen.auth_seq_id 
_struct_site_gen.label_atom_id 
_struct_site_gen.label_alt_id 
_struct_site_gen.symmetry 
_struct_site_gen.details 
1  AC1 5 LEU A 115 ? LEU A 1093 . ? 1_555  ? 
2  AC1 5 GLU A 117 ? GLU A 1095 . ? 1_555  ? 
3  AC1 5 HOH H .   ? HOH A 1301 . ? 1_555  ? 
4  AC1 5 HOH H .   ? HOH A 1332 . ? 1_555  ? 
5  AC1 5 HOH H .   ? HOH A 1346 . ? 1_555  ? 
6  AC2 9 ARG A 9   ? ARG A 987  . ? 6_654  ? 
7  AC2 9 ARG A 12  ? ARG A 990  . ? 6_654  ? 
8  AC2 9 ARG A 16  ? ARG A 994  . ? 6_654  ? 
9  AC2 9 ARG A 89  ? ARG A 1067 . ? 1_555  ? 
10 AC2 9 ARG A 94  ? ARG A 1072 . ? 1_555  ? 
11 AC2 9 HOH H .   ? HOH A 1308 . ? 1_555  ? 
12 AC2 9 HOH H .   ? HOH A 1397 . ? 1_555  ? 
13 AC2 9 HOH H .   ? HOH A 1405 . ? 1_555  ? 
14 AC2 9 HOH H .   ? HOH A 1446 . ? 6_654  ? 
15 AC3 8 LYS A 64  ? LYS A 1042 . ? 12_564 ? 
16 AC3 8 LYS A 64  ? LYS A 1042 . ? 1_555  ? 
17 AC3 8 HOH H .   ? HOH A 1333 . ? 1_555  ? 
18 AC3 8 HOH H .   ? HOH A 1333 . ? 12_564 ? 
19 AC3 8 HOH H .   ? HOH A 1337 . ? 1_555  ? 
20 AC3 8 HOH H .   ? HOH A 1337 . ? 12_564 ? 
21 AC3 8 HOH H .   ? HOH A 1350 . ? 1_555  ? 
22 AC3 8 HOH H .   ? HOH A 1350 . ? 12_564 ? 
23 AC4 6 GLU A 10  ? GLU A 988  . ? 1_555  ? 
24 AC4 6 LEU A 115 ? LEU A 1093 . ? 1_555  ? 
25 AC4 6 ASP A 116 ? ASP A 1094 . ? 1_555  ? 
26 AC4 6 PHE A 119 ? PHE A 1097 . ? 1_555  ? 
27 AC4 6 HOH H .   ? HOH A 1361 . ? 1_555  ? 
28 AC4 6 HOH H .   ? HOH A 1428 . ? 1_555  ? 
29 AC5 5 HIS A 20  ? HIS A 998  . ? 10_665 ? 
30 AC5 5 GLU A 113 ? GLU A 1091 . ? 1_555  ? 
31 AC5 5 GLU A 114 ? GLU A 1092 . ? 1_555  ? 
32 AC5 5 LEU A 115 ? LEU A 1093 . ? 1_555  ? 
33 AC5 5 ASP A 116 ? ASP A 1094 . ? 1_555  ? 
34 AC6 5 PRO A 50  ? PRO A 1028 . ? 12_564 ? 
35 AC6 5 SER A 58  ? SER A 1036 . ? 1_555  ? 
36 AC6 5 HOH H .   ? HOH A 1331 . ? 1_555  ? 
37 AC6 5 HOH H .   ? HOH A 1387 . ? 1_555  ? 
38 AC6 5 HOH H .   ? HOH A 1409 . ? 1_555  ? 
# 
loop_
_pdbx_validate_close_contact.id 
_pdbx_validate_close_contact.PDB_model_num 
_pdbx_validate_close_contact.auth_atom_id_1 
_pdbx_validate_close_contact.auth_asym_id_1 
_pdbx_validate_close_contact.auth_comp_id_1 
_pdbx_validate_close_contact.auth_seq_id_1 
_pdbx_validate_close_contact.PDB_ins_code_1 
_pdbx_validate_close_contact.label_alt_id_1 
_pdbx_validate_close_contact.auth_atom_id_2 
_pdbx_validate_close_contact.auth_asym_id_2 
_pdbx_validate_close_contact.auth_comp_id_2 
_pdbx_validate_close_contact.auth_seq_id_2 
_pdbx_validate_close_contact.PDB_ins_code_2 
_pdbx_validate_close_contact.label_alt_id_2 
_pdbx_validate_close_contact.dist 
1 1 O A HOH 1417 ? ? O A HOH 1483 ? ? 1.38 
2 1 O A HOH 1420 ? ? O A HOH 1475 ? ? 2.12 
# 
_pdbx_validate_rmsd_bond.id                        1 
_pdbx_validate_rmsd_bond.PDB_model_num             1 
_pdbx_validate_rmsd_bond.auth_atom_id_1            CD 
_pdbx_validate_rmsd_bond.auth_asym_id_1            A 
_pdbx_validate_rmsd_bond.auth_comp_id_1            GLU 
_pdbx_validate_rmsd_bond.auth_seq_id_1             1102 
_pdbx_validate_rmsd_bond.PDB_ins_code_1            ? 
_pdbx_validate_rmsd_bond.label_alt_id_1            ? 
_pdbx_validate_rmsd_bond.auth_atom_id_2            OE2 
_pdbx_validate_rmsd_bond.auth_asym_id_2            A 
_pdbx_validate_rmsd_bond.auth_comp_id_2            GLU 
_pdbx_validate_rmsd_bond.auth_seq_id_2             1102 
_pdbx_validate_rmsd_bond.PDB_ins_code_2            ? 
_pdbx_validate_rmsd_bond.label_alt_id_2            ? 
_pdbx_validate_rmsd_bond.bond_value                1.335 
_pdbx_validate_rmsd_bond.bond_target_value         1.252 
_pdbx_validate_rmsd_bond.bond_deviation            0.083 
_pdbx_validate_rmsd_bond.bond_standard_deviation   0.011 
_pdbx_validate_rmsd_bond.linker_flag               N 
# 
loop_
_pdbx_validate_rmsd_angle.id 
_pdbx_validate_rmsd_angle.PDB_model_num 
_pdbx_validate_rmsd_angle.auth_atom_id_1 
_pdbx_validate_rmsd_angle.auth_asym_id_1 
_pdbx_validate_rmsd_angle.auth_comp_id_1 
_pdbx_validate_rmsd_angle.auth_seq_id_1 
_pdbx_validate_rmsd_angle.PDB_ins_code_1 
_pdbx_validate_rmsd_angle.label_alt_id_1 
_pdbx_validate_rmsd_angle.auth_atom_id_2 
_pdbx_validate_rmsd_angle.auth_asym_id_2 
_pdbx_validate_rmsd_angle.auth_comp_id_2 
_pdbx_validate_rmsd_angle.auth_seq_id_2 
_pdbx_validate_rmsd_angle.PDB_ins_code_2 
_pdbx_validate_rmsd_angle.label_alt_id_2 
_pdbx_validate_rmsd_angle.auth_atom_id_3 
_pdbx_validate_rmsd_angle.auth_asym_id_3 
_pdbx_validate_rmsd_angle.auth_comp_id_3 
_pdbx_validate_rmsd_angle.auth_seq_id_3 
_pdbx_validate_rmsd_angle.PDB_ins_code_3 
_pdbx_validate_rmsd_angle.label_alt_id_3 
_pdbx_validate_rmsd_angle.angle_value 
_pdbx_validate_rmsd_angle.angle_target_value 
_pdbx_validate_rmsd_angle.angle_deviation 
_pdbx_validate_rmsd_angle.angle_standard_deviation 
_pdbx_validate_rmsd_angle.linker_flag 
1 1 NE A ARG 987  ? B CZ A ARG 987  ? B NH1 A ARG 987  ? B 116.24 120.30 -4.06 0.50 N 
2 1 NE A ARG 987  ? C CZ A ARG 987  ? C NH1 A ARG 987  ? C 116.92 120.30 -3.38 0.50 N 
3 1 NE A ARG 987  ? B CZ A ARG 987  ? B NH2 A ARG 987  ? B 123.80 120.30 3.50  0.50 N 
4 1 NE A ARG 994  ? ? CZ A ARG 994  ? ? NH1 A ARG 994  ? ? 124.51 120.30 4.21  0.50 N 
5 1 NE A ARG 1067 ? ? CZ A ARG 1067 ? ? NH2 A ARG 1067 ? ? 116.31 120.30 -3.99 0.50 N 
6 1 NE A ARG 1077 ? ? CZ A ARG 1077 ? ? NH2 A ARG 1077 ? ? 117.25 120.30 -3.05 0.50 N 
# 
_pdbx_validate_torsion.id              1 
_pdbx_validate_torsion.PDB_model_num   1 
_pdbx_validate_torsion.auth_comp_id    ASP 
_pdbx_validate_torsion.auth_asym_id    A 
_pdbx_validate_torsion.auth_seq_id     1016 
_pdbx_validate_torsion.PDB_ins_code    ? 
_pdbx_validate_torsion.label_alt_id    ? 
_pdbx_validate_torsion.phi             -51.79 
_pdbx_validate_torsion.psi             -70.86 
# 
loop_
_pdbx_struct_special_symmetry.id 
_pdbx_struct_special_symmetry.PDB_model_num 
_pdbx_struct_special_symmetry.auth_asym_id 
_pdbx_struct_special_symmetry.auth_comp_id 
_pdbx_struct_special_symmetry.auth_seq_id 
_pdbx_struct_special_symmetry.PDB_ins_code 
_pdbx_struct_special_symmetry.label_asym_id 
_pdbx_struct_special_symmetry.label_comp_id 
_pdbx_struct_special_symmetry.label_seq_id 
1 1 A SO4 1203 ? D SO4 . 
2 1 A HOH 1320 ? H HOH . 
# 
_phasing.method   MR 
# 
_pdbx_entry_details.entry_id                 5QXJ 
_pdbx_entry_details.has_ligand_of_interest   Y 
_pdbx_entry_details.compound_details         ? 
_pdbx_entry_details.source_details           ? 
_pdbx_entry_details.nonpolymer_details       ? 
_pdbx_entry_details.sequence_details         ? 
# 
loop_
_pdbx_distant_solvent_atoms.id 
_pdbx_distant_solvent_atoms.PDB_model_num 
_pdbx_distant_solvent_atoms.auth_atom_id 
_pdbx_distant_solvent_atoms.label_alt_id 
_pdbx_distant_solvent_atoms.auth_asym_id 
_pdbx_distant_solvent_atoms.auth_comp_id 
_pdbx_distant_solvent_atoms.auth_seq_id 
_pdbx_distant_solvent_atoms.PDB_ins_code 
_pdbx_distant_solvent_atoms.neighbor_macromolecule_distance 
_pdbx_distant_solvent_atoms.neighbor_ligand_distance 
1 1 O ? A HOH 1521 ? 5.83 . 
2 1 O ? A HOH 1522 ? 6.51 . 
# 
loop_
_chem_comp_atom.comp_id 
_chem_comp_atom.atom_id 
_chem_comp_atom.type_symbol 
_chem_comp_atom.pdbx_aromatic_flag 
_chem_comp_atom.pdbx_stereo_config 
_chem_comp_atom.pdbx_ordinal 
ALA N    N N N 1   
ALA CA   C N S 2   
ALA C    C N N 3   
ALA O    O N N 4   
ALA CB   C N N 5   
ALA OXT  O N N 6   
ALA H    H N N 7   
ALA H2   H N N 8   
ALA HA   H N N 9   
ALA HB1  H N N 10  
ALA HB2  H N N 11  
ALA HB3  H N N 12  
ALA HXT  H N N 13  
ARG N    N N N 14  
ARG CA   C N S 15  
ARG C    C N N 16  
ARG O    O N N 17  
ARG CB   C N N 18  
ARG CG   C N N 19  
ARG CD   C N N 20  
ARG NE   N N N 21  
ARG CZ   C N N 22  
ARG NH1  N N N 23  
ARG NH2  N N N 24  
ARG OXT  O N N 25  
ARG H    H N N 26  
ARG H2   H N N 27  
ARG HA   H N N 28  
ARG HB2  H N N 29  
ARG HB3  H N N 30  
ARG HG2  H N N 31  
ARG HG3  H N N 32  
ARG HD2  H N N 33  
ARG HD3  H N N 34  
ARG HE   H N N 35  
ARG HH11 H N N 36  
ARG HH12 H N N 37  
ARG HH21 H N N 38  
ARG HH22 H N N 39  
ARG HXT  H N N 40  
ASN N    N N N 41  
ASN CA   C N S 42  
ASN C    C N N 43  
ASN O    O N N 44  
ASN CB   C N N 45  
ASN CG   C N N 46  
ASN OD1  O N N 47  
ASN ND2  N N N 48  
ASN OXT  O N N 49  
ASN H    H N N 50  
ASN H2   H N N 51  
ASN HA   H N N 52  
ASN HB2  H N N 53  
ASN HB3  H N N 54  
ASN HD21 H N N 55  
ASN HD22 H N N 56  
ASN HXT  H N N 57  
ASP N    N N N 58  
ASP CA   C N S 59  
ASP C    C N N 60  
ASP O    O N N 61  
ASP CB   C N N 62  
ASP CG   C N N 63  
ASP OD1  O N N 64  
ASP OD2  O N N 65  
ASP OXT  O N N 66  
ASP H    H N N 67  
ASP H2   H N N 68  
ASP HA   H N N 69  
ASP HB2  H N N 70  
ASP HB3  H N N 71  
ASP HD2  H N N 72  
ASP HXT  H N N 73  
CYS N    N N N 74  
CYS CA   C N R 75  
CYS C    C N N 76  
CYS O    O N N 77  
CYS CB   C N N 78  
CYS SG   S N N 79  
CYS OXT  O N N 80  
CYS H    H N N 81  
CYS H2   H N N 82  
CYS HA   H N N 83  
CYS HB2  H N N 84  
CYS HB3  H N N 85  
CYS HG   H N N 86  
CYS HXT  H N N 87  
EDO C1   C N N 88  
EDO O1   O N N 89  
EDO C2   C N N 90  
EDO O2   O N N 91  
EDO H11  H N N 92  
EDO H12  H N N 93  
EDO HO1  H N N 94  
EDO H21  H N N 95  
EDO H22  H N N 96  
EDO HO2  H N N 97  
GLN N    N N N 98  
GLN CA   C N S 99  
GLN C    C N N 100 
GLN O    O N N 101 
GLN CB   C N N 102 
GLN CG   C N N 103 
GLN CD   C N N 104 
GLN OE1  O N N 105 
GLN NE2  N N N 106 
GLN OXT  O N N 107 
GLN H    H N N 108 
GLN H2   H N N 109 
GLN HA   H N N 110 
GLN HB2  H N N 111 
GLN HB3  H N N 112 
GLN HG2  H N N 113 
GLN HG3  H N N 114 
GLN HE21 H N N 115 
GLN HE22 H N N 116 
GLN HXT  H N N 117 
GLU N    N N N 118 
GLU CA   C N S 119 
GLU C    C N N 120 
GLU O    O N N 121 
GLU CB   C N N 122 
GLU CG   C N N 123 
GLU CD   C N N 124 
GLU OE1  O N N 125 
GLU OE2  O N N 126 
GLU OXT  O N N 127 
GLU H    H N N 128 
GLU H2   H N N 129 
GLU HA   H N N 130 
GLU HB2  H N N 131 
GLU HB3  H N N 132 
GLU HG2  H N N 133 
GLU HG3  H N N 134 
GLU HE2  H N N 135 
GLU HXT  H N N 136 
GLY N    N N N 137 
GLY CA   C N N 138 
GLY C    C N N 139 
GLY O    O N N 140 
GLY OXT  O N N 141 
GLY H    H N N 142 
GLY H2   H N N 143 
GLY HA2  H N N 144 
GLY HA3  H N N 145 
GLY HXT  H N N 146 
HIS N    N N N 147 
HIS CA   C N S 148 
HIS C    C N N 149 
HIS O    O N N 150 
HIS CB   C N N 151 
HIS CG   C Y N 152 
HIS ND1  N Y N 153 
HIS CD2  C Y N 154 
HIS CE1  C Y N 155 
HIS NE2  N Y N 156 
HIS OXT  O N N 157 
HIS H    H N N 158 
HIS H2   H N N 159 
HIS HA   H N N 160 
HIS HB2  H N N 161 
HIS HB3  H N N 162 
HIS HD1  H N N 163 
HIS HD2  H N N 164 
HIS HE1  H N N 165 
HIS HE2  H N N 166 
HIS HXT  H N N 167 
HOH O    O N N 168 
HOH H1   H N N 169 
HOH H2   H N N 170 
ILE N    N N N 171 
ILE CA   C N S 172 
ILE C    C N N 173 
ILE O    O N N 174 
ILE CB   C N S 175 
ILE CG1  C N N 176 
ILE CG2  C N N 177 
ILE CD1  C N N 178 
ILE OXT  O N N 179 
ILE H    H N N 180 
ILE H2   H N N 181 
ILE HA   H N N 182 
ILE HB   H N N 183 
ILE HG12 H N N 184 
ILE HG13 H N N 185 
ILE HG21 H N N 186 
ILE HG22 H N N 187 
ILE HG23 H N N 188 
ILE HD11 H N N 189 
ILE HD12 H N N 190 
ILE HD13 H N N 191 
ILE HXT  H N N 192 
LEU N    N N N 193 
LEU CA   C N S 194 
LEU C    C N N 195 
LEU O    O N N 196 
LEU CB   C N N 197 
LEU CG   C N N 198 
LEU CD1  C N N 199 
LEU CD2  C N N 200 
LEU OXT  O N N 201 
LEU H    H N N 202 
LEU H2   H N N 203 
LEU HA   H N N 204 
LEU HB2  H N N 205 
LEU HB3  H N N 206 
LEU HG   H N N 207 
LEU HD11 H N N 208 
LEU HD12 H N N 209 
LEU HD13 H N N 210 
LEU HD21 H N N 211 
LEU HD22 H N N 212 
LEU HD23 H N N 213 
LEU HXT  H N N 214 
LYS N    N N N 215 
LYS CA   C N S 216 
LYS C    C N N 217 
LYS O    O N N 218 
LYS CB   C N N 219 
LYS CG   C N N 220 
LYS CD   C N N 221 
LYS CE   C N N 222 
LYS NZ   N N N 223 
LYS OXT  O N N 224 
LYS H    H N N 225 
LYS H2   H N N 226 
LYS HA   H N N 227 
LYS HB2  H N N 228 
LYS HB3  H N N 229 
LYS HG2  H N N 230 
LYS HG3  H N N 231 
LYS HD2  H N N 232 
LYS HD3  H N N 233 
LYS HE2  H N N 234 
LYS HE3  H N N 235 
LYS HZ1  H N N 236 
LYS HZ2  H N N 237 
LYS HZ3  H N N 238 
LYS HXT  H N N 239 
MET N    N N N 240 
MET CA   C N S 241 
MET C    C N N 242 
MET O    O N N 243 
MET CB   C N N 244 
MET CG   C N N 245 
MET SD   S N N 246 
MET CE   C N N 247 
MET OXT  O N N 248 
MET H    H N N 249 
MET H2   H N N 250 
MET HA   H N N 251 
MET HB2  H N N 252 
MET HB3  H N N 253 
MET HG2  H N N 254 
MET HG3  H N N 255 
MET HE1  H N N 256 
MET HE2  H N N 257 
MET HE3  H N N 258 
MET HXT  H N N 259 
PHE N    N N N 260 
PHE CA   C N S 261 
PHE C    C N N 262 
PHE O    O N N 263 
PHE CB   C N N 264 
PHE CG   C Y N 265 
PHE CD1  C Y N 266 
PHE CD2  C Y N 267 
PHE CE1  C Y N 268 
PHE CE2  C Y N 269 
PHE CZ   C Y N 270 
PHE OXT  O N N 271 
PHE H    H N N 272 
PHE H2   H N N 273 
PHE HA   H N N 274 
PHE HB2  H N N 275 
PHE HB3  H N N 276 
PHE HD1  H N N 277 
PHE HD2  H N N 278 
PHE HE1  H N N 279 
PHE HE2  H N N 280 
PHE HZ   H N N 281 
PHE HXT  H N N 282 
PRO N    N N N 283 
PRO CA   C N S 284 
PRO C    C N N 285 
PRO O    O N N 286 
PRO CB   C N N 287 
PRO CG   C N N 288 
PRO CD   C N N 289 
PRO OXT  O N N 290 
PRO H    H N N 291 
PRO HA   H N N 292 
PRO HB2  H N N 293 
PRO HB3  H N N 294 
PRO HG2  H N N 295 
PRO HG3  H N N 296 
PRO HD2  H N N 297 
PRO HD3  H N N 298 
PRO HXT  H N N 299 
RGV C10  C N N 300 
RGV C13  C Y N 301 
RGV C15  C Y N 302 
RGV C17  C N N 303 
RGV C01  C N N 304 
RGV C03  C N S 305 
RGV C04  C N N 306 
RGV C05  C N S 307 
RGV C06  C N N 308 
RGV C08  C N N 309 
RGV C09  C N S 310 
RGV C12  C Y N 311 
RGV C16  C Y N 312 
RGV N02  N N N 313 
RGV N07  N N N 314 
RGV N14  N Y N 315 
RGV O11  O N N 316 
RGV O18  O N N 317 
RGV H1   H N N 318 
RGV H2   H N N 319 
RGV H3   H N N 320 
RGV H4   H N N 321 
RGV H5   H N N 322 
RGV H6   H N N 323 
RGV H7   H N N 324 
RGV H8   H N N 325 
RGV H9   H N N 326 
RGV H10  H N N 327 
RGV H11  H N N 328 
RGV H12  H N N 329 
RGV H13  H N N 330 
RGV H14  H N N 331 
RGV H16  H N N 332 
SER N    N N N 333 
SER CA   C N S 334 
SER C    C N N 335 
SER O    O N N 336 
SER CB   C N N 337 
SER OG   O N N 338 
SER OXT  O N N 339 
SER H    H N N 340 
SER H2   H N N 341 
SER HA   H N N 342 
SER HB2  H N N 343 
SER HB3  H N N 344 
SER HG   H N N 345 
SER HXT  H N N 346 
SO4 S    S N N 347 
SO4 O1   O N N 348 
SO4 O2   O N N 349 
SO4 O3   O N N 350 
SO4 O4   O N N 351 
THR N    N N N 352 
THR CA   C N S 353 
THR C    C N N 354 
THR O    O N N 355 
THR CB   C N R 356 
THR OG1  O N N 357 
THR CG2  C N N 358 
THR OXT  O N N 359 
THR H    H N N 360 
THR H2   H N N 361 
THR HA   H N N 362 
THR HB   H N N 363 
THR HG1  H N N 364 
THR HG21 H N N 365 
THR HG22 H N N 366 
THR HG23 H N N 367 
THR HXT  H N N 368 
TYR N    N N N 369 
TYR CA   C N S 370 
TYR C    C N N 371 
TYR O    O N N 372 
TYR CB   C N N 373 
TYR CG   C Y N 374 
TYR CD1  C Y N 375 
TYR CD2  C Y N 376 
TYR CE1  C Y N 377 
TYR CE2  C Y N 378 
TYR CZ   C Y N 379 
TYR OH   O N N 380 
TYR OXT  O N N 381 
TYR H    H N N 382 
TYR H2   H N N 383 
TYR HA   H N N 384 
TYR HB2  H N N 385 
TYR HB3  H N N 386 
TYR HD1  H N N 387 
TYR HD2  H N N 388 
TYR HE1  H N N 389 
TYR HE2  H N N 390 
TYR HH   H N N 391 
TYR HXT  H N N 392 
VAL N    N N N 393 
VAL CA   C N S 394 
VAL C    C N N 395 
VAL O    O N N 396 
VAL CB   C N N 397 
VAL CG1  C N N 398 
VAL CG2  C N N 399 
VAL OXT  O N N 400 
VAL H    H N N 401 
VAL H2   H N N 402 
VAL HA   H N N 403 
VAL HB   H N N 404 
VAL HG11 H N N 405 
VAL HG12 H N N 406 
VAL HG13 H N N 407 
VAL HG21 H N N 408 
VAL HG22 H N N 409 
VAL HG23 H N N 410 
VAL HXT  H N N 411 
# 
loop_
_chem_comp_bond.comp_id 
_chem_comp_bond.atom_id_1 
_chem_comp_bond.atom_id_2 
_chem_comp_bond.value_order 
_chem_comp_bond.pdbx_aromatic_flag 
_chem_comp_bond.pdbx_stereo_config 
_chem_comp_bond.pdbx_ordinal 
ALA N   CA   sing N N 1   
ALA N   H    sing N N 2   
ALA N   H2   sing N N 3   
ALA CA  C    sing N N 4   
ALA CA  CB   sing N N 5   
ALA CA  HA   sing N N 6   
ALA C   O    doub N N 7   
ALA C   OXT  sing N N 8   
ALA CB  HB1  sing N N 9   
ALA CB  HB2  sing N N 10  
ALA CB  HB3  sing N N 11  
ALA OXT HXT  sing N N 12  
ARG N   CA   sing N N 13  
ARG N   H    sing N N 14  
ARG N   H2   sing N N 15  
ARG CA  C    sing N N 16  
ARG CA  CB   sing N N 17  
ARG CA  HA   sing N N 18  
ARG C   O    doub N N 19  
ARG C   OXT  sing N N 20  
ARG CB  CG   sing N N 21  
ARG CB  HB2  sing N N 22  
ARG CB  HB3  sing N N 23  
ARG CG  CD   sing N N 24  
ARG CG  HG2  sing N N 25  
ARG CG  HG3  sing N N 26  
ARG CD  NE   sing N N 27  
ARG CD  HD2  sing N N 28  
ARG CD  HD3  sing N N 29  
ARG NE  CZ   sing N N 30  
ARG NE  HE   sing N N 31  
ARG CZ  NH1  sing N N 32  
ARG CZ  NH2  doub N N 33  
ARG NH1 HH11 sing N N 34  
ARG NH1 HH12 sing N N 35  
ARG NH2 HH21 sing N N 36  
ARG NH2 HH22 sing N N 37  
ARG OXT HXT  sing N N 38  
ASN N   CA   sing N N 39  
ASN N   H    sing N N 40  
ASN N   H2   sing N N 41  
ASN CA  C    sing N N 42  
ASN CA  CB   sing N N 43  
ASN CA  HA   sing N N 44  
ASN C   O    doub N N 45  
ASN C   OXT  sing N N 46  
ASN CB  CG   sing N N 47  
ASN CB  HB2  sing N N 48  
ASN CB  HB3  sing N N 49  
ASN CG  OD1  doub N N 50  
ASN CG  ND2  sing N N 51  
ASN ND2 HD21 sing N N 52  
ASN ND2 HD22 sing N N 53  
ASN OXT HXT  sing N N 54  
ASP N   CA   sing N N 55  
ASP N   H    sing N N 56  
ASP N   H2   sing N N 57  
ASP CA  C    sing N N 58  
ASP CA  CB   sing N N 59  
ASP CA  HA   sing N N 60  
ASP C   O    doub N N 61  
ASP C   OXT  sing N N 62  
ASP CB  CG   sing N N 63  
ASP CB  HB2  sing N N 64  
ASP CB  HB3  sing N N 65  
ASP CG  OD1  doub N N 66  
ASP CG  OD2  sing N N 67  
ASP OD2 HD2  sing N N 68  
ASP OXT HXT  sing N N 69  
CYS N   CA   sing N N 70  
CYS N   H    sing N N 71  
CYS N   H2   sing N N 72  
CYS CA  C    sing N N 73  
CYS CA  CB   sing N N 74  
CYS CA  HA   sing N N 75  
CYS C   O    doub N N 76  
CYS C   OXT  sing N N 77  
CYS CB  SG   sing N N 78  
CYS CB  HB2  sing N N 79  
CYS CB  HB3  sing N N 80  
CYS SG  HG   sing N N 81  
CYS OXT HXT  sing N N 82  
EDO C1  O1   sing N N 83  
EDO C1  C2   sing N N 84  
EDO C1  H11  sing N N 85  
EDO C1  H12  sing N N 86  
EDO O1  HO1  sing N N 87  
EDO C2  O2   sing N N 88  
EDO C2  H21  sing N N 89  
EDO C2  H22  sing N N 90  
EDO O2  HO2  sing N N 91  
GLN N   CA   sing N N 92  
GLN N   H    sing N N 93  
GLN N   H2   sing N N 94  
GLN CA  C    sing N N 95  
GLN CA  CB   sing N N 96  
GLN CA  HA   sing N N 97  
GLN C   O    doub N N 98  
GLN C   OXT  sing N N 99  
GLN CB  CG   sing N N 100 
GLN CB  HB2  sing N N 101 
GLN CB  HB3  sing N N 102 
GLN CG  CD   sing N N 103 
GLN CG  HG2  sing N N 104 
GLN CG  HG3  sing N N 105 
GLN CD  OE1  doub N N 106 
GLN CD  NE2  sing N N 107 
GLN NE2 HE21 sing N N 108 
GLN NE2 HE22 sing N N 109 
GLN OXT HXT  sing N N 110 
GLU N   CA   sing N N 111 
GLU N   H    sing N N 112 
GLU N   H2   sing N N 113 
GLU CA  C    sing N N 114 
GLU CA  CB   sing N N 115 
GLU CA  HA   sing N N 116 
GLU C   O    doub N N 117 
GLU C   OXT  sing N N 118 
GLU CB  CG   sing N N 119 
GLU CB  HB2  sing N N 120 
GLU CB  HB3  sing N N 121 
GLU CG  CD   sing N N 122 
GLU CG  HG2  sing N N 123 
GLU CG  HG3  sing N N 124 
GLU CD  OE1  doub N N 125 
GLU CD  OE2  sing N N 126 
GLU OE2 HE2  sing N N 127 
GLU OXT HXT  sing N N 128 
GLY N   CA   sing N N 129 
GLY N   H    sing N N 130 
GLY N   H2   sing N N 131 
GLY CA  C    sing N N 132 
GLY CA  HA2  sing N N 133 
GLY CA  HA3  sing N N 134 
GLY C   O    doub N N 135 
GLY C   OXT  sing N N 136 
GLY OXT HXT  sing N N 137 
HIS N   CA   sing N N 138 
HIS N   H    sing N N 139 
HIS N   H2   sing N N 140 
HIS CA  C    sing N N 141 
HIS CA  CB   sing N N 142 
HIS CA  HA   sing N N 143 
HIS C   O    doub N N 144 
HIS C   OXT  sing N N 145 
HIS CB  CG   sing N N 146 
HIS CB  HB2  sing N N 147 
HIS CB  HB3  sing N N 148 
HIS CG  ND1  sing Y N 149 
HIS CG  CD2  doub Y N 150 
HIS ND1 CE1  doub Y N 151 
HIS ND1 HD1  sing N N 152 
HIS CD2 NE2  sing Y N 153 
HIS CD2 HD2  sing N N 154 
HIS CE1 NE2  sing Y N 155 
HIS CE1 HE1  sing N N 156 
HIS NE2 HE2  sing N N 157 
HIS OXT HXT  sing N N 158 
HOH O   H1   sing N N 159 
HOH O   H2   sing N N 160 
ILE N   CA   sing N N 161 
ILE N   H    sing N N 162 
ILE N   H2   sing N N 163 
ILE CA  C    sing N N 164 
ILE CA  CB   sing N N 165 
ILE CA  HA   sing N N 166 
ILE C   O    doub N N 167 
ILE C   OXT  sing N N 168 
ILE CB  CG1  sing N N 169 
ILE CB  CG2  sing N N 170 
ILE CB  HB   sing N N 171 
ILE CG1 CD1  sing N N 172 
ILE CG1 HG12 sing N N 173 
ILE CG1 HG13 sing N N 174 
ILE CG2 HG21 sing N N 175 
ILE CG2 HG22 sing N N 176 
ILE CG2 HG23 sing N N 177 
ILE CD1 HD11 sing N N 178 
ILE CD1 HD12 sing N N 179 
ILE CD1 HD13 sing N N 180 
ILE OXT HXT  sing N N 181 
LEU N   CA   sing N N 182 
LEU N   H    sing N N 183 
LEU N   H2   sing N N 184 
LEU CA  C    sing N N 185 
LEU CA  CB   sing N N 186 
LEU CA  HA   sing N N 187 
LEU C   O    doub N N 188 
LEU C   OXT  sing N N 189 
LEU CB  CG   sing N N 190 
LEU CB  HB2  sing N N 191 
LEU CB  HB3  sing N N 192 
LEU CG  CD1  sing N N 193 
LEU CG  CD2  sing N N 194 
LEU CG  HG   sing N N 195 
LEU CD1 HD11 sing N N 196 
LEU CD1 HD12 sing N N 197 
LEU CD1 HD13 sing N N 198 
LEU CD2 HD21 sing N N 199 
LEU CD2 HD22 sing N N 200 
LEU CD2 HD23 sing N N 201 
LEU OXT HXT  sing N N 202 
LYS N   CA   sing N N 203 
LYS N   H    sing N N 204 
LYS N   H2   sing N N 205 
LYS CA  C    sing N N 206 
LYS CA  CB   sing N N 207 
LYS CA  HA   sing N N 208 
LYS C   O    doub N N 209 
LYS C   OXT  sing N N 210 
LYS CB  CG   sing N N 211 
LYS CB  HB2  sing N N 212 
LYS CB  HB3  sing N N 213 
LYS CG  CD   sing N N 214 
LYS CG  HG2  sing N N 215 
LYS CG  HG3  sing N N 216 
LYS CD  CE   sing N N 217 
LYS CD  HD2  sing N N 218 
LYS CD  HD3  sing N N 219 
LYS CE  NZ   sing N N 220 
LYS CE  HE2  sing N N 221 
LYS CE  HE3  sing N N 222 
LYS NZ  HZ1  sing N N 223 
LYS NZ  HZ2  sing N N 224 
LYS NZ  HZ3  sing N N 225 
LYS OXT HXT  sing N N 226 
MET N   CA   sing N N 227 
MET N   H    sing N N 228 
MET N   H2   sing N N 229 
MET CA  C    sing N N 230 
MET CA  CB   sing N N 231 
MET CA  HA   sing N N 232 
MET C   O    doub N N 233 
MET C   OXT  sing N N 234 
MET CB  CG   sing N N 235 
MET CB  HB2  sing N N 236 
MET CB  HB3  sing N N 237 
MET CG  SD   sing N N 238 
MET CG  HG2  sing N N 239 
MET CG  HG3  sing N N 240 
MET SD  CE   sing N N 241 
MET CE  HE1  sing N N 242 
MET CE  HE2  sing N N 243 
MET CE  HE3  sing N N 244 
MET OXT HXT  sing N N 245 
PHE N   CA   sing N N 246 
PHE N   H    sing N N 247 
PHE N   H2   sing N N 248 
PHE CA  C    sing N N 249 
PHE CA  CB   sing N N 250 
PHE CA  HA   sing N N 251 
PHE C   O    doub N N 252 
PHE C   OXT  sing N N 253 
PHE CB  CG   sing N N 254 
PHE CB  HB2  sing N N 255 
PHE CB  HB3  sing N N 256 
PHE CG  CD1  doub Y N 257 
PHE CG  CD2  sing Y N 258 
PHE CD1 CE1  sing Y N 259 
PHE CD1 HD1  sing N N 260 
PHE CD2 CE2  doub Y N 261 
PHE CD2 HD2  sing N N 262 
PHE CE1 CZ   doub Y N 263 
PHE CE1 HE1  sing N N 264 
PHE CE2 CZ   sing Y N 265 
PHE CE2 HE2  sing N N 266 
PHE CZ  HZ   sing N N 267 
PHE OXT HXT  sing N N 268 
PRO N   CA   sing N N 269 
PRO N   CD   sing N N 270 
PRO N   H    sing N N 271 
PRO CA  C    sing N N 272 
PRO CA  CB   sing N N 273 
PRO CA  HA   sing N N 274 
PRO C   O    doub N N 275 
PRO C   OXT  sing N N 276 
PRO CB  CG   sing N N 277 
PRO CB  HB2  sing N N 278 
PRO CB  HB3  sing N N 279 
PRO CG  CD   sing N N 280 
PRO CG  HG2  sing N N 281 
PRO CG  HG3  sing N N 282 
PRO CD  HD2  sing N N 283 
PRO CD  HD3  sing N N 284 
PRO OXT HXT  sing N N 285 
RGV O18 C17  doub N N 286 
RGV C17 N07  sing N N 287 
RGV N07 C06  sing N N 288 
RGV N07 C08  sing N N 289 
RGV C06 C05  sing N N 290 
RGV C08 C09  sing N N 291 
RGV C05 C09  sing N N 292 
RGV C05 C04  sing N N 293 
RGV C09 N02  sing N N 294 
RGV C09 C10  sing N N 295 
RGV N02 C01  sing N N 296 
RGV N02 C03  sing N N 297 
RGV C04 C03  sing N N 298 
RGV C03 C16  sing N N 299 
RGV C10 O11  doub N N 300 
RGV C10 C12  sing N N 301 
RGV C16 C12  sing Y N 302 
RGV C16 C15  doub Y N 303 
RGV C12 C13  doub Y N 304 
RGV C15 N14  sing Y N 305 
RGV C13 N14  sing Y N 306 
RGV C13 H1   sing N N 307 
RGV C15 H2   sing N N 308 
RGV C17 H3   sing N N 309 
RGV C01 H4   sing N N 310 
RGV C01 H5   sing N N 311 
RGV C01 H6   sing N N 312 
RGV C03 H7   sing N N 313 
RGV C04 H8   sing N N 314 
RGV C04 H9   sing N N 315 
RGV C05 H10  sing N N 316 
RGV C06 H11  sing N N 317 
RGV C06 H12  sing N N 318 
RGV C08 H13  sing N N 319 
RGV C08 H14  sing N N 320 
RGV N14 H16  sing N N 321 
SER N   CA   sing N N 322 
SER N   H    sing N N 323 
SER N   H2   sing N N 324 
SER CA  C    sing N N 325 
SER CA  CB   sing N N 326 
SER CA  HA   sing N N 327 
SER C   O    doub N N 328 
SER C   OXT  sing N N 329 
SER CB  OG   sing N N 330 
SER CB  HB2  sing N N 331 
SER CB  HB3  sing N N 332 
SER OG  HG   sing N N 333 
SER OXT HXT  sing N N 334 
SO4 S   O1   doub N N 335 
SO4 S   O2   doub N N 336 
SO4 S   O3   sing N N 337 
SO4 S   O4   sing N N 338 
THR N   CA   sing N N 339 
THR N   H    sing N N 340 
THR N   H2   sing N N 341 
THR CA  C    sing N N 342 
THR CA  CB   sing N N 343 
THR CA  HA   sing N N 344 
THR C   O    doub N N 345 
THR C   OXT  sing N N 346 
THR CB  OG1  sing N N 347 
THR CB  CG2  sing N N 348 
THR CB  HB   sing N N 349 
THR OG1 HG1  sing N N 350 
THR CG2 HG21 sing N N 351 
THR CG2 HG22 sing N N 352 
THR CG2 HG23 sing N N 353 
THR OXT HXT  sing N N 354 
TYR N   CA   sing N N 355 
TYR N   H    sing N N 356 
TYR N   H2   sing N N 357 
TYR CA  C    sing N N 358 
TYR CA  CB   sing N N 359 
TYR CA  HA   sing N N 360 
TYR C   O    doub N N 361 
TYR C   OXT  sing N N 362 
TYR CB  CG   sing N N 363 
TYR CB  HB2  sing N N 364 
TYR CB  HB3  sing N N 365 
TYR CG  CD1  doub Y N 366 
TYR CG  CD2  sing Y N 367 
TYR CD1 CE1  sing Y N 368 
TYR CD1 HD1  sing N N 369 
TYR CD2 CE2  doub Y N 370 
TYR CD2 HD2  sing N N 371 
TYR CE1 CZ   doub Y N 372 
TYR CE1 HE1  sing N N 373 
TYR CE2 CZ   sing Y N 374 
TYR CE2 HE2  sing N N 375 
TYR CZ  OH   sing N N 376 
TYR OH  HH   sing N N 377 
TYR OXT HXT  sing N N 378 
VAL N   CA   sing N N 379 
VAL N   H    sing N N 380 
VAL N   H2   sing N N 381 
VAL CA  C    sing N N 382 
VAL CA  CB   sing N N 383 
VAL CA  HA   sing N N 384 
VAL C   O    doub N N 385 
VAL C   OXT  sing N N 386 
VAL CB  CG1  sing N N 387 
VAL CB  CG2  sing N N 388 
VAL CB  HB   sing N N 389 
VAL CG1 HG11 sing N N 390 
VAL CG1 HG12 sing N N 391 
VAL CG1 HG13 sing N N 392 
VAL CG2 HG21 sing N N 393 
VAL CG2 HG22 sing N N 394 
VAL CG2 HG23 sing N N 395 
VAL OXT HXT  sing N N 396 
# 
_pdbx_deposit_group.group_id            G_1002118 
_pdbx_deposit_group.group_description   
;Bromodomain of human ATAD2 screened against the Leeds 3D Fragment Library by X-ray Crystallography at the XChem
facility of Diamond Light Source beamline I04-1
;
_pdbx_deposit_group.group_title         'PanDDA analysis group deposition - Bromodomain of human ATAD2 fragment screening' 
_pdbx_deposit_group.group_type          'changed state' 
# 
_pdbx_entity_instance_feature.ordinal        1 
_pdbx_entity_instance_feature.comp_id        RGV 
_pdbx_entity_instance_feature.asym_id        ? 
_pdbx_entity_instance_feature.seq_num        ? 
_pdbx_entity_instance_feature.auth_comp_id   RGV 
_pdbx_entity_instance_feature.auth_asym_id   ? 
_pdbx_entity_instance_feature.auth_seq_num   ? 
_pdbx_entity_instance_feature.feature_type   'SUBJECT OF INVESTIGATION' 
_pdbx_entity_instance_feature.details        ? 
# 
_atom_sites.entry_id                    5QXJ 
_atom_sites.fract_transf_matrix[1][1]   -0.00858807 
_atom_sites.fract_transf_matrix[1][2]   0.00974986 
_atom_sites.fract_transf_matrix[1][3]   0.00606315 
_atom_sites.fract_transf_matrix[2][1]   0.00281466 
_atom_sites.fract_transf_matrix[2][2]   0.00480561 
_atom_sites.fract_transf_matrix[2][3]   0.01321219 
_atom_sites.fract_transf_matrix[3][1]   0.00400489 
_atom_sites.fract_transf_matrix[3][2]   0.00524449 
_atom_sites.fract_transf_matrix[3][3]   -0.00276073 
_atom_sites.fract_transf_vector[1]      0.448326 
_atom_sites.fract_transf_vector[2]      0.600477 
_atom_sites.fract_transf_vector[3]      -0.026071 
# 
loop_
_atom_type.symbol 
C 
N 
O 
S 
# 
loop_
_atom_site.group_PDB 
_atom_site.id 
_atom_site.type_symbol 
_atom_site.label_atom_id 
_atom_site.label_alt_id 
_atom_site.label_comp_id 
_atom_site.label_asym_id 
_atom_site.label_entity_id 
_atom_site.label_seq_id 
_atom_site.pdbx_PDB_ins_code 
_atom_site.Cartn_x 
_atom_site.Cartn_y 
_atom_site.Cartn_z 
_atom_site.occupancy 
_atom_site.B_iso_or_equiv 
_atom_site.pdbx_formal_charge 
_atom_site.auth_seq_id 
_atom_site.auth_comp_id 
_atom_site.auth_asym_id 
_atom_site.auth_atom_id 
_atom_site.pdbx_PDB_model_num 
ATOM   1    N N   . SER A 1 1   ? 25.280  -8.182  2.718   1.00 30.41 ? 979  SER A N   1 
ATOM   2    C CA  . SER A 1 1   ? 26.372  -7.296  2.356   1.00 32.66 ? 979  SER A CA  1 
ATOM   3    C C   . SER A 1 1   ? 25.888  -5.838  2.499   1.00 40.26 ? 979  SER A C   1 
ATOM   4    O O   . SER A 1 1   ? 24.630  -5.601  2.616   1.00 29.39 ? 979  SER A O   1 
ATOM   5    C CB  . SER A 1 1   ? 26.855  -7.567  0.966   1.00 35.68 ? 979  SER A CB  1 
ATOM   6    O OG  . SER A 1 1   ? 25.839  -7.232  -0.014  1.00 32.61 ? 979  SER A OG  1 
ATOM   7    N N   . MET A 1 2   ? 26.837  -4.903  2.508   1.00 38.22 ? 980  MET A N   1 
ATOM   8    C CA  . MET A 1 2   ? 26.555  -3.445  2.534   1.00 45.26 ? 980  MET A CA  1 
ATOM   9    C C   . MET A 1 2   ? 25.784  -3.082  1.257   1.00 36.69 ? 980  MET A C   1 
ATOM   10   O O   . MET A 1 2   ? 24.860  -2.242  1.319   1.00 29.64 ? 980  MET A O   1 
ATOM   11   C CB  . MET A 1 2   ? 27.861  -2.637  2.606   1.00 51.94 ? 980  MET A CB  1 
ATOM   12   C CG  . MET A 1 2   ? 27.719  -1.166  2.191   1.00 64.49 ? 980  MET A CG  1 
ATOM   13   S SD  . MET A 1 2   ? 27.207  -0.063  3.555   1.00 90.72 ? 980  MET A SD  1 
ATOM   14   C CE  . MET A 1 2   ? 25.567  -0.653  3.982   1.00 76.43 ? 980  MET A CE  1 
ATOM   15   N N   . GLN A 1 3   ? 26.178  -3.631  0.124   1.00 28.69 ? 981  GLN A N   1 
ATOM   16   C CA  . GLN A 1 3   ? 25.536  -3.401  -1.188  1.00 33.47 ? 981  GLN A CA  1 
ATOM   17   C C   . GLN A 1 3   ? 24.059  -3.826  -1.112  1.00 25.54 ? 981  GLN A C   1 
ATOM   18   O O   . GLN A 1 3   ? 23.208  -3.112  -1.695  1.00 24.26 ? 981  GLN A O   1 
ATOM   19   C CB  . GLN A 1 3   ? 26.276  -4.139  -2.298  1.00 38.52 ? 981  GLN A CB  1 
ATOM   20   C CG  . GLN A 1 3   ? 27.774  -3.824  -2.292  1.00 55.50 ? 981  GLN A CG  1 
ATOM   21   C CD  . GLN A 1 3   ? 28.561  -4.909  -1.587  1.00 59.44 ? 981  GLN A CD  1 
ATOM   22   O OE1 . GLN A 1 3   ? 28.861  -4.842  -0.378  1.00 58.12 ? 981  GLN A OE1 1 
ATOM   23   N NE2 . GLN A 1 3   ? 28.844  -5.954  -2.348  1.00 60.17 ? 981  GLN A NE2 1 
ATOM   24   N N   . GLU A 1 4   ? 23.741  -4.937  -0.473  1.00 21.16 ? 982  GLU A N   1 
ATOM   25   C CA  . GLU A 1 4   ? 22.345  -5.420  -0.308  1.00 19.01 ? 982  GLU A CA  1 
ATOM   26   C C   . GLU A 1 4   ? 21.625  -4.439  0.617   1.00 17.66 ? 982  GLU A C   1 
ATOM   27   O O   . GLU A 1 4   ? 20.426  -4.072  0.283   1.00 15.63 ? 982  GLU A O   1 
ATOM   28   C CB  . GLU A 1 4   ? 22.303  -6.859  0.224   1.00 18.65 ? 982  GLU A CB  1 
ATOM   29   C CG  . GLU A 1 4   ? 22.724  -7.878  -0.842  1.00 20.54 ? 982  GLU A CG  1 
ATOM   30   C CD  . GLU A 1 4   ? 22.890  -9.311  -0.343  1.00 24.37 ? 982  GLU A CD  1 
ATOM   31   O OE1 . GLU A 1 4   ? 22.919  -9.473  0.911   1.00 26.13 ? 982  GLU A OE1 1 
ATOM   32   O OE2 . GLU A 1 4   ? 22.865  -10.298 -1.187  1.00 23.66 ? 982  GLU A OE2 1 
ATOM   33   N N   . GLU A 1 5   ? 22.192  -3.929  1.693   1.00 17.98 ? 983  GLU A N   1 
ATOM   34   C CA  . GLU A 1 5   ? 21.514  -2.935  2.545   1.00 19.23 ? 983  GLU A CA  1 
ATOM   35   C C   . GLU A 1 5   ? 21.293  -1.618  1.756   1.00 19.07 ? 983  GLU A C   1 
ATOM   36   O O   . GLU A 1 5   ? 20.197  -1.038  1.963   1.00 18.04 ? 983  GLU A O   1 
ATOM   37   C CB  . GLU A 1 5   ? 22.298  -2.706  3.863   1.00 25.45 ? 983  GLU A CB  1 
ATOM   38   C CG  . GLU A 1 5   ? 22.299  -3.952  4.769   1.00 31.85 ? 983  GLU A CG  1 
ATOM   39   C CD  . GLU A 1 5   ? 20.941  -4.632  4.992   1.00 43.61 ? 983  GLU A CD  1 
ATOM   40   O OE1 . GLU A 1 5   ? 19.980  -3.904  5.395   1.00 50.84 ? 983  GLU A OE1 1 
ATOM   41   O OE2 . GLU A 1 5   ? 20.790  -5.897  4.694   1.00 47.90 ? 983  GLU A OE2 1 
ATOM   42   N N   . ASP A 1 6   ? 22.159  -1.229  0.853   1.00 17.91 ? 984  ASP A N   1 
ATOM   43   C CA  . ASP A 1 6   ? 21.986  -0.040  -0.015  1.00 18.90 ? 984  ASP A CA  1 
ATOM   44   C C   . ASP A 1 6   ? 20.779  -0.314  -0.946  1.00 16.52 ? 984  ASP A C   1 
ATOM   45   O O   . ASP A 1 6   ? 19.965  0.636   -1.182  1.00 15.98 ? 984  ASP A O   1 
ATOM   46   C CB  . ASP A 1 6   ? 23.239  0.347   -0.791  1.00 23.27 ? 984  ASP A CB  1 
ATOM   47   C CG  . ASP A 1 6   ? 24.352  1.014   0.050   1.00 25.57 ? 984  ASP A CG  1 
ATOM   48   O OD1 . ASP A 1 6   ? 24.127  1.286   1.244   1.00 30.30 ? 984  ASP A OD1 1 
ATOM   49   O OD2 . ASP A 1 6   ? 25.389  1.163   -0.489  1.00 36.44 ? 984  ASP A OD2 1 
ATOM   50   N N   . THR A 1 7   ? 20.617  -1.505  -1.490  1.00 14.52 ? 985  THR A N   1 
ATOM   51   C CA  . THR A 1 7   ? 19.479  -1.891  -2.358  1.00 12.95 ? 985  THR A CA  1 
ATOM   52   C C   . THR A 1 7   ? 18.201  -1.686  -1.535  1.00 13.69 ? 985  THR A C   1 
ATOM   53   O O   . THR A 1 7   ? 17.244  -0.981  -2.065  1.00 12.28 ? 985  THR A O   1 
ATOM   54   C CB  . THR A 1 7   ? 19.560  -3.321  -2.901  1.00 13.30 ? 985  THR A CB  1 
ATOM   55   O OG1 . THR A 1 7   ? 20.786  -3.429  -3.663  1.00 16.77 ? 985  THR A OG1 1 
ATOM   56   C CG2 . THR A 1 7   ? 18.368  -3.712  -3.729  1.00 14.04 ? 985  THR A CG2 1 
ATOM   57   N N   . PHE A 1 8   ? 18.040  -2.217  -0.321  1.00 13.71 ? 986  PHE A N   1 
ATOM   58   C CA  . PHE A 1 8   ? 16.801  -2.059  0.449   1.00 13.59 ? 986  PHE A CA  1 
ATOM   59   C C   . PHE A 1 8   ? 16.556  -0.594  0.838   1.00 13.61 ? 986  PHE A C   1 
ATOM   60   O O   . PHE A 1 8   ? 15.384  -0.176  0.910   1.00 13.64 ? 986  PHE A O   1 
ATOM   61   C CB  . PHE A 1 8   ? 16.730  -3.038  1.633   1.00 14.04 ? 986  PHE A CB  1 
ATOM   62   C CG  . PHE A 1 8   ? 16.659  -4.483  1.269   1.00 14.60 ? 986  PHE A CG  1 
ATOM   63   C CD1 . PHE A 1 8   ? 15.749  -4.984  0.377   1.00 15.79 ? 986  PHE A CD1 1 
ATOM   64   C CD2 . PHE A 1 8   ? 17.518  -5.408  1.843   1.00 15.68 ? 986  PHE A CD2 1 
ATOM   65   C CE1 . PHE A 1 8   ? 15.668  -6.322  0.028   1.00 16.89 ? 986  PHE A CE1 1 
ATOM   66   C CE2 . PHE A 1 8   ? 17.399  -6.754  1.546   1.00 16.12 ? 986  PHE A CE2 1 
ATOM   67   C CZ  . PHE A 1 8   ? 16.515  -7.223  0.632   1.00 17.68 ? 986  PHE A CZ  1 
ATOM   68   N N   A ARG A 1 9   ? 17.608  0.175   1.090   0.23 13.20 ? 987  ARG A N   1 
ATOM   69   N N   B ARG A 1 9   ? 17.596  0.208   1.058   0.23 13.21 ? 987  ARG A N   1 
ATOM   70   N N   C ARG A 1 9   ? 17.587  0.226   1.047   0.04 12.24 ? 987  ARG A N   1 
ATOM   71   C CA  A ARG A 1 9   ? 17.456  1.618   1.381   0.23 14.25 ? 987  ARG A CA  1 
ATOM   72   C CA  B ARG A 1 9   ? 17.439  1.655   1.375   0.23 14.32 ? 987  ARG A CA  1 
ATOM   73   C CA  C ARG A 1 9   ? 17.348  1.654   1.399   0.04 11.67 ? 987  ARG A CA  1 
ATOM   74   C C   A ARG A 1 9   ? 16.785  2.276   0.166   0.23 12.63 ? 987  ARG A C   1 
ATOM   75   C C   B ARG A 1 9   ? 16.880  2.409   0.152   0.23 12.73 ? 987  ARG A C   1 
ATOM   76   C C   C ARG A 1 9   ? 16.884  2.437   0.160   0.04 11.71 ? 987  ARG A C   1 
ATOM   77   O O   A ARG A 1 9   ? 15.736  2.940   0.375   0.23 11.04 ? 987  ARG A O   1 
ATOM   78   O O   B ARG A 1 9   ? 16.053  3.347   0.303   0.23 11.02 ? 987  ARG A O   1 
ATOM   79   O O   C ARG A 1 9   ? 16.130  3.417   0.338   0.04 11.48 ? 987  ARG A O   1 
ATOM   80   C CB  A ARG A 1 9   ? 18.788  2.273   1.749   0.23 16.34 ? 987  ARG A CB  1 
ATOM   81   C CB  B ARG A 1 9   ? 18.774  2.250   1.827   0.23 16.37 ? 987  ARG A CB  1 
ATOM   82   C CB  C ARG A 1 9   ? 18.575  2.315   2.026   0.04 10.93 ? 987  ARG A CB  1 
ATOM   83   C CG  A ARG A 1 9   ? 18.638  3.469   2.676   0.23 17.65 ? 987  ARG A CG  1 
ATOM   84   C CG  B ARG A 1 9   ? 18.727  3.745   2.090   0.23 17.66 ? 987  ARG A CG  1 
ATOM   85   C CG  C ARG A 1 9   ? 18.301  3.724   2.533   0.04 10.31 ? 987  ARG A CG  1 
ATOM   86   C CD  A ARG A 1 9   ? 19.939  3.914   3.332   0.23 18.64 ? 987  ARG A CD  1 
ATOM   87   C CD  B ARG A 1 9   ? 19.942  4.272   2.826   0.23 18.85 ? 987  ARG A CD  1 
ATOM   88   C CD  C ARG A 1 9   ? 19.359  4.061   3.551   0.04 9.78  ? 987  ARG A CD  1 
ATOM   89   N NE  A ARG A 1 9   ? 20.591  2.899   4.151   0.23 21.37 ? 987  ARG A NE  1 
ATOM   90   N NE  B ARG A 1 9   ? 19.759  5.675   3.179   0.23 20.83 ? 987  ARG A NE  1 
ATOM   91   N NE  C ARG A 1 9   ? 19.468  5.401   4.112   0.04 9.51  ? 987  ARG A NE  1 
ATOM   92   C CZ  A ARG A 1 9   ? 21.710  2.249   3.806   0.23 21.32 ? 987  ARG A CZ  1 
ATOM   93   C CZ  B ARG A 1 9   ? 20.078  6.732   2.429   0.23 15.89 ? 987  ARG A CZ  1 
ATOM   94   C CZ  C ARG A 1 9   ? 19.050  6.563   3.611   0.04 9.06  ? 987  ARG A CZ  1 
ATOM   95   N NH1 A ARG A 1 9   ? 22.329  2.532   2.682   0.23 21.30 ? 987  ARG A NH1 1 
ATOM   96   N NH1 B ARG A 1 9   ? 19.834  7.914   2.956   0.23 21.50 ? 987  ARG A NH1 1 
ATOM   97   N NH1 C ARG A 1 9   ? 19.326  7.650   4.310   0.04 8.86  ? 987  ARG A NH1 1 
ATOM   98   N NH2 A ARG A 1 9   ? 22.215  1.340   4.604   0.23 20.66 ? 987  ARG A NH2 1 
ATOM   99   N NH2 B ARG A 1 9   ? 20.537  6.644   1.175   0.23 14.45 ? 987  ARG A NH2 1 
ATOM   100  N NH2 C ARG A 1 9   ? 18.336  6.658   2.495   0.04 8.52  ? 987  ARG A NH2 1 
ATOM   101  N N   . GLU A 1 10  ? 17.314  2.044   -1.042  1.00 12.17 ? 988  GLU A N   1 
ATOM   102  C CA  . GLU A 1 10  ? 16.766  2.650   -2.294  1.00 11.37 ? 988  GLU A CA  1 
ATOM   103  C C   . GLU A 1 10  ? 15.302  2.201   -2.429  1.00 11.03 ? 988  GLU A C   1 
ATOM   104  O O   . GLU A 1 10  ? 14.427  3.063   -2.764  1.00 10.63 ? 988  GLU A O   1 
ATOM   105  C CB  . GLU A 1 10  ? 17.604  2.293   -3.521  1.00 10.61 ? 988  GLU A CB  1 
ATOM   106  C CG  . GLU A 1 10  ? 17.000  2.801   -4.828  1.00 11.87 ? 988  GLU A CG  1 
ATOM   107  C CD  . GLU A 1 10  ? 17.855  2.945   -6.044  1.00 14.01 ? 988  GLU A CD  1 
ATOM   108  O OE1 . GLU A 1 10  ? 17.330  3.272   -7.140  1.00 14.38 ? 988  GLU A OE1 1 
ATOM   109  O OE2 . GLU A 1 10  ? 19.091  2.642   -5.886  1.00 15.91 ? 988  GLU A OE2 1 
ATOM   110  N N   . LEU A 1 11  ? 14.965  0.957   -2.155  1.00 10.06 ? 989  LEU A N   1 
ATOM   111  C CA  . LEU A 1 11  ? 13.562  0.509   -2.180  1.00 10.44 ? 989  LEU A CA  1 
ATOM   112  C C   . LEU A 1 11  ? 12.727  1.364   -1.241  1.00 10.64 ? 989  LEU A C   1 
ATOM   113  O O   . LEU A 1 11  ? 11.607  1.846   -1.643  1.00 11.39 ? 989  LEU A O   1 
ATOM   114  C CB  . LEU A 1 11  ? 13.437  -0.955  -1.766  1.00 12.48 ? 989  LEU A CB  1 
ATOM   115  C CG  . LEU A 1 11  ? 11.998  -1.491  -1.625  1.00 13.37 ? 989  LEU A CG  1 
ATOM   116  C CD1 . LEU A 1 11  ? 11.294  -1.524  -2.958  1.00 14.68 ? 989  LEU A CD1 1 
ATOM   117  C CD2 . LEU A 1 11  ? 12.038  -2.879  -1.004  1.00 17.39 ? 989  LEU A CD2 1 
ATOM   118  N N   . ARG A 1 12  ? 13.137  1.596   0.003   1.00 11.14 ? 990  ARG A N   1 
ATOM   119  C CA  . ARG A 1 12  ? 12.340  2.374   0.971   1.00 10.60 ? 990  ARG A CA  1 
ATOM   120  C C   . ARG A 1 12  ? 12.171  3.808   0.465   1.00 11.42 ? 990  ARG A C   1 
ATOM   121  O O   . ARG A 1 12  ? 11.032  4.393   0.629   1.00 11.03 ? 990  ARG A O   1 
ATOM   122  C CB  . ARG A 1 12  ? 12.975  2.332   2.382   1.00 12.01 ? 990  ARG A CB  1 
ATOM   123  C CG  . ARG A 1 12  ? 12.943  0.956   3.016   1.00 12.60 ? 990  ARG A CG  1 
ATOM   124  C CD  . ARG A 1 12  ? 13.388  0.972   4.499   1.00 13.17 ? 990  ARG A CD  1 
ATOM   125  N NE  . ARG A 1 12  ? 14.778  1.414   4.708   1.00 14.09 ? 990  ARG A NE  1 
ATOM   126  C CZ  . ARG A 1 12  ? 15.823  0.568   4.725   1.00 13.30 ? 990  ARG A CZ  1 
ATOM   127  N NH1 . ARG A 1 12  ? 17.046  1.062   4.966   1.00 17.18 ? 990  ARG A NH1 1 
ATOM   128  N NH2 . ARG A 1 12  ? 15.683  -0.686  4.492   1.00 14.18 ? 990  ARG A NH2 1 
ATOM   129  N N   . ILE A 1 13  ? 13.192  4.449   -0.095  1.00 10.79 ? 991  ILE A N   1 
ATOM   130  C CA  . ILE A 1 13  ? 13.097  5.835   -0.637  1.00 11.43 ? 991  ILE A CA  1 
ATOM   131  C C   . ILE A 1 13  ? 12.006  5.833   -1.731  1.00 10.21 ? 991  ILE A C   1 
ATOM   132  O O   . ILE A 1 13  ? 11.076  6.732   -1.711  1.00 10.83 ? 991  ILE A O   1 
ATOM   133  C CB  . ILE A 1 13  ? 14.451  6.372   -1.149  1.00 13.47 ? 991  ILE A CB  1 
ATOM   134  C CG1 . ILE A 1 13  ? 15.399  6.578   0.053   1.00 17.72 ? 991  ILE A CG1 1 
ATOM   135  C CG2 . ILE A 1 13  ? 14.256  7.657   -1.951  1.00 14.81 ? 991  ILE A CG2 1 
ATOM   136  C CD1 . ILE A 1 13  ? 16.849  6.580   -0.363  1.00 21.93 ? 991  ILE A CD1 1 
ATOM   137  N N   . PHE A 1 14  ? 12.042  4.870   -2.650  1.00 10.56 ? 992  PHE A N   1 
ATOM   138  C CA  . PHE A 1 14  ? 11.050  4.765   -3.748  1.00 10.81 ? 992  PHE A CA  1 
ATOM   139  C C   . PHE A 1 14  ? 9.645   4.608   -3.156  1.00 10.33 ? 992  PHE A C   1 
ATOM   140  O O   . PHE A 1 14  ? 8.678   5.318   -3.586  1.00 10.22 ? 992  PHE A O   1 
ATOM   141  C CB  . PHE A 1 14  ? 11.427  3.627   -4.671  1.00 11.75 ? 992  PHE A CB  1 
ATOM   142  C CG  . PHE A 1 14  ? 10.427  3.313   -5.760  1.00 13.12 ? 992  PHE A CG  1 
ATOM   143  C CD1 . PHE A 1 14  ? 10.287  4.145   -6.840  1.00 15.17 ? 992  PHE A CD1 1 
ATOM   144  C CD2 . PHE A 1 14  ? 9.644   2.190   -5.678  1.00 14.36 ? 992  PHE A CD2 1 
ATOM   145  C CE1 . PHE A 1 14  ? 9.295   3.877   -7.828  1.00 15.37 ? 992  PHE A CE1 1 
ATOM   146  C CE2 . PHE A 1 14  ? 8.682   1.925   -6.657  1.00 16.38 ? 992  PHE A CE2 1 
ATOM   147  C CZ  . PHE A 1 14  ? 8.511   2.784   -7.689  1.00 14.48 ? 992  PHE A CZ  1 
ATOM   148  N N   . LEU A 1 15  ? 9.463   3.704   -2.197  1.00 10.29 ? 993  LEU A N   1 
ATOM   149  C CA  . LEU A 1 15  ? 8.109   3.446   -1.634  1.00 10.38 ? 993  LEU A CA  1 
ATOM   150  C C   . LEU A 1 15  ? 7.609   4.651   -0.866  1.00 10.33 ? 993  LEU A C   1 
ATOM   151  O O   . LEU A 1 15  ? 6.355   4.944   -0.937  1.00 11.27 ? 993  LEU A O   1 
ATOM   152  C CB  . LEU A 1 15  ? 8.121   2.212   -0.728  1.00 10.90 ? 993  LEU A CB  1 
ATOM   153  C CG  . LEU A 1 15  ? 8.454   0.884   -1.431  1.00 12.05 ? 993  LEU A CG  1 
ATOM   154  C CD1 . LEU A 1 15  ? 8.457   -0.285  -0.398  1.00 13.27 ? 993  LEU A CD1 1 
ATOM   155  C CD2 . LEU A 1 15  ? 7.490   0.595   -2.585  1.00 12.36 ? 993  LEU A CD2 1 
ATOM   156  N N   . ARG A 1 16  ? 8.414   5.399   -0.126  1.00 10.34 ? 994  ARG A N   1 
ATOM   157  C CA  . ARG A 1 16  ? 7.947   6.601   0.585   1.00 10.05 ? 994  ARG A CA  1 
ATOM   158  C C   . ARG A 1 16  ? 7.454   7.628   -0.435  1.00 11.18 ? 994  ARG A C   1 
ATOM   159  O O   . ARG A 1 16  ? 6.441   8.333   -0.188  1.00 12.20 ? 994  ARG A O   1 
ATOM   160  C CB  . ARG A 1 16  ? 9.010   7.257   1.491   1.00 13.16 ? 994  ARG A CB  1 
ATOM   161  C CG  . ARG A 1 16  ? 9.509   6.431   2.654   1.00 14.15 ? 994  ARG A CG  1 
ATOM   162  C CD  . ARG A 1 16  ? 10.355  7.332   3.618   1.00 15.16 ? 994  ARG A CD  1 
ATOM   163  N NE  . ARG A 1 16  ? 11.062  6.454   4.518   1.00 15.45 ? 994  ARG A NE  1 
ATOM   164  C CZ  . ARG A 1 16  ? 12.184  5.860   4.322   1.00 15.07 ? 994  ARG A CZ  1 
ATOM   165  N NH1 . ARG A 1 16  ? 13.035  6.171   3.374   1.00 13.65 ? 994  ARG A NH1 1 
ATOM   166  N NH2 . ARG A 1 16  ? 12.561  4.930   5.215   1.00 18.46 ? 994  ARG A NH2 1 
ATOM   167  N N   . ASN A 1 17  ? 8.131   7.792   -1.558  1.00 10.55 ? 995  ASN A N   1 
ATOM   168  C CA  . ASN A 1 17  ? 7.766   8.810   -2.572  1.00 11.67 ? 995  ASN A CA  1 
ATOM   169  C C   . ASN A 1 17  ? 6.427   8.393   -3.212  1.00 10.87 ? 995  ASN A C   1 
ATOM   170  O O   . ASN A 1 17  ? 5.544   9.311   -3.335  1.00 10.81 ? 995  ASN A O   1 
ATOM   171  C CB  . ASN A 1 17  ? 8.917   8.947   -3.574  1.00 12.25 ? 995  ASN A CB  1 
ATOM   172  C CG  . ASN A 1 17  ? 8.529   9.928   -4.641  1.00 16.49 ? 995  ASN A CG  1 
ATOM   173  O OD1 . ASN A 1 17  ? 8.021   9.506   -5.604  1.00 16.08 ? 995  ASN A OD1 1 
ATOM   174  N ND2 . ASN A 1 17  ? 8.610   11.224  -4.386  1.00 17.55 ? 995  ASN A ND2 1 
ATOM   175  N N   . VAL A 1 18  ? 6.259   7.170   -3.642  1.00 10.21 ? 996  VAL A N   1 
ATOM   176  C CA  . VAL A 1 18  ? 4.941   6.746   -4.231  1.00 10.52 ? 996  VAL A CA  1 
ATOM   177  C C   . VAL A 1 18  ? 3.839   6.988   -3.181  1.00 10.70 ? 996  VAL A C   1 
ATOM   178  O O   . VAL A 1 18  ? 2.753   7.550   -3.500  1.00 10.97 ? 996  VAL A O   1 
ATOM   179  C CB  . VAL A 1 18  ? 4.994   5.280   -4.630  1.00 11.09 ? 996  VAL A CB  1 
ATOM   180  C CG1 . VAL A 1 18  ? 3.600   4.793   -5.097  1.00 12.22 ? 996  VAL A CG1 1 
ATOM   181  C CG2 . VAL A 1 18  ? 6.053   5.011   -5.710  1.00 12.11 ? 996  VAL A CG2 1 
ATOM   182  N N   . THR A 1 19  ? 4.046   6.600   -1.920  1.00 10.53 ? 997  THR A N   1 
ATOM   183  C CA  . THR A 1 19  ? 2.982   6.678   -0.888  1.00 10.52 ? 997  THR A CA  1 
ATOM   184  C C   . THR A 1 19  ? 2.635   8.153   -0.641  1.00 11.39 ? 997  THR A C   1 
ATOM   185  O O   . THR A 1 19  ? 1.417   8.461   -0.460  1.00 11.82 ? 997  THR A O   1 
ATOM   186  C CB  . THR A 1 19  ? 3.403   5.945   0.404   1.00 11.17 ? 997  THR A CB  1 
ATOM   187  O OG1 . THR A 1 19  ? 3.831   4.615   0.098   1.00 11.31 ? 997  THR A OG1 1 
ATOM   188  C CG2 . THR A 1 19  ? 2.295   5.859   1.419   1.00 13.46 ? 997  THR A CG2 1 
ATOM   189  N N   . HIS A 1 20  ? 3.604   9.050   -0.564  1.00 10.81 ? 998  HIS A N   1 
ATOM   190  C CA  . HIS A 1 20  ? 3.319   10.494  -0.373  1.00 11.30 ? 998  HIS A CA  1 
ATOM   191  C C   . HIS A 1 20  ? 2.450   10.993  -1.523  1.00 12.24 ? 998  HIS A C   1 
ATOM   192  O O   . HIS A 1 20  ? 1.504   11.798  -1.276  1.00 12.78 ? 998  HIS A O   1 
ATOM   193  C CB  . HIS A 1 20  ? 4.648   11.289  -0.349  1.00 14.24 ? 998  HIS A CB  1 
ATOM   194  C CG  . HIS A 1 20  ? 4.469   12.748  -0.173  1.00 18.36 ? 998  HIS A CG  1 
ATOM   195  N ND1 . HIS A 1 20  ? 4.668   13.722  -1.147  1.00 24.84 ? 998  HIS A ND1 1 
ATOM   196  C CD2 . HIS A 1 20  ? 4.032   13.411  0.927   1.00 19.15 ? 998  HIS A CD2 1 
ATOM   197  C CE1 . HIS A 1 20  ? 4.411   14.926  -0.640  1.00 21.85 ? 998  HIS A CE1 1 
ATOM   198  N NE2 . HIS A 1 20  ? 3.946   14.756  0.618   1.00 25.11 ? 998  HIS A NE2 1 
ATOM   199  N N   . ARG A 1 21  ? 2.742   10.634  -2.766  1.00 11.53 ? 999  ARG A N   1 
ATOM   200  C CA  . ARG A 1 21  ? 1.990   11.107  -3.952  1.00 13.04 ? 999  ARG A CA  1 
ATOM   201  C C   . ARG A 1 21  ? 0.533   10.618  -3.857  1.00 13.20 ? 999  ARG A C   1 
ATOM   202  O O   . ARG A 1 21  ? -0.435  11.341  -4.235  1.00 14.70 ? 999  ARG A O   1 
ATOM   203  C CB  . ARG A 1 21  ? 2.666   10.739  -5.263  1.00 13.25 ? 999  ARG A CB  1 
ATOM   204  C CG  . ARG A 1 21  ? 3.979   11.553  -5.459  1.00 15.19 ? 999  ARG A CG  1 
ATOM   205  C CD  . ARG A 1 21  ? 5.026   10.848  -6.322  1.00 15.05 ? 999  ARG A CD  1 
ATOM   206  N NE  . ARG A 1 21  ? 4.545   10.659  -7.653  1.00 14.81 ? 999  ARG A NE  1 
ATOM   207  C CZ  . ARG A 1 21  ? 5.202   9.951   -8.541  1.00 13.09 ? 999  ARG A CZ  1 
ATOM   208  N NH1 . ARG A 1 21  ? 4.734   9.798   -9.756  1.00 13.89 ? 999  ARG A NH1 1 
ATOM   209  N NH2 . ARG A 1 21  ? 6.325   9.325   -8.195  1.00 14.02 ? 999  ARG A NH2 1 
ATOM   210  N N   . LEU A 1 22  ? 0.271   9.413   -3.368  1.00 12.19 ? 1000 LEU A N   1 
ATOM   211  C CA  . LEU A 1 22  ? -1.114  8.910   -3.159  1.00 12.10 ? 1000 LEU A CA  1 
ATOM   212  C C   . LEU A 1 22  ? -1.759  9.678   -2.013  1.00 12.69 ? 1000 LEU A C   1 
ATOM   213  O O   . LEU A 1 22  ? -2.954  10.127  -2.132  1.00 13.96 ? 1000 LEU A O   1 
ATOM   214  C CB  . LEU A 1 22  ? -1.063  7.412   -2.856  1.00 12.38 ? 1000 LEU A CB  1 
ATOM   215  C CG  . LEU A 1 22  ? -0.506  6.511   -3.942  1.00 12.56 ? 1000 LEU A CG  1 
ATOM   216  C CD1 . LEU A 1 22  ? -0.398  5.081   -3.431  1.00 13.70 ? 1000 LEU A CD1 1 
ATOM   217  C CD2 . LEU A 1 22  ? -1.308  6.546   -5.258  1.00 12.91 ? 1000 LEU A CD2 1 
ATOM   218  N N   . ALA A 1 23  ? -1.078  9.921   -0.909  1.00 12.39 ? 1001 ALA A N   1 
ATOM   219  C CA  . ALA A 1 23  ? -1.647  10.505  0.333   1.00 13.21 ? 1001 ALA A CA  1 
ATOM   220  C C   . ALA A 1 23  ? -2.046  11.968  0.154   1.00 15.04 ? 1001 ALA A C   1 
ATOM   221  O O   . ALA A 1 23  ? -2.982  12.405  0.891   1.00 16.93 ? 1001 ALA A O   1 
ATOM   222  C CB  . ALA A 1 23  ? -0.703  10.348  1.485   1.00 14.51 ? 1001 ALA A CB  1 
ATOM   223  N N   . ILE A 1 24  ? -1.451  12.699  -0.778  1.00 15.06 ? 1002 ILE A N   1 
ATOM   224  C CA  . ILE A 1 24  ? -1.806  14.139  -0.978  1.00 15.76 ? 1002 ILE A CA  1 
ATOM   225  C C   . ILE A 1 24  ? -2.939  14.246  -1.980  1.00 17.48 ? 1002 ILE A C   1 
ATOM   226  O O   . ILE A 1 24  ? -3.457  15.423  -2.161  1.00 20.66 ? 1002 ILE A O   1 
ATOM   227  C CB  . ILE A 1 24  ? -0.583  14.999  -1.368  1.00 17.32 ? 1002 ILE A CB  1 
ATOM   228  C CG1 . ILE A 1 24  ? -0.026  14.631  -2.738  1.00 18.41 ? 1002 ILE A CG1 1 
ATOM   229  C CG2 . ILE A 1 24  ? 0.457   14.971  -0.265  1.00 19.40 ? 1002 ILE A CG2 1 
ATOM   230  C CD1 . ILE A 1 24  ? 1.227   15.501  -3.128  1.00 25.04 ? 1002 ILE A CD1 1 
ATOM   231  N N   . ASP A 1 25  ? -3.323  13.228  -2.738  1.00 16.13 ? 1003 ASP A N   1 
ATOM   232  C CA  . ASP A 1 25  ? -4.437  13.325  -3.731  1.00 16.46 ? 1003 ASP A CA  1 
ATOM   233  C C   . ASP A 1 25  ? -5.759  13.415  -2.973  1.00 19.08 ? 1003 ASP A C   1 
ATOM   234  O O   . ASP A 1 25  ? -6.092  12.541  -2.147  1.00 17.09 ? 1003 ASP A O   1 
ATOM   235  C CB  . ASP A 1 25  ? -4.397  12.121  -4.631  1.00 16.89 ? 1003 ASP A CB  1 
ATOM   236  C CG  . ASP A 1 25  ? -5.296  12.162  -5.872  1.00 18.99 ? 1003 ASP A CG  1 
ATOM   237  O OD1 . ASP A 1 25  ? -6.513  12.381  -5.648  1.00 19.78 ? 1003 ASP A OD1 1 
ATOM   238  O OD2 . ASP A 1 25  ? -4.838  11.802  -6.958  1.00 21.28 ? 1003 ASP A OD2 1 
ATOM   239  N N   . LYS A 1 26  ? -6.536  14.498  -3.185  1.00 18.22 ? 1004 LYS A N   1 
ATOM   240  C CA  . LYS A 1 26  ? -7.817  14.705  -2.461  1.00 19.54 ? 1004 LYS A CA  1 
ATOM   241  C C   . LYS A 1 26  ? -8.789  13.524  -2.591  1.00 17.19 ? 1004 LYS A C   1 
ATOM   242  O O   . LYS A 1 26  ? -9.588  13.349  -1.621  1.00 19.80 ? 1004 LYS A O   1 
ATOM   243  C CB  . LYS A 1 26  ? -8.507  15.997  -2.978  1.00 23.84 ? 1004 LYS A CB  1 
ATOM   244  N N   . ARG A 1 27  ? -8.767  12.775  -3.669  1.00 15.96 ? 1005 ARG A N   1 
ATOM   245  C CA  . ARG A 1 27  ? -9.683  11.604  -3.859  1.00 15.85 ? 1005 ARG A CA  1 
ATOM   246  C C   . ARG A 1 27  ? -9.446  10.565  -2.761  1.00 17.15 ? 1005 ARG A C   1 
ATOM   247  O O   . ARG A 1 27  ? -10.378 9.802   -2.442  1.00 17.92 ? 1005 ARG A O   1 
ATOM   248  C CB  . ARG A 1 27  ? -9.568  10.908  -5.193  1.00 16.27 ? 1005 ARG A CB  1 
ATOM   249  C CG  . ARG A 1 27  ? -9.931  11.771  -6.415  1.00 17.48 ? 1005 ARG A CG  1 
ATOM   250  C CD  . ARG A 1 27  ? -9.575  11.095  -7.697  1.00 18.18 ? 1005 ARG A CD  1 
ATOM   251  N NE  . ARG A 1 27  ? -8.107  11.020  -7.877  1.00 17.66 ? 1005 ARG A NE  1 
ATOM   252  C CZ  . ARG A 1 27  ? -7.512  10.337  -8.825  1.00 17.79 ? 1005 ARG A CZ  1 
ATOM   253  N NH1 . ARG A 1 27  ? -8.207  9.589   -9.670  1.00 19.58 ? 1005 ARG A NH1 1 
ATOM   254  N NH2 . ARG A 1 27  ? -6.186  10.325  -8.919  1.00 21.29 ? 1005 ARG A NH2 1 
ATOM   255  N N   . PHE A 1 28  ? -8.214  10.473  -2.245  1.00 15.89 ? 1006 PHE A N   1 
ATOM   256  C CA  . PHE A 1 28  ? -7.787  9.344   -1.381  1.00 15.13 ? 1006 PHE A CA  1 
ATOM   257  C C   . PHE A 1 28  ? -7.736  9.760   0.074   1.00 16.35 ? 1006 PHE A C   1 
ATOM   258  O O   . PHE A 1 28  ? -7.217  8.980   0.947   1.00 15.53 ? 1006 PHE A O   1 
ATOM   259  C CB  . PHE A 1 28  ? -6.434  8.832   -1.891  1.00 14.01 ? 1006 PHE A CB  1 
ATOM   260  C CG  . PHE A 1 28  ? -6.439  8.453   -3.351  1.00 14.35 ? 1006 PHE A CG  1 
ATOM   261  C CD1 . PHE A 1 28  ? -7.582  7.972   -4.007  1.00 13.82 ? 1006 PHE A CD1 1 
ATOM   262  C CD2 . PHE A 1 28  ? -5.282  8.572   -4.116  1.00 13.38 ? 1006 PHE A CD2 1 
ATOM   263  C CE1 . PHE A 1 28  ? -7.565  7.666   -5.345  1.00 14.63 ? 1006 PHE A CE1 1 
ATOM   264  C CE2 . PHE A 1 28  ? -5.261  8.298   -5.467  1.00 13.49 ? 1006 PHE A CE2 1 
ATOM   265  C CZ  . PHE A 1 28  ? -6.397  7.842   -6.106  1.00 14.23 ? 1006 PHE A CZ  1 
ATOM   266  N N   . ARG A 1 29  ? -8.278  10.912  0.467   1.00 15.76 ? 1007 ARG A N   1 
ATOM   267  C CA  . ARG A 1 29  ? -8.270  11.336  1.866   1.00 16.47 ? 1007 ARG A CA  1 
ATOM   268  C C   . ARG A 1 29  ? -8.838  10.287  2.816   1.00 15.94 ? 1007 ARG A C   1 
ATOM   269  O O   . ARG A 1 29  ? -8.278  10.123  3.929   1.00 17.56 ? 1007 ARG A O   1 
ATOM   270  C CB  . ARG A 1 29  ? -9.077  12.657  2.003   1.00 21.29 ? 1007 ARG A CB  1 
ATOM   271  C CG  . ARG A 1 29  ? -8.965  13.262  3.377   1.00 25.33 ? 1007 ARG A CG  1 
ATOM   272  C CD  . ARG A 1 29  ? -9.713  14.593  3.482   1.00 39.36 ? 1007 ARG A CD  1 
ATOM   273  N NE  . ARG A 1 29  ? -9.353  15.269  4.730   1.00 51.32 ? 1007 ARG A NE  1 
ATOM   274  C CZ  . ARG A 1 29  ? -9.757  14.911  5.959   1.00 70.66 ? 1007 ARG A CZ  1 
ATOM   275  N NH1 . ARG A 1 29  ? -9.348  15.605  7.012   1.00 76.24 ? 1007 ARG A NH1 1 
ATOM   276  N NH2 . ARG A 1 29  ? -10.555 13.868  6.143   1.00 78.29 ? 1007 ARG A NH2 1 
ATOM   277  N N   . VAL A 1 30  ? -9.929  9.614   2.464   1.00 16.30 ? 1008 VAL A N   1 
ATOM   278  C CA  . VAL A 1 30  ? -10.606 8.605   3.324   1.00 18.57 ? 1008 VAL A CA  1 
ATOM   279  C C   . VAL A 1 30  ? -9.651  7.427   3.633   1.00 18.54 ? 1008 VAL A C   1 
ATOM   280  O O   . VAL A 1 30  ? -9.879  6.733   4.637   1.00 21.92 ? 1008 VAL A O   1 
ATOM   281  C CB  . VAL A 1 30  ? -11.883 8.117   2.617   1.00 22.11 ? 1008 VAL A CB  1 
ATOM   282  C CG1 . VAL A 1 30  ? -11.686 7.400   1.292   1.00 23.71 ? 1008 VAL A CG1 1 
ATOM   283  C CG2 . VAL A 1 30  ? -12.799 7.301   3.500   1.00 28.09 ? 1008 VAL A CG2 1 
ATOM   284  N N   . PHE A 1 31  ? -8.584  7.225   2.835   1.00 16.24 ? 1009 PHE A N   1 
ATOM   285  C CA  . PHE A 1 31  ? -7.640  6.084   3.011   1.00 15.46 ? 1009 PHE A CA  1 
ATOM   286  C C   . PHE A 1 31  ? -6.368  6.533   3.745   1.00 15.12 ? 1009 PHE A C   1 
ATOM   287  O O   . PHE A 1 31  ? -5.436  5.659   3.876   1.00 15.12 ? 1009 PHE A O   1 
ATOM   288  C CB  . PHE A 1 31  ? -7.288  5.470   1.656   1.00 13.71 ? 1009 PHE A CB  1 
ATOM   289  C CG  . PHE A 1 31  ? -8.477  5.082   0.798   1.00 13.77 ? 1009 PHE A CG  1 
ATOM   290  C CD1 . PHE A 1 31  ? -9.436  4.187   1.247   1.00 15.22 ? 1009 PHE A CD1 1 
ATOM   291  C CD2 . PHE A 1 31  ? -8.673  5.641   -0.464  1.00 15.94 ? 1009 PHE A CD2 1 
ATOM   292  C CE1 . PHE A 1 31  ? -10.566 3.874   0.485   1.00 15.65 ? 1009 PHE A CE1 1 
ATOM   293  C CE2 . PHE A 1 31  ? -9.801  5.340   -1.232  1.00 17.78 ? 1009 PHE A CE2 1 
ATOM   294  C CZ  . PHE A 1 31  ? -10.764 4.459   -0.766  1.00 17.27 ? 1009 PHE A CZ  1 
ATOM   295  N N   . THR A 1 32  ? -6.238  7.763   4.226   1.00 15.13 ? 1010 THR A N   1 
ATOM   296  C CA  . THR A 1 32  ? -4.988  8.314   4.824   1.00 16.79 ? 1010 THR A CA  1 
ATOM   297  C C   . THR A 1 32  ? -4.777  7.956   6.298   1.00 19.17 ? 1010 THR A C   1 
ATOM   298  O O   . THR A 1 32  ? -3.623  7.990   6.676   1.00 22.12 ? 1010 THR A O   1 
ATOM   299  C CB  . THR A 1 32  ? -4.811  9.810   4.630   1.00 17.24 ? 1010 THR A CB  1 
ATOM   300  O OG1 . THR A 1 32  ? -5.881  10.539  5.274   1.00 17.76 ? 1010 THR A OG1 1 
ATOM   301  C CG2 . THR A 1 32  ? -4.735  10.184  3.171   1.00 17.87 ? 1010 THR A CG2 1 
ATOM   302  N N   . LYS A 1 33  ? -5.830  7.592   7.036   1.00 19.18 ? 1011 LYS A N   1 
ATOM   303  C CA  . LYS A 1 33  ? -5.745  7.316   8.500   1.00 20.95 ? 1011 LYS A CA  1 
ATOM   304  C C   . LYS A 1 33  ? -6.604  6.093   8.795   1.00 19.77 ? 1011 LYS A C   1 
ATOM   305  O O   . LYS A 1 33  ? -7.554  5.780   8.071   1.00 19.34 ? 1011 LYS A O   1 
ATOM   306  C CB  . LYS A 1 33  ? -6.236  8.524   9.320   1.00 27.20 ? 1011 LYS A CB  1 
ATOM   307  C CG  . LYS A 1 33  ? -5.430  9.804   9.133   1.00 31.44 ? 1011 LYS A CG  1 
ATOM   308  C CD  . LYS A 1 33  ? -5.702  10.869  10.199  1.00 45.81 ? 1011 LYS A CD  1 
ATOM   309  C CE  . LYS A 1 33  ? -7.096  11.462  10.118  1.00 56.23 ? 1011 LYS A CE  1 
ATOM   310  N NZ  . LYS A 1 33  ? -7.270  12.614  11.045  1.00 66.54 ? 1011 LYS A NZ  1 
ATOM   311  N N   . PRO A 1 34  ? -6.300  5.375   9.915   1.00 22.64 ? 1012 PRO A N   1 
ATOM   312  C CA  . PRO A 1 34  ? -7.141  4.263   10.330  1.00 25.62 ? 1012 PRO A CA  1 
ATOM   313  C C   . PRO A 1 34  ? -8.587  4.724   10.589  1.00 26.22 ? 1012 PRO A C   1 
ATOM   314  O O   . PRO A 1 34  ? -8.809  5.864   10.953  1.00 28.69 ? 1012 PRO A O   1 
ATOM   315  C CB  . PRO A 1 34  ? -6.506  3.712   11.624  1.00 26.55 ? 1012 PRO A CB  1 
ATOM   316  C CG  . PRO A 1 34  ? -5.149  4.355   11.703  1.00 26.19 ? 1012 PRO A CG  1 
ATOM   317  C CD  . PRO A 1 34  ? -5.185  5.610   10.821  1.00 24.12 ? 1012 PRO A CD  1 
ATOM   318  N N   . VAL A 1 35  ? -9.531  3.826   10.409  1.00 30.28 ? 1013 VAL A N   1 
ATOM   319  C CA  . VAL A 1 35  ? -10.975 4.086   10.715  1.00 34.36 ? 1013 VAL A CA  1 
ATOM   320  C C   . VAL A 1 35  ? -11.113 4.296   12.234  1.00 43.43 ? 1013 VAL A C   1 
ATOM   321  O O   . VAL A 1 35  ? -10.575 3.481   13.015  1.00 41.62 ? 1013 VAL A O   1 
ATOM   322  C CB  . VAL A 1 35  ? -11.875 2.939   10.217  1.00 31.40 ? 1013 VAL A CB  1 
ATOM   323  C CG1 . VAL A 1 35  ? -13.311 3.119   10.707  1.00 35.99 ? 1013 VAL A CG1 1 
ATOM   324  C CG2 . VAL A 1 35  ? -11.836 2.805   8.726   1.00 30.60 ? 1013 VAL A CG2 1 
ATOM   325  N N   . ASP A 1 36  ? -11.817 5.352   12.647  1.00 47.89 ? 1014 ASP A N   1 
ATOM   326  C CA  . ASP A 1 36  ? -12.004 5.688   14.084  1.00 56.29 ? 1014 ASP A CA  1 
ATOM   327  C C   . ASP A 1 36  ? -12.977 4.674   14.687  1.00 57.45 ? 1014 ASP A C   1 
ATOM   328  O O   . ASP A 1 36  ? -14.099 4.543   14.211  1.00 54.45 ? 1014 ASP A O   1 
ATOM   329  C CB  . ASP A 1 36  ? -12.466 7.138   14.245  1.00 62.16 ? 1014 ASP A CB  1 
ATOM   330  C CG  . ASP A 1 36  ? -12.283 7.676   15.655  1.00 70.73 ? 1014 ASP A CG  1 
ATOM   331  O OD1 . ASP A 1 36  ? -12.138 6.856   16.593  1.00 67.01 ? 1014 ASP A OD1 1 
ATOM   332  O OD2 . ASP A 1 36  ? -12.283 8.912   15.804  1.00 77.37 ? 1014 ASP A OD2 1 
ATOM   333  N N   . PRO A 1 37  ? -12.578 3.885   15.715  1.00 65.03 ? 1015 PRO A N   1 
ATOM   334  C CA  . PRO A 1 37  ? -13.490 2.914   16.327  1.00 73.23 ? 1015 PRO A CA  1 
ATOM   335  C C   . PRO A 1 37  ? -14.783 3.558   16.863  1.00 78.91 ? 1015 PRO A C   1 
ATOM   336  O O   . PRO A 1 37  ? -15.828 2.928   16.802  1.00 78.42 ? 1015 PRO A O   1 
ATOM   337  C CB  . PRO A 1 37  ? -12.680 2.313   17.486  1.00 70.38 ? 1015 PRO A CB  1 
ATOM   338  C CG  . PRO A 1 37  ? -11.233 2.575   17.116  1.00 70.13 ? 1015 PRO A CG  1 
ATOM   339  C CD  . PRO A 1 37  ? -11.248 3.879   16.343  1.00 67.38 ? 1015 PRO A CD  1 
ATOM   340  N N   . ASP A 1 38  ? -14.680 4.796   17.360  1.00 82.27 ? 1016 ASP A N   1 
ATOM   341  C CA  . ASP A 1 38  ? -15.832 5.627   17.804  1.00 82.02 ? 1016 ASP A CA  1 
ATOM   342  C C   . ASP A 1 38  ? -16.875 5.676   16.689  1.00 82.56 ? 1016 ASP A C   1 
ATOM   343  O O   . ASP A 1 38  ? -17.929 5.025   16.828  1.00 87.80 ? 1016 ASP A O   1 
ATOM   344  C CB  . ASP A 1 38  ? -15.387 7.042   18.175  1.00 84.05 ? 1016 ASP A CB  1 
ATOM   345  C CG  . ASP A 1 38  ? -14.675 7.123   19.513  1.00 85.61 ? 1016 ASP A CG  1 
ATOM   346  O OD1 . ASP A 1 38  ? -14.389 6.044   20.108  1.00 73.57 ? 1016 ASP A OD1 1 
ATOM   347  O OD2 . ASP A 1 38  ? -14.417 8.265   19.955  1.00 86.30 ? 1016 ASP A OD2 1 
ATOM   348  N N   . GLU A 1 39  ? -16.563 6.382   15.606  1.00 75.68 ? 1017 GLU A N   1 
ATOM   349  C CA  . GLU A 1 39  ? -17.526 6.698   14.521  1.00 68.31 ? 1017 GLU A CA  1 
ATOM   350  C C   . GLU A 1 39  ? -18.043 5.414   13.858  1.00 65.27 ? 1017 GLU A C   1 
ATOM   351  O O   . GLU A 1 39  ? -19.188 5.438   13.356  1.00 62.22 ? 1017 GLU A O   1 
ATOM   352  C CB  . GLU A 1 39  ? -16.867 7.601   13.482  1.00 78.65 ? 1017 GLU A CB  1 
ATOM   353  C CG  . GLU A 1 39  ? -16.352 8.909   14.048  1.00 86.00 ? 1017 GLU A CG  1 
ATOM   354  C CD  . GLU A 1 39  ? -15.792 9.828   12.979  1.00 95.06 ? 1017 GLU A CD  1 
ATOM   355  O OE1 . GLU A 1 39  ? -14.706 10.401  13.205  1.00 98.60 ? 1017 GLU A OE1 1 
ATOM   356  O OE2 . GLU A 1 39  ? -16.439 9.956   11.915  1.00 97.03 ? 1017 GLU A OE2 1 
ATOM   357  N N   . VAL A 1 40  ? -17.242 4.341   13.816  1.00 54.87 ? 1018 VAL A N   1 
ATOM   358  C CA  . VAL A 1 40  ? -17.622 3.078   13.115  1.00 46.84 ? 1018 VAL A CA  1 
ATOM   359  C C   . VAL A 1 40  ? -17.249 1.894   14.005  1.00 52.37 ? 1018 VAL A C   1 
ATOM   360  O O   . VAL A 1 40  ? -16.216 1.270   13.786  1.00 41.20 ? 1018 VAL A O   1 
ATOM   361  C CB  . VAL A 1 40  ? -16.946 2.981   11.728  1.00 47.45 ? 1018 VAL A CB  1 
ATOM   362  C CG1 . VAL A 1 40  ? -17.661 2.004   10.818  1.00 47.91 ? 1018 VAL A CG1 1 
ATOM   363  C CG2 . VAL A 1 40  ? -16.812 4.327   11.027  1.00 46.86 ? 1018 VAL A CG2 1 
ATOM   364  N N   . PRO A 1 41  ? -18.053 1.547   15.047  1.00 55.47 ? 1019 PRO A N   1 
ATOM   365  C CA  . PRO A 1 41  ? -17.661 0.508   16.012  1.00 49.77 ? 1019 PRO A CA  1 
ATOM   366  C C   . PRO A 1 41  ? -17.756 -0.892  15.390  1.00 41.22 ? 1019 PRO A C   1 
ATOM   367  O O   . PRO A 1 41  ? -17.089 -1.849  15.765  1.00 48.16 ? 1019 PRO A O   1 
ATOM   368  C CB  . PRO A 1 41  ? -18.680 0.689   17.153  1.00 57.10 ? 1019 PRO A CB  1 
ATOM   369  C CG  . PRO A 1 41  ? -19.920 1.241   16.456  1.00 56.40 ? 1019 PRO A CG  1 
ATOM   370  C CD  . PRO A 1 41  ? -19.384 2.117   15.337  1.00 60.70 ? 1019 PRO A CD  1 
ATOM   371  N N   . ASP A 1 42  ? -18.613 -0.969  14.400  1.00 38.09 ? 1020 ASP A N   1 
ATOM   372  C CA  . ASP A 1 42  ? -18.878 -2.123  13.527  1.00 35.63 ? 1020 ASP A CA  1 
ATOM   373  C C   . ASP A 1 42  ? -17.658 -2.464  12.620  1.00 34.31 ? 1020 ASP A C   1 
ATOM   374  O O   . ASP A 1 42  ? -17.597 -3.591  12.091  1.00 35.03 ? 1020 ASP A O   1 
ATOM   375  C CB  . ASP A 1 42  ? -20.139 -1.695  12.789  1.00 42.27 ? 1020 ASP A CB  1 
ATOM   376  C CG  . ASP A 1 42  ? -20.452 -2.572  11.622  1.00 44.87 ? 1020 ASP A CG  1 
ATOM   377  O OD1 . ASP A 1 42  ? -20.760 -3.750  11.876  1.00 60.79 ? 1020 ASP A OD1 1 
ATOM   378  O OD2 . ASP A 1 42  ? -20.368 -2.067  10.496  1.00 43.18 ? 1020 ASP A OD2 1 
ATOM   379  N N   . TYR A 1 43  ? -16.744 -1.527  12.367  1.00 34.53 ? 1021 TYR A N   1 
ATOM   380  C CA  . TYR A 1 43  ? -15.750 -1.712  11.260  1.00 32.04 ? 1021 TYR A CA  1 
ATOM   381  C C   . TYR A 1 43  ? -14.880 -2.943  11.561  1.00 29.46 ? 1021 TYR A C   1 
ATOM   382  O O   . TYR A 1 43  ? -14.735 -3.827  10.681  1.00 29.80 ? 1021 TYR A O   1 
ATOM   383  C CB  . TYR A 1 43  ? -14.900 -0.453  11.028  1.00 31.22 ? 1021 TYR A CB  1 
ATOM   384  C CG  . TYR A 1 43  ? -14.023 -0.527  9.782   1.00 25.92 ? 1021 TYR A CG  1 
ATOM   385  C CD1 . TYR A 1 43  ? -14.559 -0.418  8.509   1.00 24.42 ? 1021 TYR A CD1 1 
ATOM   386  C CD2 . TYR A 1 43  ? -12.660 -0.798  9.899   1.00 25.94 ? 1021 TYR A CD2 1 
ATOM   387  C CE1 . TYR A 1 43  ? -13.745 -0.503  7.370   1.00 23.11 ? 1021 TYR A CE1 1 
ATOM   388  C CE2 . TYR A 1 43  ? -11.838 -0.904  8.773   1.00 23.76 ? 1021 TYR A CE2 1 
ATOM   389  C CZ  . TYR A 1 43  ? -12.396 -0.784  7.518   1.00 22.08 ? 1021 TYR A CZ  1 
ATOM   390  O OH  . TYR A 1 43  ? -11.640 -0.889  6.375   1.00 20.50 ? 1021 TYR A OH  1 
ATOM   391  N N   . ARG A 1 44  ? -14.312 -2.970  12.762  1.00 33.03 ? 1022 ARG A N   1 
ATOM   392  C CA  . ARG A 1 44  ? -13.302 -3.985  13.170  1.00 34.28 ? 1022 ARG A CA  1 
ATOM   393  C C   . ARG A 1 44  ? -13.959 -5.331  13.452  1.00 36.89 ? 1022 ARG A C   1 
ATOM   394  O O   . ARG A 1 44  ? -13.193 -6.294  13.525  1.00 44.27 ? 1022 ARG A O   1 
ATOM   395  C CB  . ARG A 1 44  ? -12.443 -3.465  14.316  1.00 38.30 ? 1022 ARG A CB  1 
ATOM   396  C CG  . ARG A 1 44  ? -11.262 -2.652  13.823  1.00 42.65 ? 1022 ARG A CG  1 
ATOM   397  C CD  . ARG A 1 44  ? -10.532 -1.877  14.895  1.00 49.97 ? 1022 ARG A CD  1 
ATOM   398  N NE  . ARG A 1 44  ? -9.633  -0.991  14.168  1.00 54.43 ? 1022 ARG A NE  1 
ATOM   399  C CZ  . ARG A 1 44  ? -9.993  0.135   13.537  1.00 59.67 ? 1022 ARG A CZ  1 
ATOM   400  N NH1 . ARG A 1 44  ? -11.243 0.594   13.606  1.00 51.72 ? 1022 ARG A NH1 1 
ATOM   401  N NH2 . ARG A 1 44  ? -9.064  0.820   12.879  1.00 56.90 ? 1022 ARG A NH2 1 
ATOM   402  N N   . THR A 1 45  ? -15.292 -5.431  13.451  1.00 37.61 ? 1023 THR A N   1 
ATOM   403  C CA  . THR A 1 45  ? -15.969 -6.751  13.474  1.00 43.66 ? 1023 THR A CA  1 
ATOM   404  C C   . THR A 1 45  ? -16.073 -7.329  12.056  1.00 42.96 ? 1023 THR A C   1 
ATOM   405  O O   . THR A 1 45  ? -15.962 -8.563  11.948  1.00 44.89 ? 1023 THR A O   1 
ATOM   406  C CB  . THR A 1 45  ? -17.268 -6.689  14.296  1.00 46.87 ? 1023 THR A CB  1 
ATOM   407  O OG1 . THR A 1 45  ? -18.402 -6.261  13.527  1.00 44.33 ? 1023 THR A OG1 1 
ATOM   408  C CG2 . THR A 1 45  ? -17.057 -5.807  15.505  1.00 46.64 ? 1023 THR A CG2 1 
ATOM   409  N N   . VAL A 1 46  ? -16.230 -6.514  11.001  1.00 30.46 ? 1024 VAL A N   1 
ATOM   410  C CA  . VAL A 1 46  ? -16.364 -7.000  9.597   1.00 27.94 ? 1024 VAL A CA  1 
ATOM   411  C C   . VAL A 1 46  ? -14.952 -7.158  8.977   1.00 24.81 ? 1024 VAL A C   1 
ATOM   412  O O   . VAL A 1 46  ? -14.740 -8.123  8.259   1.00 26.47 ? 1024 VAL A O   1 
ATOM   413  C CB  . VAL A 1 46  ? -17.208 -6.015  8.743   1.00 31.26 ? 1024 VAL A CB  1 
ATOM   414  C CG1 . VAL A 1 46  ? -17.325 -6.459  7.277   1.00 27.73 ? 1024 VAL A CG1 1 
ATOM   415  C CG2 . VAL A 1 46  ? -18.591 -5.784  9.368   1.00 38.40 ? 1024 VAL A CG2 1 
ATOM   416  N N   . ILE A 1 47  ? -14.099 -6.138  9.138   1.00 22.30 ? 1025 ILE A N   1 
ATOM   417  C CA  . ILE A 1 47  ? -12.773 -6.055  8.488   1.00 20.94 ? 1025 ILE A CA  1 
ATOM   418  C C   . ILE A 1 47  ? -11.709 -6.572  9.500   1.00 15.90 ? 1025 ILE A C   1 
ATOM   419  O O   . ILE A 1 47  ? -11.408 -5.899  10.486  1.00 19.21 ? 1025 ILE A O   1 
ATOM   420  C CB  . ILE A 1 47  ? -12.537 -4.633  7.935   1.00 18.55 ? 1025 ILE A CB  1 
ATOM   421  C CG1 . ILE A 1 47  ? -13.595 -4.206  6.896   1.00 20.17 ? 1025 ILE A CG1 1 
ATOM   422  C CG2 . ILE A 1 47  ? -11.148 -4.552  7.336   1.00 16.61 ? 1025 ILE A CG2 1 
ATOM   423  C CD1 . ILE A 1 47  ? -13.621 -5.017  5.678   1.00 21.36 ? 1025 ILE A CD1 1 
ATOM   424  N N   . LYS A 1 48  ? -11.180 -7.686  9.099   1.00 19.83 ? 1026 LYS A N   1 
ATOM   425  C CA  . LYS A 1 48  ? -10.261 -8.417  10.014  1.00 18.53 ? 1026 LYS A CA  1 
ATOM   426  C C   . LYS A 1 48  ? -8.832  -7.905  9.948   1.00 19.82 ? 1026 LYS A C   1 
ATOM   427  O O   . LYS A 1 48  ? -8.175  -7.997  11.014  1.00 20.25 ? 1026 LYS A O   1 
ATOM   428  C CB  . LYS A 1 48  ? -10.294 -9.877  9.646   1.00 20.62 ? 1026 LYS A CB  1 
ATOM   429  C CG  . LYS A 1 48  ? -11.657 -10.567 9.773   1.00 22.16 ? 1026 LYS A CG  1 
ATOM   430  C CD  . LYS A 1 48  ? -12.234 -10.398 11.110  1.00 25.50 ? 1026 LYS A CD  1 
ATOM   431  C CE  . LYS A 1 48  ? -13.584 -11.078 11.300  1.00 26.03 ? 1026 LYS A CE  1 
ATOM   432  N NZ  . LYS A 1 48  ? -14.147 -10.637 12.596  1.00 29.25 ? 1026 LYS A NZ  1 
ATOM   433  N N   . GLU A 1 49  ? -8.384  -7.261  8.854   1.00 18.13 ? 1027 GLU A N   1 
ATOM   434  C CA  . GLU A 1 49  ? -7.019  -6.671  8.801   1.00 16.41 ? 1027 GLU A CA  1 
ATOM   435  C C   . GLU A 1 49  ? -7.168  -5.251  8.217   1.00 15.38 ? 1027 GLU A C   1 
ATOM   436  O O   . GLU A 1 49  ? -6.922  -5.080  7.000   1.00 15.66 ? 1027 GLU A O   1 
ATOM   437  C CB  . GLU A 1 49  ? -6.056  -7.551  8.019   1.00 17.17 ? 1027 GLU A CB  1 
ATOM   438  C CG  . GLU A 1 49  ? -4.617  -7.150  8.275   1.00 16.41 ? 1027 GLU A CG  1 
ATOM   439  C CD  . GLU A 1 49  ? -3.496  -7.939  7.649   1.00 17.83 ? 1027 GLU A CD  1 
ATOM   440  O OE1 . GLU A 1 49  ? -3.734  -8.907  6.951   1.00 19.76 ? 1027 GLU A OE1 1 
ATOM   441  O OE2 . GLU A 1 49  ? -2.292  -7.525  7.936   1.00 18.25 ? 1027 GLU A OE2 1 
ATOM   442  N N   . PRO A 1 50  ? -7.492  -4.269  9.054   1.00 14.30 ? 1028 PRO A N   1 
ATOM   443  C CA  . PRO A 1 50  ? -7.539  -2.867  8.594   1.00 14.26 ? 1028 PRO A CA  1 
ATOM   444  C C   . PRO A 1 50  ? -6.179  -2.441  8.025   1.00 14.87 ? 1028 PRO A C   1 
ATOM   445  O O   . PRO A 1 50  ? -5.083  -2.892  8.469   1.00 16.19 ? 1028 PRO A O   1 
ATOM   446  C CB  . PRO A 1 50  ? -7.891  -2.052  9.814   1.00 17.00 ? 1028 PRO A CB  1 
ATOM   447  C CG  . PRO A 1 50  ? -8.564  -3.041  10.759  1.00 20.20 ? 1028 PRO A CG  1 
ATOM   448  C CD  . PRO A 1 50  ? -7.906  -4.365  10.474  1.00 16.61 ? 1028 PRO A CD  1 
ATOM   449  N N   . MET A 1 51  ? -6.214  -1.537  7.018   1.00 14.17 ? 1029 MET A N   1 
ATOM   450  C CA  . MET A 1 51  ? -4.959  -0.977  6.455   1.00 13.83 ? 1029 MET A CA  1 
ATOM   451  C C   . MET A 1 51  ? -5.240  0.434   5.921   1.00 13.05 ? 1029 MET A C   1 
ATOM   452  O O   . MET A 1 51  ? -6.377  0.677   5.457   1.00 14.20 ? 1029 MET A O   1 
ATOM   453  C CB  . MET A 1 51  ? -4.375  -1.891  5.384   1.00 14.00 ? 1029 MET A CB  1 
ATOM   454  C CG  . MET A 1 51  ? -2.950  -1.544  4.905   1.00 13.89 ? 1029 MET A CG  1 
ATOM   455  S SD  . MET A 1 51  ? -1.657  -1.337  6.164   1.00 15.15 ? 1029 MET A SD  1 
ATOM   456  C CE  . MET A 1 51  ? -1.679  -2.932  7.041   1.00 15.64 ? 1029 MET A CE  1 
ATOM   457  N N   . ASP A 1 52  ? -4.248  1.312   5.987   1.00 12.57 ? 1030 ASP A N   1 
ATOM   458  C CA  . ASP A 1 52  ? -4.393  2.728   5.531   1.00 12.14 ? 1030 ASP A CA  1 
ATOM   459  C C   . ASP A 1 52  ? -3.012  3.275   5.187   1.00 13.23 ? 1030 ASP A C   1 
ATOM   460  O O   . ASP A 1 52  ? -1.962  2.637   5.526   1.00 13.54 ? 1030 ASP A O   1 
ATOM   461  C CB  . ASP A 1 52  ? -5.042  3.559   6.648   1.00 15.03 ? 1030 ASP A CB  1 
ATOM   462  C CG  . ASP A 1 52  ? -4.079  3.716   7.810   1.00 17.04 ? 1030 ASP A CG  1 
ATOM   463  O OD1 . ASP A 1 52  ? -4.047  2.776   8.692   1.00 22.05 ? 1030 ASP A OD1 1 
ATOM   464  O OD2 . ASP A 1 52  ? -3.304  4.657   7.832   1.00 19.22 ? 1030 ASP A OD2 1 
ATOM   465  N N   . LEU A 1 53  ? -2.927  4.435   4.534   1.00 13.38 ? 1031 LEU A N   1 
ATOM   466  C CA  . LEU A 1 53  ? -1.637  4.957   4.024   1.00 13.07 ? 1031 LEU A CA  1 
ATOM   467  C C   . LEU A 1 53  ? -0.659  5.416   5.135   1.00 14.67 ? 1031 LEU A C   1 
ATOM   468  O O   . LEU A 1 53  ? 0.549   5.360   4.953   1.00 14.59 ? 1031 LEU A O   1 
ATOM   469  C CB  . LEU A 1 53  ? -1.891  6.065   2.971   1.00 12.51 ? 1031 LEU A CB  1 
ATOM   470  C CG  . LEU A 1 53  ? -2.628  5.623   1.703   1.00 11.74 ? 1031 LEU A CG  1 
ATOM   471  C CD1 . LEU A 1 53  ? -3.019  6.848   0.862   1.00 14.46 ? 1031 LEU A CD1 1 
ATOM   472  C CD2 . LEU A 1 53  ? -1.828  4.638   0.855   1.00 13.04 ? 1031 LEU A CD2 1 
ATOM   473  N N   A SER A 1 54  ? -1.163  5.875   6.282   0.18 14.78 ? 1032 SER A N   1 
ATOM   474  N N   B SER A 1 54  ? -1.171  5.875   6.283   0.10 14.54 ? 1032 SER A N   1 
ATOM   475  N N   C SER A 1 54  ? -1.165  5.871   6.287   0.22 14.77 ? 1032 SER A N   1 
ATOM   476  C CA  A SER A 1 54  ? -0.292  6.240   7.430   0.18 15.34 ? 1032 SER A CA  1 
ATOM   477  C CA  B SER A 1 54  ? -0.325  6.242   7.453   0.10 14.84 ? 1032 SER A CA  1 
ATOM   478  C CA  C SER A 1 54  ? -0.297  6.237   7.439   0.22 15.40 ? 1032 SER A CA  1 
ATOM   479  C C   A SER A 1 54  ? 0.374   4.970   7.987   0.18 14.56 ? 1032 SER A C   1 
ATOM   480  C C   B SER A 1 54  ? 0.364   4.981   7.992   0.10 14.45 ? 1032 SER A C   1 
ATOM   481  C C   C SER A 1 54  ? 0.372   4.967   7.988   0.22 14.49 ? 1032 SER A C   1 
ATOM   482  O O   A SER A 1 54  ? 1.581   5.005   8.304   0.18 15.49 ? 1032 SER A O   1 
ATOM   483  O O   B SER A 1 54  ? 1.573   5.040   8.301   0.10 15.06 ? 1032 SER A O   1 
ATOM   484  O O   C SER A 1 54  ? 1.581   4.995   8.306   0.22 15.59 ? 1032 SER A O   1 
ATOM   485  C CB  A SER A 1 54  ? -1.042  6.998   8.510   0.18 16.96 ? 1032 SER A CB  1 
ATOM   486  C CB  B SER A 1 54  ? -1.106  6.947   8.546   0.10 15.61 ? 1032 SER A CB  1 
ATOM   487  C CB  C SER A 1 54  ? -1.036  7.009   8.536   0.22 17.21 ? 1032 SER A CB  1 
ATOM   488  O OG  A SER A 1 54  ? -1.391  8.302   8.064   0.18 18.39 ? 1032 SER A OG  1 
ATOM   489  O OG  B SER A 1 54  ? -0.256  7.301   9.632   0.10 16.12 ? 1032 SER A OG  1 
ATOM   490  O OG  C SER A 1 54  ? -1.921  6.181   9.285   0.22 18.80 ? 1032 SER A OG  1 
ATOM   491  N N   . SER A 1 55  ? -0.385  3.883   8.109   1.00 14.14 ? 1033 SER A N   1 
ATOM   492  C CA  . SER A 1 55  ? 0.166   2.580   8.565   1.00 14.62 ? 1033 SER A CA  1 
ATOM   493  C C   . SER A 1 55  ? 1.206   2.094   7.545   1.00 12.75 ? 1033 SER A C   1 
ATOM   494  O O   . SER A 1 55  ? 2.279   1.553   7.962   1.00 12.64 ? 1033 SER A O   1 
ATOM   495  C CB  . SER A 1 55  ? -0.858  1.574   8.814   1.00 14.78 ? 1033 SER A CB  1 
ATOM   496  O OG  . SER A 1 55  ? -1.763  2.027   9.848   1.00 19.42 ? 1033 SER A OG  1 
ATOM   497  N N   . VAL A 1 56  ? 0.982   2.246   6.235   1.00 12.59 ? 1034 VAL A N   1 
ATOM   498  C CA  . VAL A 1 56  ? 1.972   1.852   5.190   1.00 12.18 ? 1034 VAL A CA  1 
ATOM   499  C C   . VAL A 1 56  ? 3.287   2.614   5.398   1.00 12.16 ? 1034 VAL A C   1 
ATOM   500  O O   . VAL A 1 56  ? 4.362   2.006   5.317   1.00 12.51 ? 1034 VAL A O   1 
ATOM   501  C CB  . VAL A 1 56  ? 1.334   2.009   3.776   1.00 12.00 ? 1034 VAL A CB  1 
ATOM   502  C CG1 . VAL A 1 56  ? 2.401   1.872   2.678   1.00 13.21 ? 1034 VAL A CG1 1 
ATOM   503  C CG2 . VAL A 1 56  ? 0.264   0.994   3.539   1.00 13.40 ? 1034 VAL A CG2 1 
ATOM   504  N N   A ILE A 1 57  ? 3.210   3.923   5.647   0.14 13.14 ? 1035 ILE A N   1 
ATOM   505  N N   B ILE A 1 57  ? 3.276   3.937   5.619   0.22 12.97 ? 1035 ILE A N   1 
ATOM   506  N N   C ILE A 1 57  ? 3.210   3.923   5.647   0.14 13.14 ? 1035 ILE A N   1 
ATOM   507  C CA  A ILE A 1 57  ? 4.404   4.782   5.913   0.14 13.48 ? 1035 ILE A CA  1 
ATOM   508  C CA  B ILE A 1 57  ? 4.569   4.655   5.866   0.22 13.16 ? 1035 ILE A CA  1 
ATOM   509  C CA  C ILE A 1 57  ? 4.404   4.782   5.913   0.14 13.48 ? 1035 ILE A CA  1 
ATOM   510  C C   A ILE A 1 57  ? 5.183   4.233   7.124   0.14 13.84 ? 1035 ILE A C   1 
ATOM   511  C C   B ILE A 1 57  ? 5.230   4.039   7.110   0.22 13.14 ? 1035 ILE A C   1 
ATOM   512  C C   C ILE A 1 57  ? 5.183   4.233   7.124   0.14 13.84 ? 1035 ILE A C   1 
ATOM   513  O O   A ILE A 1 57  ? 6.426   4.158   7.082   0.14 13.68 ? 1035 ILE A O   1 
ATOM   514  O O   B ILE A 1 57  ? 6.432   3.697   7.079   0.22 12.11 ? 1035 ILE A O   1 
ATOM   515  O O   C ILE A 1 57  ? 6.426   4.158   7.082   0.14 13.68 ? 1035 ILE A O   1 
ATOM   516  C CB  A ILE A 1 57  ? 3.980   6.251   6.111   0.14 15.17 ? 1035 ILE A CB  1 
ATOM   517  C CB  B ILE A 1 57  ? 4.431   6.182   6.013   0.22 15.01 ? 1035 ILE A CB  1 
ATOM   518  C CB  C ILE A 1 57  ? 3.980   6.251   6.111   0.14 15.17 ? 1035 ILE A CB  1 
ATOM   519  C CG1 A ILE A 1 57  ? 3.605   6.887   4.773   0.14 15.58 ? 1035 ILE A CG1 1 
ATOM   520  C CG1 B ILE A 1 57  ? 3.971   6.829   4.706   0.22 16.54 ? 1035 ILE A CG1 1 
ATOM   521  C CG1 C ILE A 1 57  ? 3.605   6.887   4.773   0.14 15.58 ? 1035 ILE A CG1 1 
ATOM   522  C CG2 A ILE A 1 57  ? 5.076   7.038   6.809   0.14 15.64 ? 1035 ILE A CG2 1 
ATOM   523  C CG2 B ILE A 1 57  ? 5.736   6.790   6.530   0.22 14.59 ? 1035 ILE A CG2 1 
ATOM   524  C CG2 C ILE A 1 57  ? 5.076   7.038   6.809   0.14 15.64 ? 1035 ILE A CG2 1 
ATOM   525  C CD1 A ILE A 1 57  ? 4.744   6.896   3.778   0.14 16.16 ? 1035 ILE A CD1 1 
ATOM   526  C CD1 B ILE A 1 57  ? 3.039   8.015   4.882   0.22 18.78 ? 1035 ILE A CD1 1 
ATOM   527  C CD1 C ILE A 1 57  ? 4.744   6.896   3.778   0.14 16.16 ? 1035 ILE A CD1 1 
ATOM   528  N N   . SER A 1 58  ? 4.463   3.880   8.190   1.00 13.45 ? 1036 SER A N   1 
ATOM   529  C CA  . SER A 1 58  ? 5.092   3.321   9.403   1.00 13.49 ? 1036 SER A CA  1 
ATOM   530  C C   . SER A 1 58  ? 5.761   1.978   9.078   1.00 12.42 ? 1036 SER A C   1 
ATOM   531  O O   . SER A 1 58  ? 6.890   1.650   9.551   1.00 13.70 ? 1036 SER A O   1 
ATOM   532  C CB  . SER A 1 58  ? 4.045   3.120   10.510  1.00 14.59 ? 1036 SER A CB  1 
ATOM   533  O OG  . SER A 1 58  ? 3.615   4.377   11.017  1.00 19.41 ? 1036 SER A OG  1 
ATOM   534  N N   . LYS A 1 59  ? 5.114   1.100   8.290   1.00 11.95 ? 1037 LYS A N   1 
ATOM   535  C CA  . LYS A 1 59  ? 5.653   -0.220  7.882   1.00 11.74 ? 1037 LYS A CA  1 
ATOM   536  C C   . LYS A 1 59  ? 6.937   -0.061  7.051   1.00 12.29 ? 1037 LYS A C   1 
ATOM   537  O O   . LYS A 1 59  ? 7.873   -0.883  7.163   1.00 12.18 ? 1037 LYS A O   1 
ATOM   538  C CB  . LYS A 1 59  ? 4.576   -1.081  7.250   1.00 11.60 ? 1037 LYS A CB  1 
ATOM   539  C CG  . LYS A 1 59  ? 3.477   -1.567  8.215   1.00 11.93 ? 1037 LYS A CG  1 
ATOM   540  C CD  . LYS A 1 59  ? 2.500   -2.518  7.610   1.00 13.02 ? 1037 LYS A CD  1 
ATOM   541  C CE  . LYS A 1 59  ? 3.076   -3.833  7.164   1.00 13.42 ? 1037 LYS A CE  1 
ATOM   542  N NZ  . LYS A 1 59  ? 2.104   -4.872  6.743   1.00 15.39 ? 1037 LYS A NZ  1 
ATOM   543  N N   . ILE A 1 60  ? 6.982   0.906   6.132   1.00 12.42 ? 1038 ILE A N   1 
ATOM   544  C CA  . ILE A 1 60  ? 8.216   1.142   5.331   1.00 13.27 ? 1038 ILE A CA  1 
ATOM   545  C C   . ILE A 1 60  ? 9.367   1.370   6.315   1.00 12.36 ? 1038 ILE A C   1 
ATOM   546  O O   . ILE A 1 60  ? 10.434  0.743   6.177   1.00 12.42 ? 1038 ILE A O   1 
ATOM   547  C CB  . ILE A 1 60  ? 8.051   2.318   4.347   1.00 12.54 ? 1038 ILE A CB  1 
ATOM   548  C CG1 . ILE A 1 60  ? 7.008   2.038   3.257   1.00 13.14 ? 1038 ILE A CG1 1 
ATOM   549  C CG2 . ILE A 1 60  ? 9.404   2.633   3.725   1.00 13.35 ? 1038 ILE A CG2 1 
ATOM   550  C CD1 . ILE A 1 60  ? 6.596   3.296   2.474   1.00 14.03 ? 1038 ILE A CD1 1 
ATOM   551  N N   . ASP A 1 61  ? 9.175   2.254   7.275   1.00 12.44 ? 1039 ASP A N   1 
ATOM   552  C CA  . ASP A 1 61  ? 10.236  2.669   8.227   1.00 14.80 ? 1039 ASP A CA  1 
ATOM   553  C C   . ASP A 1 61  ? 10.616  1.514   9.167   1.00 16.13 ? 1039 ASP A C   1 
ATOM   554  O O   . ASP A 1 61  ? 11.773  1.516   9.656   1.00 18.29 ? 1039 ASP A O   1 
ATOM   555  C CB  . ASP A 1 61  ? 9.826   3.946   8.967   1.00 16.28 ? 1039 ASP A CB  1 
ATOM   556  C CG  . ASP A 1 61  ? 9.770   5.213   8.115   1.00 20.14 ? 1039 ASP A CG  1 
ATOM   557  O OD1 . ASP A 1 61  ? 10.378  5.173   6.994   1.00 23.02 ? 1039 ASP A OD1 1 
ATOM   558  O OD2 . ASP A 1 61  ? 9.087   6.214   8.491   1.00 21.56 ? 1039 ASP A OD2 1 
ATOM   559  N N   . LEU A 1 62  ? 9.710   0.593   9.448   1.00 13.56 ? 1040 LEU A N   1 
ATOM   560  C CA  . LEU A 1 62  ? 9.990   -0.635  10.244  1.00 14.29 ? 1040 LEU A CA  1 
ATOM   561  C C   . LEU A 1 62  ? 10.631  -1.735  9.416   1.00 14.52 ? 1040 LEU A C   1 
ATOM   562  O O   . LEU A 1 62  ? 10.900  -2.880  9.908   1.00 16.78 ? 1040 LEU A O   1 
ATOM   563  C CB  . LEU A 1 62  ? 8.681   -1.124  10.892  1.00 13.84 ? 1040 LEU A CB  1 
ATOM   564  C CG  . LEU A 1 62  ? 8.120   -0.304  12.034  1.00 14.72 ? 1040 LEU A CG  1 
ATOM   565  C CD1 . LEU A 1 62  ? 6.690   -0.729  12.310  1.00 16.05 ? 1040 LEU A CD1 1 
ATOM   566  C CD2 . LEU A 1 62  ? 8.960   -0.435  13.310  1.00 17.58 ? 1040 LEU A CD2 1 
ATOM   567  N N   . HIS A 1 63  ? 10.938  -1.505  8.134   1.00 13.96 ? 1041 HIS A N   1 
ATOM   568  C CA  . HIS A 1 63  ? 11.608  -2.480  7.253   1.00 13.54 ? 1041 HIS A CA  1 
ATOM   569  C C   . HIS A 1 63  ? 10.720  -3.709  7.027   1.00 14.06 ? 1041 HIS A C   1 
ATOM   570  O O   . HIS A 1 63  ? 11.217  -4.849  6.799   1.00 16.43 ? 1041 HIS A O   1 
ATOM   571  C CB  . HIS A 1 63  ? 13.047  -2.855  7.742   1.00 16.09 ? 1041 HIS A CB  1 
ATOM   572  C CG  . HIS A 1 63  ? 13.975  -1.704  7.835   1.00 15.59 ? 1041 HIS A CG  1 
ATOM   573  N ND1 . HIS A 1 63  ? 15.350  -1.898  7.988   1.00 21.83 ? 1041 HIS A ND1 1 
ATOM   574  C CD2 . HIS A 1 63  ? 13.782  -0.378  7.829   1.00 17.15 ? 1041 HIS A CD2 1 
ATOM   575  C CE1 . HIS A 1 63  ? 15.904  -0.700  8.091   1.00 17.40 ? 1041 HIS A CE1 1 
ATOM   576  N NE2 . HIS A 1 63  ? 15.038  0.282   7.995   1.00 20.17 ? 1041 HIS A NE2 1 
ATOM   577  N N   . LYS A 1 64  ? 9.382   -3.509  6.952   1.00 13.46 ? 1042 LYS A N   1 
ATOM   578  C CA  . LYS A 1 64  ? 8.456   -4.623  6.706   1.00 13.48 ? 1042 LYS A CA  1 
ATOM   579  C C   . LYS A 1 64  ? 8.431   -5.081  5.235   1.00 13.68 ? 1042 LYS A C   1 
ATOM   580  O O   . LYS A 1 64  ? 7.967   -6.193  4.950   1.00 15.40 ? 1042 LYS A O   1 
ATOM   581  C CB  . LYS A 1 64  ? 7.059   -4.242  7.179   1.00 13.70 ? 1042 LYS A CB  1 
ATOM   582  C CG  . LYS A 1 64  ? 6.834   -3.933  8.643   1.00 15.98 ? 1042 LYS A CG  1 
ATOM   583  C CD  . LYS A 1 64  ? 6.615   -5.116  9.503   1.00 17.69 ? 1042 LYS A CD  1 
ATOM   584  C CE  . LYS A 1 64  ? 6.183   -4.740  10.914  1.00 16.65 ? 1042 LYS A CE  1 
ATOM   585  N NZ  . LYS A 1 64  ? 5.945   -5.990  11.687  1.00 19.93 ? 1042 LYS A NZ  1 
ATOM   586  N N   . TYR A 1 65  ? 8.751   -4.176  4.301   1.00 13.02 ? 1043 TYR A N   1 
ATOM   587  C CA  . TYR A 1 65  ? 8.734   -4.462  2.859   1.00 12.65 ? 1043 TYR A CA  1 
ATOM   588  C C   . TYR A 1 65  ? 10.169  -4.630  2.326   1.00 13.42 ? 1043 TYR A C   1 
ATOM   589  O O   . TYR A 1 65  ? 11.007  -3.696  2.422   1.00 15.88 ? 1043 TYR A O   1 
ATOM   590  C CB  . TYR A 1 65  ? 7.993   -3.353  2.093   1.00 13.71 ? 1043 TYR A CB  1 
ATOM   591  C CG  . TYR A 1 65  ? 6.618   -2.945  2.633   1.00 12.24 ? 1043 TYR A CG  1 
ATOM   592  C CD1 . TYR A 1 65  ? 5.581   -3.864  2.724   1.00 12.81 ? 1043 TYR A CD1 1 
ATOM   593  C CD2 . TYR A 1 65  ? 6.368   -1.643  3.061   1.00 12.38 ? 1043 TYR A CD2 1 
ATOM   594  C CE1 . TYR A 1 65  ? 4.332   -3.493  3.227   1.00 12.99 ? 1043 TYR A CE1 1 
ATOM   595  C CE2 . TYR A 1 65  ? 5.108   -1.255  3.559   1.00 12.16 ? 1043 TYR A CE2 1 
ATOM   596  C CZ  . TYR A 1 65  ? 4.100   -2.172  3.609   1.00 11.38 ? 1043 TYR A CZ  1 
ATOM   597  O OH  . TYR A 1 65  ? 2.880   -1.730  4.104   1.00 13.32 ? 1043 TYR A OH  1 
ATOM   598  N N   A LEU A 1 66  ? 10.432  -5.815  1.758   0.16 14.44 ? 1044 LEU A N   1 
ATOM   599  N N   B LEU A 1 66  ? 10.444  -5.802  1.757   0.19 13.51 ? 1044 LEU A N   1 
ATOM   600  N N   C LEU A 1 66  ? 10.433  -5.815  1.758   0.14 14.44 ? 1044 LEU A N   1 
ATOM   601  C CA  A LEU A 1 66  ? 11.715  -6.182  1.090   0.16 14.67 ? 1044 LEU A CA  1 
ATOM   602  C CA  B LEU A 1 66  ? 11.738  -6.073  1.076   0.19 13.10 ? 1044 LEU A CA  1 
ATOM   603  C CA  C LEU A 1 66  ? 11.716  -6.183  1.090   0.14 14.70 ? 1044 LEU A CA  1 
ATOM   604  C C   A LEU A 1 66  ? 11.531  -6.254  -0.429  0.16 14.08 ? 1044 LEU A C   1 
ATOM   605  C C   B LEU A 1 66  ? 11.554  -6.047  -0.436  0.19 13.26 ? 1044 LEU A C   1 
ATOM   606  C C   C LEU A 1 66  ? 11.531  -6.253  -0.430  0.14 14.10 ? 1044 LEU A C   1 
ATOM   607  O O   A LEU A 1 66  ? 12.543  -6.497  -1.140  0.16 13.87 ? 1044 LEU A O   1 
ATOM   608  O O   B LEU A 1 66  ? 12.597  -5.938  -1.126  0.19 12.94 ? 1044 LEU A O   1 
ATOM   609  O O   C LEU A 1 66  ? 12.543  -6.497  -1.139  0.14 13.89 ? 1044 LEU A O   1 
ATOM   610  C CB  A LEU A 1 66  ? 12.197  -7.542  1.616   0.16 16.52 ? 1044 LEU A CB  1 
ATOM   611  C CB  B LEU A 1 66  ? 12.308  -7.418  1.539   0.19 13.81 ? 1044 LEU A CB  1 
ATOM   612  C CB  C LEU A 1 66  ? 12.198  -7.541  1.616   0.14 16.49 ? 1044 LEU A CB  1 
ATOM   613  C CG  A LEU A 1 66  ? 12.495  -7.632  3.115   0.16 18.16 ? 1044 LEU A CG  1 
ATOM   614  C CG  B LEU A 1 66  ? 13.160  -7.328  2.804   0.19 14.12 ? 1044 LEU A CG  1 
ATOM   615  C CG  C LEU A 1 66  ? 12.494  -7.632  3.116   0.14 18.08 ? 1044 LEU A CG  1 
ATOM   616  C CD1 A LEU A 1 66  ? 13.184  -8.952  3.441   0.16 19.63 ? 1044 LEU A CD1 1 
ATOM   617  C CD1 B LEU A 1 66  ? 12.281  -7.069  4.016   0.19 13.95 ? 1044 LEU A CD1 1 
ATOM   618  C CD1 C LEU A 1 66  ? 13.183  -8.951  3.442   0.14 19.48 ? 1044 LEU A CD1 1 
ATOM   619  C CD2 A LEU A 1 66  ? 13.334  -6.460  3.599   0.16 18.62 ? 1044 LEU A CD2 1 
ATOM   620  C CD2 B LEU A 1 66  ? 13.996  -8.582  2.990   0.19 15.43 ? 1044 LEU A CD2 1 
ATOM   621  C CD2 C LEU A 1 66  ? 13.334  -6.460  3.599   0.14 18.54 ? 1044 LEU A CD2 1 
ATOM   622  N N   . THR A 1 67  ? 10.302  -6.068  -0.930  1.00 13.61 ? 1045 THR A N   1 
ATOM   623  C CA  . THR A 1 67  ? 10.008  -6.055  -2.376  1.00 13.24 ? 1045 THR A CA  1 
ATOM   624  C C   . THR A 1 67  ? 8.830   -5.117  -2.659  1.00 14.21 ? 1045 THR A C   1 
ATOM   625  O O   . THR A 1 67  ? 8.003   -4.882  -1.727  1.00 14.00 ? 1045 THR A O   1 
ATOM   626  C CB  . THR A 1 67  ? 9.693   -7.431  -2.949  1.00 14.52 ? 1045 THR A CB  1 
ATOM   627  O OG1 . THR A 1 67  ? 8.423   -7.890  -2.464  1.00 16.11 ? 1045 THR A OG1 1 
ATOM   628  C CG2 . THR A 1 67  ? 10.776  -8.475  -2.676  1.00 16.00 ? 1045 THR A CG2 1 
ATOM   629  N N   . VAL A 1 68  ? 8.701   -4.654  -3.884  1.00 13.50 ? 1046 VAL A N   1 
ATOM   630  C CA  . VAL A 1 68  ? 7.486   -3.882  -4.288  1.00 14.45 ? 1046 VAL A CA  1 
ATOM   631  C C   . VAL A 1 68  ? 6.257   -4.791  -4.263  1.00 15.28 ? 1046 VAL A C   1 
ATOM   632  O O   . VAL A 1 68  ? 5.162   -4.318  -3.950  1.00 14.91 ? 1046 VAL A O   1 
ATOM   633  C CB  . VAL A 1 68  ? 7.686   -3.124  -5.608  1.00 14.72 ? 1046 VAL A CB  1 
ATOM   634  C CG1 . VAL A 1 68  ? 6.470   -2.243  -5.917  1.00 16.72 ? 1046 VAL A CG1 1 
ATOM   635  C CG2 . VAL A 1 68  ? 8.908   -2.197  -5.556  1.00 15.92 ? 1046 VAL A CG2 1 
ATOM   636  N N   . LYS A 1 69  ? 6.404   -6.077  -4.588  0.49 15.92 ? 1047 LYS A N   1 
ATOM   637  C CA  . LYS A 1 69  ? 5.298   -7.069  -4.474  0.49 17.85 ? 1047 LYS A CA  1 
ATOM   638  C C   . LYS A 1 69  ? 4.674   -7.003  -3.069  0.49 16.37 ? 1047 LYS A C   1 
ATOM   639  O O   . LYS A 1 69  ? 3.424   -6.923  -2.960  0.49 17.06 ? 1047 LYS A O   1 
ATOM   640  C CB  . LYS A 1 69  ? 5.817   -8.476  -4.800  0.49 21.44 ? 1047 LYS A CB  1 
ATOM   641  C CG  . LYS A 1 69  ? 4.762   -9.573  -4.835  0.49 25.38 ? 1047 LYS A CG  1 
ATOM   642  C CD  . LYS A 1 69  ? 5.328   -10.990 -4.773  0.49 28.14 ? 1047 LYS A CD  1 
ATOM   643  C CE  . LYS A 1 69  ? 5.742   -11.570 -6.109  0.49 31.28 ? 1047 LYS A CE  1 
ATOM   644  N NZ  . LYS A 1 69  ? 6.600   -10.656 -6.896  0.49 33.42 ? 1047 LYS A NZ  1 
ATOM   645  N N   A ASP A 1 70  ? 5.452   -6.993  -1.999  0.16 14.17 ? 1048 ASP A N   1 
ATOM   646  N N   B ASP A 1 70  ? 5.530   -7.079  -2.015  0.19 16.35 ? 1048 ASP A N   1 
ATOM   647  N N   C ASP A 1 70  ? 5.531   -7.081  -2.015  0.14 16.47 ? 1048 ASP A N   1 
ATOM   648  C CA  A ASP A 1 70  ? 4.880   -7.059  -0.627  0.16 13.54 ? 1048 ASP A CA  1 
ATOM   649  C CA  B ASP A 1 70  ? 5.120   -7.001  -0.584  0.19 16.38 ? 1048 ASP A CA  1 
ATOM   650  C CA  C ASP A 1 70  ? 5.120   -7.001  -0.584  0.14 16.48 ? 1048 ASP A CA  1 
ATOM   651  C C   A ASP A 1 70  ? 4.254   -5.689  -0.255  0.16 13.43 ? 1048 ASP A C   1 
ATOM   652  C C   B ASP A 1 70  ? 4.245   -5.746  -0.394  0.19 15.12 ? 1048 ASP A C   1 
ATOM   653  C C   C ASP A 1 70  ? 4.245   -5.747  -0.392  0.14 15.16 ? 1048 ASP A C   1 
ATOM   654  O O   A ASP A 1 70  ? 3.303   -5.641  0.582   0.16 12.13 ? 1048 ASP A O   1 
ATOM   655  O O   B ASP A 1 70  ? 3.143   -5.861  0.178   0.19 15.12 ? 1048 ASP A O   1 
ATOM   656  O O   C ASP A 1 70  ? 3.141   -5.864  0.174   0.14 15.13 ? 1048 ASP A O   1 
ATOM   657  C CB  A ASP A 1 70  ? 5.934   -7.585  0.354   0.16 13.89 ? 1048 ASP A CB  1 
ATOM   658  C CB  B ASP A 1 70  ? 6.309   -6.916  0.400   0.19 18.67 ? 1048 ASP A CB  1 
ATOM   659  C CB  C ASP A 1 70  ? 6.309   -6.910  0.397   0.14 18.62 ? 1048 ASP A CB  1 
ATOM   660  C CG  A ASP A 1 70  ? 6.267   -9.073  0.258   0.16 15.06 ? 1048 ASP A CG  1 
ATOM   661  C CG  B ASP A 1 70  ? 7.148   -8.169  0.664   0.19 21.11 ? 1048 ASP A CG  1 
ATOM   662  C CG  C ASP A 1 70  ? 7.145   -8.164  0.658   0.14 20.89 ? 1048 ASP A CG  1 
ATOM   663  O OD1 A ASP A 1 70  ? 5.594   -9.806  -0.505  0.16 15.69 ? 1048 ASP A OD1 1 
ATOM   664  O OD1 B ASP A 1 70  ? 6.763   -9.259  0.163   0.19 23.02 ? 1048 ASP A OD1 1 
ATOM   665  O OD1 C ASP A 1 70  ? 6.760   -9.253  0.163   0.14 22.73 ? 1048 ASP A OD1 1 
ATOM   666  O OD2 A ASP A 1 70  ? 7.227   -9.489  0.935   0.16 15.50 ? 1048 ASP A OD2 1 
ATOM   667  O OD2 B ASP A 1 70  ? 8.214   -8.042  1.399   0.19 22.03 ? 1048 ASP A OD2 1 
ATOM   668  O OD2 C ASP A 1 70  ? 8.206   -8.040  1.383   0.14 21.93 ? 1048 ASP A OD2 1 
ATOM   669  N N   . TYR A 1 71  ? 4.759   -4.584  -0.798  1.00 13.57 ? 1049 TYR A N   1 
ATOM   670  C CA  . TYR A 1 71  ? 4.091   -3.265  -0.649  1.00 13.03 ? 1049 TYR A CA  1 
ATOM   671  C C   . TYR A 1 71  ? 2.722   -3.314  -1.319  1.00 13.39 ? 1049 TYR A C   1 
ATOM   672  O O   . TYR A 1 71  ? 1.691   -2.832  -0.735  1.00 12.46 ? 1049 TYR A O   1 
ATOM   673  C CB  . TYR A 1 71  ? 4.992   -2.184  -1.236  1.00 12.35 ? 1049 TYR A CB  1 
ATOM   674  C CG  . TYR A 1 71  ? 4.369   -0.825  -1.380  1.00 11.29 ? 1049 TYR A CG  1 
ATOM   675  C CD1 . TYR A 1 71  ? 4.375   0.139   -0.380  1.00 11.90 ? 1049 TYR A CD1 1 
ATOM   676  C CD2 . TYR A 1 71  ? 3.829   -0.423  -2.623  1.00 12.53 ? 1049 TYR A CD2 1 
ATOM   677  C CE1 . TYR A 1 71  ? 3.835   1.411   -0.560  1.00 11.75 ? 1049 TYR A CE1 1 
ATOM   678  C CE2 . TYR A 1 71  ? 3.307   0.843   -2.830  1.00 11.75 ? 1049 TYR A CE2 1 
ATOM   679  C CZ  . TYR A 1 71  ? 3.286   1.769   -1.801  1.00 12.07 ? 1049 TYR A CZ  1 
ATOM   680  O OH  . TYR A 1 71  ? 2.773   3.026   -1.991  1.00 12.32 ? 1049 TYR A OH  1 
ATOM   681  N N   . LEU A 1 72  ? 2.663   -3.803  -2.553  1.00 12.66 ? 1050 LEU A N   1 
ATOM   682  C CA  . LEU A 1 72  ? 1.401   -3.821  -3.368  1.00 13.20 ? 1050 LEU A CA  1 
ATOM   683  C C   . LEU A 1 72  ? 0.410   -4.741  -2.675  1.00 13.08 ? 1050 LEU A C   1 
ATOM   684  O O   . LEU A 1 72  ? -0.839  -4.470  -2.788  1.00 13.93 ? 1050 LEU A O   1 
ATOM   685  C CB  . LEU A 1 72  ? 1.637   -4.183  -4.833  1.00 13.82 ? 1050 LEU A CB  1 
ATOM   686  C CG  . LEU A 1 72  ? 2.264   -3.059  -5.657  1.00 14.77 ? 1050 LEU A CG  1 
ATOM   687  C CD1 . LEU A 1 72  ? 2.689   -3.605  -7.041  1.00 17.36 ? 1050 LEU A CD1 1 
ATOM   688  C CD2 . LEU A 1 72  ? 1.321   -1.884  -5.844  1.00 17.87 ? 1050 LEU A CD2 1 
ATOM   689  N N   . ARG A 1 73  ? 0.756   -5.742  -1.913  1.00 12.85 ? 1051 ARG A N   1 
ATOM   690  C CA  . ARG A 1 73  ? -0.244  -6.552  -1.170  1.00 14.93 ? 1051 ARG A CA  1 
ATOM   691  C C   . ARG A 1 73  ? -0.959  -5.645  -0.168  1.00 13.62 ? 1051 ARG A C   1 
ATOM   692  O O   . ARG A 1 73  ? -2.238  -5.816  0.013   1.00 13.72 ? 1051 ARG A O   1 
ATOM   693  C CB  . ARG A 1 73  ? 0.407   -7.705  -0.389  1.00 19.19 ? 1051 ARG A CB  1 
ATOM   694  C CG  . ARG A 1 73  ? 0.898   -8.825  -1.270  1.00 26.82 ? 1051 ARG A CG  1 
ATOM   695  C CD  . ARG A 1 73  ? 1.523   -9.938  -0.403  1.00 32.11 ? 1051 ARG A CD  1 
ATOM   696  N NE  . ARG A 1 73  ? 2.689   -10.572 -1.009  1.00 44.11 ? 1051 ARG A NE  1 
ATOM   697  C CZ  . ARG A 1 73  ? 2.626   -11.575 -1.883  1.00 58.21 ? 1051 ARG A CZ  1 
ATOM   698  N NH1 . ARG A 1 73  ? 1.453   -12.052 -2.269  1.00 63.00 ? 1051 ARG A NH1 1 
ATOM   699  N NH2 . ARG A 1 73  ? 3.735   -12.123 -2.347  1.00 61.77 ? 1051 ARG A NH2 1 
ATOM   700  N N   . ASP A 1 74  ? -0.311  -4.685  0.453   1.00 12.44 ? 1052 ASP A N   1 
ATOM   701  C CA  . ASP A 1 74  ? -1.007  -3.769  1.396   1.00 12.52 ? 1052 ASP A CA  1 
ATOM   702  C C   . ASP A 1 74  ? -1.853  -2.706  0.637   1.00 12.25 ? 1052 ASP A C   1 
ATOM   703  O O   . ASP A 1 74  ? -2.947  -2.339  1.151   1.00 12.52 ? 1052 ASP A O   1 
ATOM   704  C CB  . ASP A 1 74  ? -0.051  -3.158  2.428   1.00 12.00 ? 1052 ASP A CB  1 
ATOM   705  C CG  . ASP A 1 74  ? 0.228   -4.076  3.647   1.00 13.90 ? 1052 ASP A CG  1 
ATOM   706  O OD1 . ASP A 1 74  ? -0.635  -4.973  3.877   1.00 15.57 ? 1052 ASP A OD1 1 
ATOM   707  O OD2 . ASP A 1 74  ? 1.145   -3.740  4.431   1.00 14.01 ? 1052 ASP A OD2 1 
ATOM   708  N N   . ILE A 1 75  ? -1.415  -2.196  -0.506  1.00 11.97 ? 1053 ILE A N   1 
ATOM   709  C CA  . ILE A 1 75  ? -2.280  -1.281  -1.331  1.00 12.13 ? 1053 ILE A CA  1 
ATOM   710  C C   . ILE A 1 75  ? -3.510  -2.084  -1.750  1.00 12.40 ? 1053 ILE A C   1 
ATOM   711  O O   . ILE A 1 75  ? -4.675  -1.560  -1.604  1.00 12.48 ? 1053 ILE A O   1 
ATOM   712  C CB  . ILE A 1 75  ? -1.518  -0.759  -2.558  1.00 14.10 ? 1053 ILE A CB  1 
ATOM   713  C CG1 . ILE A 1 75  ? -0.290  0.085   -2.154  1.00 14.64 ? 1053 ILE A CG1 1 
ATOM   714  C CG2 . ILE A 1 75  ? -2.475  0.035   -3.438  1.00 16.27 ? 1053 ILE A CG2 1 
ATOM   715  C CD1 . ILE A 1 75  ? -0.547  1.268   -1.250  1.00 16.81 ? 1053 ILE A CD1 1 
ATOM   716  N N   . ASP A 1 76  ? -3.375  -3.314  -2.192  1.00 11.65 ? 1054 ASP A N   1 
ATOM   717  C CA  . ASP A 1 76  ? -4.501  -4.173  -2.589  1.00 13.04 ? 1054 ASP A CA  1 
ATOM   718  C C   . ASP A 1 76  ? -5.439  -4.407  -1.397  1.00 13.74 ? 1054 ASP A C   1 
ATOM   719  O O   . ASP A 1 76  ? -6.698  -4.464  -1.621  1.00 14.37 ? 1054 ASP A O   1 
ATOM   720  C CB  . ASP A 1 76  ? -4.050  -5.490  -3.243  1.00 14.88 ? 1054 ASP A CB  1 
ATOM   721  C CG  . ASP A 1 76  ? -3.598  -5.262  -4.692  1.00 17.39 ? 1054 ASP A CG  1 
ATOM   722  O OD1 . ASP A 1 76  ? -4.253  -4.531  -5.419  1.00 24.01 ? 1054 ASP A OD1 1 
ATOM   723  O OD2 . ASP A 1 76  ? -2.722  -5.919  -5.147  1.00 25.21 ? 1054 ASP A OD2 1 
ATOM   724  N N   . LEU A 1 77  ? -4.953  -4.537  -0.169  1.00 12.47 ? 1055 LEU A N   1 
ATOM   725  C CA  . LEU A 1 77  ? -5.785  -4.739  1.057   1.00 12.86 ? 1055 LEU A CA  1 
ATOM   726  C C   . LEU A 1 77  ? -6.558  -3.462  1.383   1.00 13.70 ? 1055 LEU A C   1 
ATOM   727  O O   . LEU A 1 77  ? -7.778  -3.547  1.761   1.00 13.70 ? 1055 LEU A O   1 
ATOM   728  C CB  . LEU A 1 77  ? -4.827  -5.137  2.225   1.00 13.78 ? 1055 LEU A CB  1 
ATOM   729  C CG  . LEU A 1 77  ? -5.477  -5.428  3.576   1.00 15.31 ? 1055 LEU A CG  1 
ATOM   730  C CD1 . LEU A 1 77  ? -6.479  -6.559  3.515   1.00 15.88 ? 1055 LEU A CD1 1 
ATOM   731  C CD2 . LEU A 1 77  ? -4.366  -5.788  4.663   1.00 15.29 ? 1055 LEU A CD2 1 
ATOM   732  N N   . ILE A 1 78  ? -5.968  -2.271  1.248   1.00 12.25 ? 1056 ILE A N   1 
ATOM   733  C CA  . ILE A 1 78  ? -6.768  -1.017  1.402   1.00 12.56 ? 1056 ILE A CA  1 
ATOM   734  C C   . ILE A 1 78  ? -7.961  -1.067  0.464   1.00 13.20 ? 1056 ILE A C   1 
ATOM   735  O O   . ILE A 1 78  ? -9.130  -0.736  0.941   1.00 14.07 ? 1056 ILE A O   1 
ATOM   736  C CB  . ILE A 1 78  ? -5.913  0.248   1.166   1.00 12.66 ? 1056 ILE A CB  1 
ATOM   737  C CG1 . ILE A 1 78  ? -4.758  0.354   2.174   1.00 12.51 ? 1056 ILE A CG1 1 
ATOM   738  C CG2 . ILE A 1 78  ? -6.790  1.524   1.192   1.00 14.30 ? 1056 ILE A CG2 1 
ATOM   739  C CD1 . ILE A 1 78  ? -3.737  1.427   1.908   1.00 13.21 ? 1056 ILE A CD1 1 
ATOM   740  N N   . CYS A 1 79  ? -7.788  -1.395  -0.776  1.00 12.19 ? 1057 CYS A N   1 
ATOM   741  C CA  . CYS A 1 79  ? -8.833  -1.368  -1.833  1.00 13.83 ? 1057 CYS A CA  1 
ATOM   742  C C   . CYS A 1 79  ? -9.849  -2.472  -1.539  1.00 16.30 ? 1057 CYS A C   1 
ATOM   743  O O   . CYS A 1 79  ? -11.106 -2.195  -1.464  1.00 15.83 ? 1057 CYS A O   1 
ATOM   744  C CB  . CYS A 1 79  ? -8.234  -1.535  -3.208  1.00 14.01 ? 1057 CYS A CB  1 
ATOM   745  S SG  . CYS A 1 79  ? -9.482  -1.583  -4.538  1.00 17.46 ? 1057 CYS A SG  1 
ATOM   746  N N   . SER A 1 80  ? -9.425  -3.709  -1.253  1.00 14.72 ? 1058 SER A N   1 
ATOM   747  C CA  . SER A 1 80  ? -10.385 -4.839  -1.063  1.00 15.03 ? 1058 SER A CA  1 
ATOM   748  C C   . SER A 1 80  ? -11.157 -4.578  0.222   1.00 14.41 ? 1058 SER A C   1 
ATOM   749  O O   . SER A 1 80  ? -12.450 -4.860  0.242   1.00 16.12 ? 1058 SER A O   1 
ATOM   750  C CB  . SER A 1 80  ? -9.686  -6.194  -1.112  1.00 16.69 ? 1058 SER A CB  1 
ATOM   751  O OG  . SER A 1 80  ? -8.793  -6.372  -0.051  1.00 19.60 ? 1058 SER A OG  1 
ATOM   752  N N   . ASN A 1 81  ? -10.635 -4.029  1.279   1.00 13.92 ? 1059 ASN A N   1 
ATOM   753  C CA  . ASN A 1 81  ? -11.331 -3.687  2.534   1.00 13.84 ? 1059 ASN A CA  1 
ATOM   754  C C   . ASN A 1 81  ? -12.484 -2.710  2.186   1.00 16.10 ? 1059 ASN A C   1 
ATOM   755  O O   . ASN A 1 81  ? -13.628 -2.862  2.694   1.00 16.81 ? 1059 ASN A O   1 
ATOM   756  C CB  . ASN A 1 81  ? -10.443 -3.152  3.650   1.00 13.87 ? 1059 ASN A CB  1 
ATOM   757  C CG  . ASN A 1 81  ? -9.507  -4.185  4.317   1.00 12.96 ? 1059 ASN A CG  1 
ATOM   758  O OD1 . ASN A 1 81  ? -9.746  -5.373  4.159   1.00 15.95 ? 1059 ASN A OD1 1 
ATOM   759  N ND2 . ASN A 1 81  ? -8.581  -3.620  5.083   1.00 14.63 ? 1059 ASN A ND2 1 
ATOM   760  N N   . ALA A 1 82  ? -12.203 -1.649  1.422   1.00 15.01 ? 1060 ALA A N   1 
ATOM   761  C CA  . ALA A 1 82  ? -13.263 -0.657  1.059   1.00 15.79 ? 1060 ALA A CA  1 
ATOM   762  C C   . ALA A 1 82  ? -14.304 -1.340  0.181   1.00 14.26 ? 1060 ALA A C   1 
ATOM   763  O O   . ALA A 1 82  ? -15.570 -1.002  0.394   1.00 16.88 ? 1060 ALA A O   1 
ATOM   764  C CB  . ALA A 1 82  ? -12.587 0.518   0.340   1.00 15.58 ? 1060 ALA A CB  1 
ATOM   765  N N   . LEU A 1 83  ? -14.042 -2.193  -0.778  1.00 15.79 ? 1061 LEU A N   1 
ATOM   766  C CA  . LEU A 1 83  ? -15.042 -2.888  -1.626  1.00 16.62 ? 1061 LEU A CA  1 
ATOM   767  C C   . LEU A 1 83  ? -15.938 -3.788  -0.764  1.00 20.34 ? 1061 LEU A C   1 
ATOM   768  O O   . LEU A 1 83  ? -17.193 -3.846  -1.013  1.00 20.80 ? 1061 LEU A O   1 
ATOM   769  C CB  . LEU A 1 83  ? -14.421 -3.665  -2.763  1.00 19.76 ? 1061 LEU A CB  1 
ATOM   770  C CG  . LEU A 1 83  ? -13.458 -2.919  -3.696  1.00 22.82 ? 1061 LEU A CG  1 
ATOM   771  C CD1 . LEU A 1 83  ? -13.058 -3.823  -4.835  1.00 24.68 ? 1061 LEU A CD1 1 
ATOM   772  C CD2 . LEU A 1 83  ? -14.044 -1.627  -4.252  1.00 23.63 ? 1061 LEU A CD2 1 
ATOM   773  N N   A GLU A 1 84  ? -15.336 -4.487  0.210   0.14 20.52 ? 1062 GLU A N   1 
ATOM   774  N N   B GLU A 1 84  ? -15.391 -4.440  0.262   0.23 18.37 ? 1062 GLU A N   1 
ATOM   775  N N   C GLU A 1 84  ? -15.336 -4.487  0.210   0.14 20.52 ? 1062 GLU A N   1 
ATOM   776  C CA  A GLU A 1 84  ? -16.013 -5.454  1.124   0.14 22.29 ? 1062 GLU A CA  1 
ATOM   777  C CA  B GLU A 1 84  ? -16.158 -5.441  1.060   0.23 19.12 ? 1062 GLU A CA  1 
ATOM   778  C CA  C GLU A 1 84  ? -16.013 -5.454  1.124   0.14 22.29 ? 1062 GLU A CA  1 
ATOM   779  C C   A GLU A 1 84  ? -16.977 -4.708  2.046   0.14 20.18 ? 1062 GLU A C   1 
ATOM   780  C C   B GLU A 1 84  ? -16.995 -4.725  2.126   0.23 18.53 ? 1062 GLU A C   1 
ATOM   781  C C   C GLU A 1 84  ? -16.977 -4.708  2.046   0.14 20.18 ? 1062 GLU A C   1 
ATOM   782  O O   A GLU A 1 84  ? -18.159 -5.153  2.124   0.14 21.46 ? 1062 GLU A O   1 
ATOM   783  O O   B GLU A 1 84  ? -18.147 -5.174  2.417   0.23 19.92 ? 1062 GLU A O   1 
ATOM   784  O O   C GLU A 1 84  ? -18.159 -5.153  2.124   0.14 21.46 ? 1062 GLU A O   1 
ATOM   785  C CB  A GLU A 1 84  ? -14.988 -6.234  1.963   0.14 24.00 ? 1062 GLU A CB  1 
ATOM   786  C CB  B GLU A 1 84  ? -15.187 -6.480  1.641   0.23 19.02 ? 1062 GLU A CB  1 
ATOM   787  C CB  C GLU A 1 84  ? -14.988 -6.234  1.963   0.14 24.00 ? 1062 GLU A CB  1 
ATOM   788  C CG  A GLU A 1 84  ? -15.597 -7.252  2.929   0.14 26.48 ? 1062 GLU A CG  1 
ATOM   789  C CG  B GLU A 1 84  ? -14.534 -7.330  0.576   0.23 19.68 ? 1062 GLU A CG  1 
ATOM   790  C CG  C GLU A 1 84  ? -15.597 -7.252  2.929   0.14 26.48 ? 1062 GLU A CG  1 
ATOM   791  C CD  A GLU A 1 84  ? -14.589 -8.072  3.736   0.14 28.85 ? 1062 GLU A CD  1 
ATOM   792  C CD  B GLU A 1 84  ? -13.252 -8.088  0.929   0.23 21.16 ? 1062 GLU A CD  1 
ATOM   793  C CD  C GLU A 1 84  ? -14.589 -8.072  3.736   0.14 28.85 ? 1062 GLU A CD  1 
ATOM   794  O OE1 A GLU A 1 84  ? -14.997 -8.716  4.726   0.14 31.18 ? 1062 GLU A OE1 1 
ATOM   795  O OE1 B GLU A 1 84  ? -12.840 -8.074  2.117   0.23 20.24 ? 1062 GLU A OE1 1 
ATOM   796  O OE1 C GLU A 1 84  ? -14.997 -8.716  4.726   0.14 31.18 ? 1062 GLU A OE1 1 
ATOM   797  O OE2 A GLU A 1 84  ? -13.403 -8.083  3.364   0.14 31.06 ? 1062 GLU A OE2 1 
ATOM   798  O OE2 B GLU A 1 84  ? -12.670 -8.708  0.010   0.23 22.14 ? 1062 GLU A OE2 1 
ATOM   799  O OE2 C GLU A 1 84  ? -13.403 -8.083  3.364   0.14 31.06 ? 1062 GLU A OE2 1 
ATOM   800  N N   . TYR A 1 85  ? -16.505 -3.651  2.720   1.00 18.82 ? 1063 TYR A N   1 
ATOM   801  C CA  . TYR A 1 85  ? -17.255 -2.924  3.748   1.00 20.18 ? 1063 TYR A CA  1 
ATOM   802  C C   . TYR A 1 85  ? -18.397 -2.091  3.110   1.00 21.02 ? 1063 TYR A C   1 
ATOM   803  O O   . TYR A 1 85  ? -19.335 -1.736  3.887   1.00 21.71 ? 1063 TYR A O   1 
ATOM   804  C CB  . TYR A 1 85  ? -16.406 -2.042  4.651   1.00 20.50 ? 1063 TYR A CB  1 
ATOM   805  C CG  . TYR A 1 85  ? -17.131 -1.534  5.874   1.00 24.63 ? 1063 TYR A CG  1 
ATOM   806  C CD1 . TYR A 1 85  ? -17.457 -2.398  6.915   1.00 24.36 ? 1063 TYR A CD1 1 
ATOM   807  C CD2 . TYR A 1 85  ? -17.466 -0.201  6.013   1.00 25.80 ? 1063 TYR A CD2 1 
ATOM   808  C CE1 . TYR A 1 85  ? -18.126 -1.922  8.045   1.00 26.52 ? 1063 TYR A CE1 1 
ATOM   809  C CE2 . TYR A 1 85  ? -18.165 0.289   7.114   1.00 28.70 ? 1063 TYR A CE2 1 
ATOM   810  C CZ  . TYR A 1 85  ? -18.487 -0.582  8.140   1.00 30.90 ? 1063 TYR A CZ  1 
ATOM   811  O OH  . TYR A 1 85  ? -19.152 -0.150  9.278   1.00 38.24 ? 1063 TYR A OH  1 
ATOM   812  N N   . ASN A 1 86  ? -18.227 -1.629  1.881   1.00 18.57 ? 1064 ASN A N   1 
ATOM   813  C CA  . ASN A 1 86  ? -19.201 -0.639  1.267   1.00 18.41 ? 1064 ASN A CA  1 
ATOM   814  C C   . ASN A 1 86  ? -19.757 -1.236  -0.015  1.00 17.73 ? 1064 ASN A C   1 
ATOM   815  O O   . ASN A 1 86  ? -19.456 -0.762  -1.148  1.00 18.50 ? 1064 ASN A O   1 
ATOM   816  C CB  . ASN A 1 86  ? -18.490 0.721   1.069   1.00 17.71 ? 1064 ASN A CB  1 
ATOM   817  C CG  . ASN A 1 86  ? -17.846 1.317   2.284   1.00 19.37 ? 1064 ASN A CG  1 
ATOM   818  O OD1 . ASN A 1 86  ? -18.443 1.957   3.119   1.00 23.92 ? 1064 ASN A OD1 1 
ATOM   819  N ND2 . ASN A 1 86  ? -16.504 1.112   2.373   1.00 19.27 ? 1064 ASN A ND2 1 
ATOM   820  N N   . PRO A 1 87  ? -20.536 -2.365  -0.038  1.00 18.26 ? 1065 PRO A N   1 
ATOM   821  C CA  . PRO A 1 87  ? -20.923 -3.077  -1.250  1.00 17.48 ? 1065 PRO A CA  1 
ATOM   822  C C   . PRO A 1 87  ? -22.288 -2.708  -1.937  1.00 16.80 ? 1065 PRO A C   1 
ATOM   823  O O   . PRO A 1 87  ? -22.608 -3.304  -2.955  1.00 20.64 ? 1065 PRO A O   1 
ATOM   824  C CB  . PRO A 1 87  ? -21.033 -4.521  -0.715  1.00 21.57 ? 1065 PRO A CB  1 
ATOM   825  C CG  . PRO A 1 87  ? -21.587 -4.307  0.630   1.00 19.73 ? 1065 PRO A CG  1 
ATOM   826  C CD  . PRO A 1 87  ? -20.980 -3.069  1.199   1.00 21.17 ? 1065 PRO A CD  1 
ATOM   827  N N   . ASP A 1 88  ? -22.953 -1.722  -1.343  1.00 19.88 ? 1066 ASP A N   1 
ATOM   828  C CA  . ASP A 1 88  ? -24.390 -1.399  -1.651  1.00 19.98 ? 1066 ASP A CA  1 
ATOM   829  C C   . ASP A 1 88  ? -24.503 -0.474  -2.892  1.00 20.98 ? 1066 ASP A C   1 
ATOM   830  O O   . ASP A 1 88  ? -23.489 0.130   -3.368  1.00 19.19 ? 1066 ASP A O   1 
ATOM   831  C CB  . ASP A 1 88  ? -25.044 -0.794  -0.407  1.00 20.59 ? 1066 ASP A CB  1 
ATOM   832  C CG  . ASP A 1 88  ? -25.247 -1.743  0.786   1.00 24.06 ? 1066 ASP A CG  1 
ATOM   833  O OD1 . ASP A 1 88  ? -25.022 -2.977  0.613   1.00 26.38 ? 1066 ASP A OD1 1 
ATOM   834  O OD2 . ASP A 1 88  ? -25.565 -1.196  1.864   1.00 28.76 ? 1066 ASP A OD2 1 
ATOM   835  N N   . ARG A 1 89  ? -25.742 -0.267  -3.395  1.00 19.29 ? 1067 ARG A N   1 
ATOM   836  C CA  . ARG A 1 89  ? -25.973 0.526   -4.640  1.00 19.91 ? 1067 ARG A CA  1 
ATOM   837  C C   . ARG A 1 89  ? -26.051 2.026   -4.330  1.00 18.15 ? 1067 ARG A C   1 
ATOM   838  O O   . ARG A 1 89  ? -26.058 2.782   -5.332  1.00 19.39 ? 1067 ARG A O   1 
ATOM   839  C CB  . ARG A 1 89  ? -27.179 0.047   -5.489  1.00 21.82 ? 1067 ARG A CB  1 
ATOM   840  C CG  . ARG A 1 89  ? -28.591 0.349   -4.971  1.00 25.21 ? 1067 ARG A CG  1 
ATOM   841  C CD  . ARG A 1 89  ? -29.280 1.693   -5.365  1.00 19.76 ? 1067 ARG A CD  1 
ATOM   842  N NE  . ARG A 1 89  ? -29.082 2.027   -6.775  1.00 22.73 ? 1067 ARG A NE  1 
ATOM   843  C CZ  . ARG A 1 89  ? -29.067 3.324   -7.211  1.00 19.70 ? 1067 ARG A CZ  1 
ATOM   844  N NH1 . ARG A 1 89  ? -28.916 3.589   -8.520  1.00 17.58 ? 1067 ARG A NH1 1 
ATOM   845  N NH2 . ARG A 1 89  ? -29.251 4.249   -6.295  1.00 18.10 ? 1067 ARG A NH2 1 
ATOM   846  N N   . ASP A 1 90  ? -26.129 2.441   -3.100  1.00 18.58 ? 1068 ASP A N   1 
ATOM   847  C CA  . ASP A 1 90  ? -26.342 3.864   -2.837  1.00 21.81 ? 1068 ASP A CA  1 
ATOM   848  C C   . ASP A 1 90  ? -25.093 4.690   -3.147  1.00 20.46 ? 1068 ASP A C   1 
ATOM   849  O O   . ASP A 1 90  ? -23.965 4.159   -3.241  1.00 20.06 ? 1068 ASP A O   1 
ATOM   850  C CB  . ASP A 1 90  ? -26.692 4.196   -1.422  1.00 23.08 ? 1068 ASP A CB  1 
ATOM   851  C CG  . ASP A 1 90  ? -25.652 3.753   -0.465  1.00 26.01 ? 1068 ASP A CG  1 
ATOM   852  O OD1 . ASP A 1 90  ? -25.721 2.561   -0.094  1.00 39.04 ? 1068 ASP A OD1 1 
ATOM   853  O OD2 . ASP A 1 90  ? -24.774 4.602   -0.138  1.00 36.23 ? 1068 ASP A OD2 1 
ATOM   854  N N   . PRO A 1 91  ? -25.274 5.983   -3.397  1.00 17.81 ? 1069 PRO A N   1 
ATOM   855  C CA  . PRO A 1 91  ? -24.201 6.830   -3.887  1.00 17.87 ? 1069 PRO A CA  1 
ATOM   856  C C   . PRO A 1 91  ? -23.001 6.869   -2.928  1.00 16.33 ? 1069 PRO A C   1 
ATOM   857  O O   . PRO A 1 91  ? -21.862 7.033   -3.466  1.00 15.06 ? 1069 PRO A O   1 
ATOM   858  C CB  . PRO A 1 91  ? -24.819 8.221   -4.062  1.00 18.44 ? 1069 PRO A CB  1 
ATOM   859  C CG  . PRO A 1 91  ? -26.297 7.961   -4.165  1.00 22.35 ? 1069 PRO A CG  1 
ATOM   860  C CD  . PRO A 1 91  ? -26.598 6.702   -3.413  1.00 18.92 ? 1069 PRO A CD  1 
ATOM   861  N N   . GLY A 1 92  ? -23.150 6.854   -1.621  1.00 15.90 ? 1070 GLY A N   1 
ATOM   862  C CA  . GLY A 1 92  ? -21.984 6.972   -0.717  1.00 16.19 ? 1070 GLY A CA  1 
ATOM   863  C C   . GLY A 1 92  ? -21.115 5.728   -0.881  1.00 17.31 ? 1070 GLY A C   1 
ATOM   864  O O   . GLY A 1 92  ? -19.825 5.847   -1.019  1.00 16.77 ? 1070 GLY A O   1 
ATOM   865  N N   . ASP A 1 93  ? -21.672 4.533   -0.994  1.00 17.33 ? 1071 ASP A N   1 
ATOM   866  C CA  . ASP A 1 93  ? -20.881 3.282   -1.188  1.00 17.06 ? 1071 ASP A CA  1 
ATOM   867  C C   . ASP A 1 93  ? -20.294 3.287   -2.582  1.00 16.94 ? 1071 ASP A C   1 
ATOM   868  O O   . ASP A 1 93  ? -19.042 2.944   -2.794  1.00 16.11 ? 1071 ASP A O   1 
ATOM   869  C CB  . ASP A 1 93  ? -21.689 2.009   -0.958  1.00 19.13 ? 1071 ASP A CB  1 
ATOM   870  C CG  . ASP A 1 93  ? -22.028 1.666   0.491   1.00 18.31 ? 1071 ASP A CG  1 
ATOM   871  O OD1 . ASP A 1 93  ? -21.946 2.526   1.369   1.00 22.62 ? 1071 ASP A OD1 1 
ATOM   872  O OD2 . ASP A 1 93  ? -22.284 0.435   0.704   1.00 20.28 ? 1071 ASP A OD2 1 
ATOM   873  N N   . ARG A 1 94  ? -20.996 3.669   -3.646  1.00 15.81 ? 1072 ARG A N   1 
ATOM   874  C CA  . ARG A 1 94  ? -20.445 3.688   -5.007  1.00 16.16 ? 1072 ARG A CA  1 
ATOM   875  C C   . ARG A 1 94  ? -19.264 4.697   -5.091  1.00 14.51 ? 1072 ARG A C   1 
ATOM   876  O O   . ARG A 1 94  ? -18.320 4.366   -5.841  1.00 15.30 ? 1072 ARG A O   1 
ATOM   877  C CB  . ARG A 1 94  ? -21.516 3.936   -6.095  1.00 14.95 ? 1072 ARG A CB  1 
ATOM   878  C CG  . ARG A 1 94  ? -22.416 2.715   -6.265  1.00 19.42 ? 1072 ARG A CG  1 
ATOM   879  C CD  . ARG A 1 94  ? -23.501 2.940   -7.324  1.00 22.85 ? 1072 ARG A CD  1 
ATOM   880  N NE  . ARG A 1 94  ? -24.177 1.674   -7.715  1.00 27.54 ? 1072 ARG A NE  1 
ATOM   881  C CZ  . ARG A 1 94  ? -25.251 1.621   -8.536  1.00 38.12 ? 1072 ARG A CZ  1 
ATOM   882  N NH1 . ARG A 1 94  ? -25.782 2.742   -8.996  1.00 45.39 ? 1072 ARG A NH1 1 
ATOM   883  N NH2 . ARG A 1 94  ? -25.776 0.459   -8.926  1.00 35.00 ? 1072 ARG A NH2 1 
ATOM   884  N N   . LEU A 1 95  ? -19.335 5.812   -4.426  1.00 13.58 ? 1073 LEU A N   1 
ATOM   885  C CA  . LEU A 1 95  ? -18.266 6.842   -4.454  1.00 13.54 ? 1073 LEU A CA  1 
ATOM   886  C C   . LEU A 1 95  ? -16.990 6.249   -3.824  1.00 14.30 ? 1073 LEU A C   1 
ATOM   887  O O   . LEU A 1 95  ? -15.891 6.349   -4.454  1.00 13.87 ? 1073 LEU A O   1 
ATOM   888  C CB  . LEU A 1 95  ? -18.658 8.151   -3.830  1.00 12.86 ? 1073 LEU A CB  1 
ATOM   889  C CG  . LEU A 1 95  ? -17.594 9.250   -3.746  1.00 14.11 ? 1073 LEU A CG  1 
ATOM   890  C CD1 . LEU A 1 95  ? -17.144 9.696   -5.116  1.00 14.63 ? 1073 LEU A CD1 1 
ATOM   891  C CD2 . LEU A 1 95  ? -18.100 10.433  -2.955  1.00 16.56 ? 1073 LEU A CD2 1 
ATOM   892  N N   A ILE A 1 96  ? -17.108 5.643   -2.636  0.15 15.17 ? 1074 ILE A N   1 
ATOM   893  N N   B ILE A 1 96  ? -17.060 5.621   -2.654  0.21 13.06 ? 1074 ILE A N   1 
ATOM   894  N N   C ILE A 1 96  ? -17.108 5.643   -2.636  0.15 15.17 ? 1074 ILE A N   1 
ATOM   895  C CA  A ILE A 1 96  ? -15.944 5.050   -1.908  0.15 16.21 ? 1074 ILE A CA  1 
ATOM   896  C CA  B ILE A 1 96  ? -15.809 5.090   -2.019  0.21 12.70 ? 1074 ILE A CA  1 
ATOM   897  C CA  C ILE A 1 96  ? -15.944 5.050   -1.908  0.15 16.21 ? 1074 ILE A CA  1 
ATOM   898  C C   A ILE A 1 96  ? -15.321 3.948   -2.761  0.15 15.85 ? 1074 ILE A C   1 
ATOM   899  C C   B ILE A 1 96  ? -15.283 3.926   -2.873  0.21 14.09 ? 1074 ILE A C   1 
ATOM   900  C C   C ILE A 1 96  ? -15.321 3.948   -2.761  0.15 15.85 ? 1074 ILE A C   1 
ATOM   901  O O   A ILE A 1 96  ? -14.054 3.907   -2.763  0.15 14.87 ? 1074 ILE A O   1 
ATOM   902  O O   B ILE A 1 96  ? -14.050 3.788   -3.127  0.21 11.94 ? 1074 ILE A O   1 
ATOM   903  O O   C ILE A 1 96  ? -14.054 3.907   -2.763  0.15 14.87 ? 1074 ILE A O   1 
ATOM   904  C CB  A ILE A 1 96  ? -16.312 4.517   -0.509  0.15 18.13 ? 1074 ILE A CB  1 
ATOM   905  C CB  B ILE A 1 96  ? -16.029 4.730   -0.534  0.21 12.43 ? 1074 ILE A CB  1 
ATOM   906  C CB  C ILE A 1 96  ? -16.312 4.517   -0.509  0.15 18.13 ? 1074 ILE A CB  1 
ATOM   907  C CG1 A ILE A 1 96  ? -16.662 5.649   0.455   0.15 19.78 ? 1074 ILE A CG1 1 
ATOM   908  C CG1 B ILE A 1 96  ? -14.663 4.615   0.162   0.21 12.06 ? 1074 ILE A CG1 1 
ATOM   909  C CG1 C ILE A 1 96  ? -16.662 5.649   0.455   0.15 19.78 ? 1074 ILE A CG1 1 
ATOM   910  C CG2 A ILE A 1 96  ? -15.168 3.664   0.026   0.15 19.22 ? 1074 ILE A CG2 1 
ATOM   911  C CG2 B ILE A 1 96  ? -16.880 3.462   -0.376  0.21 12.10 ? 1074 ILE A CG2 1 
ATOM   912  C CG2 C ILE A 1 96  ? -15.168 3.664   0.026   0.15 19.22 ? 1074 ILE A CG2 1 
ATOM   913  C CD1 A ILE A 1 96  ? -17.475 5.219   1.659   0.15 21.25 ? 1074 ILE A CD1 1 
ATOM   914  C CD1 B ILE A 1 96  ? -14.724 4.446   1.629   0.21 13.06 ? 1074 ILE A CD1 1 
ATOM   915  C CD1 C ILE A 1 96  ? -17.475 5.219   1.659   0.15 21.25 ? 1074 ILE A CD1 1 
ATOM   916  N N   . ARG A 1 97  ? -16.133 3.084   -3.403  1.00 14.80 ? 1075 ARG A N   1 
ATOM   917  C CA  . ARG A 1 97  ? -15.646 1.968   -4.252  1.00 15.09 ? 1075 ARG A CA  1 
ATOM   918  C C   . ARG A 1 97  ? -14.867 2.585   -5.438  1.00 15.48 ? 1075 ARG A C   1 
ATOM   919  O O   . ARG A 1 97  ? -13.802 2.026   -5.865  1.00 15.26 ? 1075 ARG A O   1 
ATOM   920  C CB  . ARG A 1 97  ? -16.707 0.973   -4.706  1.00 16.38 ? 1075 ARG A CB  1 
ATOM   921  C CG  . ARG A 1 97  ? -17.281 0.162   -3.547  1.00 17.11 ? 1075 ARG A CG  1 
ATOM   922  C CD  . ARG A 1 97  ? -17.907 -1.120  -4.019  1.00 21.00 ? 1075 ARG A CD  1 
ATOM   923  N NE  . ARG A 1 97  ? -18.903 -1.004  -5.093  1.00 20.43 ? 1075 ARG A NE  1 
ATOM   924  C CZ  . ARG A 1 97  ? -20.220 -0.662  -4.917  1.00 20.79 ? 1075 ARG A CZ  1 
ATOM   925  N NH1 . ARG A 1 97  ? -20.685 -0.394  -3.727  1.00 19.35 ? 1075 ARG A NH1 1 
ATOM   926  N NH2 . ARG A 1 97  ? -21.035 -0.618  -5.962  1.00 25.04 ? 1075 ARG A NH2 1 
ATOM   927  N N   . HIS A 1 98  ? -15.389 3.641   -6.110  1.00 13.82 ? 1076 HIS A N   1 
ATOM   928  C CA  . HIS A 1 98  ? -14.730 4.208   -7.296  1.00 14.27 ? 1076 HIS A CA  1 
ATOM   929  C C   . HIS A 1 98  ? -13.366 4.805   -6.845  1.00 13.37 ? 1076 HIS A C   1 
ATOM   930  O O   . HIS A 1 98  ? -12.358 4.594   -7.606  1.00 13.98 ? 1076 HIS A O   1 
ATOM   931  C CB  . HIS A 1 98  ? -15.643 5.306   -7.921  1.00 13.69 ? 1076 HIS A CB  1 
ATOM   932  C CG  . HIS A 1 98  ? -15.198 5.782   -9.275  1.00 14.86 ? 1076 HIS A CG  1 
ATOM   933  N ND1 . HIS A 1 98  ? -14.395 6.915   -9.413  1.00 15.92 ? 1076 HIS A ND1 1 
ATOM   934  C CD2 . HIS A 1 98  ? -15.429 5.272   -10.503 1.00 16.24 ? 1076 HIS A CD2 1 
ATOM   935  C CE1 . HIS A 1 98  ? -14.158 7.031   -10.737 1.00 15.85 ? 1076 HIS A CE1 1 
ATOM   936  N NE2 . HIS A 1 98  ? -14.788 6.080   -11.430 1.00 16.26 ? 1076 HIS A NE2 1 
ATOM   937  N N   . ARG A 1 99  ? -13.309 5.445   -5.708  1.00 12.73 ? 1077 ARG A N   1 
ATOM   938  C CA  . ARG A 1 99  ? -12.054 6.002   -5.146  1.00 12.80 ? 1077 ARG A CA  1 
ATOM   939  C C   . ARG A 1 99  ? -11.099 4.829   -4.858  1.00 14.17 ? 1077 ARG A C   1 
ATOM   940  O O   . ARG A 1 99  ? -9.844  5.043   -5.101  1.00 14.23 ? 1077 ARG A O   1 
ATOM   941  C CB  . ARG A 1 99  ? -12.280 6.909   -3.967  1.00 13.68 ? 1077 ARG A CB  1 
ATOM   942  C CG  . ARG A 1 99  ? -13.066 8.195   -4.353  1.00 14.71 ? 1077 ARG A CG  1 
ATOM   943  C CD  . ARG A 1 99  ? -13.540 8.970   -3.153  1.00 16.00 ? 1077 ARG A CD  1 
ATOM   944  N NE  . ARG A 1 99  ? -13.946 10.357  -3.467  1.00 15.07 ? 1077 ARG A NE  1 
ATOM   945  C CZ  . ARG A 1 99  ? -14.395 11.205  -2.584  1.00 15.89 ? 1077 ARG A CZ  1 
ATOM   946  N NH1 . ARG A 1 99  ? -14.707 10.832  -1.356  1.00 17.01 ? 1077 ARG A NH1 1 
ATOM   947  N NH2 . ARG A 1 99  ? -14.708 12.435  -3.017  1.00 19.89 ? 1077 ARG A NH2 1 
ATOM   948  N N   . ALA A 1 100 ? -11.534 3.749   -4.223  1.00 13.53 ? 1078 ALA A N   1 
ATOM   949  C CA  . ALA A 1 100 ? -10.629 2.619   -3.862  1.00 14.16 ? 1078 ALA A CA  1 
ATOM   950  C C   . ALA A 1 100 ? -10.045 2.047   -5.120  1.00 14.88 ? 1078 ALA A C   1 
ATOM   951  O O   . ALA A 1 100 ? -8.793  1.716   -5.133  1.00 16.06 ? 1078 ALA A O   1 
ATOM   952  C CB  . ALA A 1 100 ? -11.448 1.554   -3.125  1.00 15.40 ? 1078 ALA A CB  1 
ATOM   953  N N   . CYS A 1 101 ? -10.778 1.813   -6.190  1.00 13.30 ? 1079 CYS A N   1 
ATOM   954  C CA  . CYS A 1 101 ? -10.316 1.327   -7.467  1.00 14.69 ? 1079 CYS A CA  1 
ATOM   955  C C   . CYS A 1 101 ? -9.305  2.325   -8.040  1.00 14.90 ? 1079 CYS A C   1 
ATOM   956  O O   . CYS A 1 101 ? -8.278  1.859   -8.648  1.00 15.49 ? 1079 CYS A O   1 
ATOM   957  C CB  . CYS A 1 101 ? -11.425 1.005   -8.459  1.00 16.14 ? 1079 CYS A CB  1 
ATOM   958  S SG  . CYS A 1 101 ? -12.447 -0.426  -7.946  1.00 21.17 ? 1079 CYS A SG  1 
ATOM   959  N N   . ALA A 1 102 ? -9.535  3.615   -7.943  1.00 14.00 ? 1080 ALA A N   1 
ATOM   960  C CA  . ALA A 1 102 ? -8.623  4.653   -8.489  1.00 14.86 ? 1080 ALA A CA  1 
ATOM   961  C C   . ALA A 1 102 ? -7.322  4.605   -7.666  1.00 14.58 ? 1080 ALA A C   1 
ATOM   962  O O   . ALA A 1 102 ? -6.220  4.749   -8.314  1.00 14.38 ? 1080 ALA A O   1 
ATOM   963  C CB  . ALA A 1 102 ? -9.249  6.040   -8.511  1.00 13.76 ? 1080 ALA A CB  1 
ATOM   964  N N   . LEU A 1 103 ? -7.343  4.404   -6.362  1.00 13.85 ? 1081 LEU A N   1 
ATOM   965  C CA  . LEU A 1 103 ? -6.099  4.325   -5.519  1.00 12.77 ? 1081 LEU A CA  1 
ATOM   966  C C   . LEU A 1 103 ? -5.296  3.124   -6.029  1.00 13.28 ? 1081 LEU A C   1 
ATOM   967  O O   . LEU A 1 103 ? -4.037  3.281   -6.313  1.00 13.01 ? 1081 LEU A O   1 
ATOM   968  C CB  . LEU A 1 103 ? -6.464  4.137   -4.049  1.00 13.90 ? 1081 LEU A CB  1 
ATOM   969  C CG  . LEU A 1 103 ? -5.272  3.818   -3.138  1.00 15.75 ? 1081 LEU A CG  1 
ATOM   970  C CD1 . LEU A 1 103 ? -4.503  5.066   -2.939  1.00 18.73 ? 1081 LEU A CD1 1 
ATOM   971  C CD2 . LEU A 1 103 ? -5.764  3.255   -1.807  1.00 19.89 ? 1081 LEU A CD2 1 
ATOM   972  N N   . ARG A 1 104 ? -5.846  1.956   -6.192  1.00 13.08 ? 1082 ARG A N   1 
ATOM   973  C CA  . ARG A 1 104 ? -5.160  0.750   -6.651  1.00 14.49 ? 1082 ARG A CA  1 
ATOM   974  C C   . ARG A 1 104 ? -4.607  1.008   -8.027  1.00 14.23 ? 1082 ARG A C   1 
ATOM   975  O O   . ARG A 1 104 ? -3.377  0.743   -8.262  1.00 14.59 ? 1082 ARG A O   1 
ATOM   976  C CB  . ARG A 1 104 ? -6.152  -0.426  -6.621  1.00 16.87 ? 1082 ARG A CB  1 
ATOM   977  C CG  . ARG A 1 104 ? -5.629  -1.764  -7.169  1.00 19.00 ? 1082 ARG A CG  1 
ATOM   978  C CD  . ARG A 1 104 ? -6.826  -2.704  -7.569  1.00 24.68 ? 1082 ARG A CD  1 
ATOM   979  N NE  . ARG A 1 104 ? -7.645  -2.070  -8.675  1.00 26.60 ? 1082 ARG A NE  1 
ATOM   980  C CZ  . ARG A 1 104 ? -8.943  -2.281  -8.982  1.00 28.68 ? 1082 ARG A CZ  1 
ATOM   981  N NH1 . ARG A 1 104 ? -9.481  -1.632  -9.997  1.00 29.39 ? 1082 ARG A NH1 1 
ATOM   982  N NH2 . ARG A 1 104 ? -9.670  -3.147  -8.298  1.00 28.94 ? 1082 ARG A NH2 1 
ATOM   983  N N   . ASP A 1 105 ? -5.420  1.457   -8.988  1.00 14.35 ? 1083 ASP A N   1 
ATOM   984  C CA  . ASP A 1 105 ? -4.989  1.638   -10.378 1.00 14.18 ? 1083 ASP A CA  1 
ATOM   985  C C   . ASP A 1 105 ? -3.851  2.684   -10.458 1.00 13.93 ? 1083 ASP A C   1 
ATOM   986  O O   . ASP A 1 105 ? -2.884  2.511   -11.291 1.00 14.46 ? 1083 ASP A O   1 
ATOM   987  C CB  . ASP A 1 105 ? -6.168  2.011   -11.267 1.00 16.78 ? 1083 ASP A CB  1 
ATOM   988  C CG  . ASP A 1 105 ? -7.175  0.874   -11.454 1.00 19.00 ? 1083 ASP A CG  1 
ATOM   989  O OD1 . ASP A 1 105 ? -6.945  -0.294  -11.065 1.00 21.42 ? 1083 ASP A OD1 1 
ATOM   990  O OD2 . ASP A 1 105 ? -8.305  1.265   -11.913 1.00 26.06 ? 1083 ASP A OD2 1 
ATOM   991  N N   . THR A 1 106 ? -3.942  3.757   -9.687  1.00 12.86 ? 1084 THR A N   1 
ATOM   992  C CA  . THR A 1 106 ? -2.940  4.833   -9.681  1.00 13.15 ? 1084 THR A CA  1 
ATOM   993  C C   . THR A 1 106 ? -1.598  4.267   -9.153  1.00 13.23 ? 1084 THR A C   1 
ATOM   994  O O   . THR A 1 106 ? -0.489  4.513   -9.748  1.00 13.47 ? 1084 THR A O   1 
ATOM   995  C CB  . THR A 1 106 ? -3.387  6.075   -8.906  1.00 13.34 ? 1084 THR A CB  1 
ATOM   996  O OG1 . THR A 1 106 ? -4.590  6.614   -9.542  1.00 15.21 ? 1084 THR A OG1 1 
ATOM   997  C CG2 . THR A 1 106 ? -2.342  7.159   -8.867  1.00 14.76 ? 1084 THR A CG2 1 
ATOM   998  N N   . ALA A 1 107 ? -1.600  3.530   -8.051  1.00 12.71 ? 1085 ALA A N   1 
ATOM   999  C CA  . ALA A 1 107 ? -0.366  2.927   -7.497  1.00 12.40 ? 1085 ALA A CA  1 
ATOM   1000 C C   . ALA A 1 107 ? 0.247   2.018   -8.546  1.00 12.70 ? 1085 ALA A C   1 
ATOM   1001 O O   . ALA A 1 107 ? 1.517   2.083   -8.790  1.00 12.23 ? 1085 ALA A O   1 
ATOM   1002 C CB  . ALA A 1 107 ? -0.681  2.156   -6.239  1.00 12.59 ? 1085 ALA A CB  1 
ATOM   1003 N N   . TYR A 1 108 ? -0.504  1.113   -9.152  1.00 12.55 ? 1086 TYR A N   1 
ATOM   1004 C CA  . TYR A 1 108 ? 0.068   0.174   -10.147 1.00 12.61 ? 1086 TYR A CA  1 
ATOM   1005 C C   . TYR A 1 108 ? 0.597   0.959   -11.363 1.00 14.35 ? 1086 TYR A C   1 
ATOM   1006 O O   . TYR A 1 108 ? 1.662   0.546   -11.908 1.00 15.02 ? 1086 TYR A O   1 
ATOM   1007 C CB  . TYR A 1 108 ? -0.944  -0.897  -10.624 1.00 14.52 ? 1086 TYR A CB  1 
ATOM   1008 C CG  . TYR A 1 108 ? -1.064  -2.091  -9.730  1.00 14.38 ? 1086 TYR A CG  1 
ATOM   1009 C CD1 . TYR A 1 108 ? -1.785  -2.099  -8.555  1.00 14.79 ? 1086 TYR A CD1 1 
ATOM   1010 C CD2 . TYR A 1 108 ? -0.340  -3.263  -9.986  1.00 15.95 ? 1086 TYR A CD2 1 
ATOM   1011 C CE1 . TYR A 1 108 ? -1.919  -3.237  -7.751  1.00 15.61 ? 1086 TYR A CE1 1 
ATOM   1012 C CE2 . TYR A 1 108 ? -0.412  -4.372  -9.175  1.00 17.11 ? 1086 TYR A CE2 1 
ATOM   1013 C CZ  . TYR A 1 108 ? -1.219  -4.389  -8.059  1.00 16.85 ? 1086 TYR A CZ  1 
ATOM   1014 O OH  . TYR A 1 108 ? -1.323  -5.501  -7.217  1.00 19.86 ? 1086 TYR A OH  1 
ATOM   1015 N N   . ALA A 1 109 ? -0.032  2.056   -11.800 1.00 13.09 ? 1087 ALA A N   1 
ATOM   1016 C CA  . ALA A 1 109 ? 0.416   2.820   -12.978 1.00 13.85 ? 1087 ALA A CA  1 
ATOM   1017 C C   . ALA A 1 109 ? 1.747   3.530   -12.659 1.00 13.62 ? 1087 ALA A C   1 
ATOM   1018 O O   . ALA A 1 109 ? 2.688   3.579   -13.550 1.00 15.40 ? 1087 ALA A O   1 
ATOM   1019 C CB  . ALA A 1 109 ? -0.663  3.750   -13.475 1.00 15.16 ? 1087 ALA A CB  1 
ATOM   1020 N N   . ILE A 1 110 ? 1.894   4.141   -11.485 1.00 12.83 ? 1088 ILE A N   1 
ATOM   1021 C CA  . ILE A 1 110 ? 3.173   4.813   -11.108 1.00 12.74 ? 1088 ILE A CA  1 
ATOM   1022 C C   . ILE A 1 110 ? 4.295   3.781   -11.102 1.00 13.60 ? 1088 ILE A C   1 
ATOM   1023 O O   . ILE A 1 110 ? 5.390   4.049   -11.647 1.00 14.29 ? 1088 ILE A O   1 
ATOM   1024 C CB  . ILE A 1 110 ? 3.052   5.499   -9.749  1.00 12.83 ? 1088 ILE A CB  1 
ATOM   1025 C CG1 . ILE A 1 110 ? 2.132   6.704   -9.818  1.00 14.15 ? 1088 ILE A CG1 1 
ATOM   1026 C CG2 . ILE A 1 110 ? 4.433   5.925   -9.209  1.00 14.01 ? 1088 ILE A CG2 1 
ATOM   1027 C CD1 . ILE A 1 110 ? 1.757   7.335   -8.462  1.00 15.37 ? 1088 ILE A CD1 1 
ATOM   1028 N N   . ILE A 1 111 ? 4.060   2.626   -10.510 0.49 13.47 ? 1089 ILE A N   1 
ATOM   1029 C CA  . ILE A 1 111 ? 5.113   1.582   -10.390 0.49 14.34 ? 1089 ILE A CA  1 
ATOM   1030 C C   . ILE A 1 111 ? 5.472   1.067   -11.804 0.49 15.03 ? 1089 ILE A C   1 
ATOM   1031 O O   . ILE A 1 111 ? 6.681   1.107   -12.159 0.49 13.38 ? 1089 ILE A O   1 
ATOM   1032 C CB  . ILE A 1 111 ? 4.675   0.564   -9.312  0.49 14.13 ? 1089 ILE A CB  1 
ATOM   1033 C CG1 . ILE A 1 111 ? 4.697   1.259   -7.932  0.49 13.45 ? 1089 ILE A CG1 1 
ATOM   1034 C CG2 . ILE A 1 111 ? 5.515   -0.703  -9.338  0.49 15.04 ? 1089 ILE A CG2 1 
ATOM   1035 C CD1 . ILE A 1 111 ? 3.963   0.533   -6.814  0.49 14.35 ? 1089 ILE A CD1 1 
ATOM   1036 N N   . LYS A 1 112 ? 4.501   0.726   -12.657 0.49 16.60 ? 1090 LYS A N   1 
ATOM   1037 C CA  . LYS A 1 112 ? 4.785   0.294   -14.059 0.49 19.05 ? 1090 LYS A CA  1 
ATOM   1038 C C   . LYS A 1 112 ? 5.686   1.317   -14.783 0.49 18.34 ? 1090 LYS A C   1 
ATOM   1039 O O   . LYS A 1 112 ? 6.627   0.864   -15.484 0.49 20.37 ? 1090 LYS A O   1 
ATOM   1040 C CB  . LYS A 1 112 ? 3.470   0.051   -14.804 0.49 21.96 ? 1090 LYS A CB  1 
ATOM   1041 C CG  . LYS A 1 112 ? 2.732   -1.202  -14.366 0.49 25.43 ? 1090 LYS A CG  1 
ATOM   1042 C CD  . LYS A 1 112 ? 2.159   -2.050  -15.483 0.49 28.05 ? 1090 LYS A CD  1 
ATOM   1043 C CE  . LYS A 1 112 ? 1.231   -3.133  -14.972 0.49 30.35 ? 1090 LYS A CE  1 
ATOM   1044 N NZ  . LYS A 1 112 ? -0.110  -2.591  -14.655 0.49 31.18 ? 1090 LYS A NZ  1 
ATOM   1045 N N   . GLU A 1 113 ? 5.451   2.625   -14.644 1.00 16.73 ? 1091 GLU A N   1 
ATOM   1046 C CA  . GLU A 1 113 ? 6.265   3.675   -15.311 1.00 18.19 ? 1091 GLU A CA  1 
ATOM   1047 C C   . GLU A 1 113 ? 7.619   3.882   -14.628 1.00 20.36 ? 1091 GLU A C   1 
ATOM   1048 O O   . GLU A 1 113 ? 8.608   4.245   -15.385 1.00 25.53 ? 1091 GLU A O   1 
ATOM   1049 C CB  . GLU A 1 113 ? 5.602   5.051   -15.385 1.00 24.63 ? 1091 GLU A CB  1 
ATOM   1050 C CG  . GLU A 1 113 ? 4.420   5.254   -16.336 1.00 36.53 ? 1091 GLU A CG  1 
ATOM   1051 C CD  . GLU A 1 113 ? 4.071   6.705   -16.723 1.00 49.69 ? 1091 GLU A CD  1 
ATOM   1052 O OE1 . GLU A 1 113 ? 4.192   7.652   -15.860 1.00 45.98 ? 1091 GLU A OE1 1 
ATOM   1053 O OE2 . GLU A 1 113 ? 3.632   6.910   -17.902 1.00 52.61 ? 1091 GLU A OE2 1 
ATOM   1054 N N   . GLU A 1 114 ? 7.742   3.769   -13.311 1.00 14.23 ? 1092 GLU A N   1 
ATOM   1055 C CA  . GLU A 1 114 ? 8.926   4.316   -12.574 1.00 14.69 ? 1092 GLU A CA  1 
ATOM   1056 C C   . GLU A 1 114 ? 9.729   3.201   -11.895 1.00 13.85 ? 1092 GLU A C   1 
ATOM   1057 O O   . GLU A 1 114 ? 10.859  3.543   -11.451 1.00 16.96 ? 1092 GLU A O   1 
ATOM   1058 C CB  . GLU A 1 114 ? 8.457   5.374   -11.555 1.00 13.17 ? 1092 GLU A CB  1 
ATOM   1059 C CG  . GLU A 1 114 ? 7.676   6.534   -12.231 1.00 14.17 ? 1092 GLU A CG  1 
ATOM   1060 C CD  . GLU A 1 114 ? 7.225   7.596   -11.271 1.00 14.74 ? 1092 GLU A CD  1 
ATOM   1061 O OE1 . GLU A 1 114 ? 7.778   7.817   -10.171 1.00 14.45 ? 1092 GLU A OE1 1 
ATOM   1062 O OE2 . GLU A 1 114 ? 6.192   8.287   -11.599 1.00 15.79 ? 1092 GLU A OE2 1 
ATOM   1063 N N   . LEU A 1 115 ? 9.261   2.008   -11.689 1.00 14.36 ? 1093 LEU A N   1 
ATOM   1064 C CA  . LEU A 1 115 ? 10.047  0.873   -11.101 1.00 14.28 ? 1093 LEU A CA  1 
ATOM   1065 C C   . LEU A 1 115 ? 10.815  0.157   -12.225 1.00 16.68 ? 1093 LEU A C   1 
ATOM   1066 O O   . LEU A 1 115 ? 10.194  -0.402  -13.135 1.00 18.51 ? 1093 LEU A O   1 
ATOM   1067 C CB  . LEU A 1 115 ? 9.107   -0.118  -10.400 1.00 16.93 ? 1093 LEU A CB  1 
ATOM   1068 C CG  . LEU A 1 115 ? 9.739   -1.438  -9.925  1.00 19.50 ? 1093 LEU A CG  1 
ATOM   1069 C CD1 . LEU A 1 115 ? 10.789  -1.140  -8.881  1.00 17.75 ? 1093 LEU A CD1 1 
ATOM   1070 C CD2 . LEU A 1 115 ? 8.699   -2.456  -9.394  1.00 19.57 ? 1093 LEU A CD2 1 
ATOM   1071 N N   . ASP A 1 116 ? 12.147  0.033   -12.124 1.00 14.79 ? 1094 ASP A N   1 
ATOM   1072 C CA  . ASP A 1 116 ? 12.884  -0.815  -13.076 1.00 16.48 ? 1094 ASP A CA  1 
ATOM   1073 C C   . ASP A 1 116 ? 12.654  -2.283  -12.712 1.00 16.19 ? 1094 ASP A C   1 
ATOM   1074 O O   . ASP A 1 116 ? 12.866  -2.670  -11.562 1.00 14.83 ? 1094 ASP A O   1 
ATOM   1075 C CB  . ASP A 1 116 ? 14.356  -0.412  -12.959 1.00 16.51 ? 1094 ASP A CB  1 
ATOM   1076 C CG  . ASP A 1 116 ? 15.219  -1.050  -14.050 1.00 24.12 ? 1094 ASP A CG  1 
ATOM   1077 O OD1 . ASP A 1 116 ? 15.227  -2.272  -14.123 1.00 26.68 ? 1094 ASP A OD1 1 
ATOM   1078 O OD2 . ASP A 1 116 ? 15.860  -0.305  -14.823 1.00 22.46 ? 1094 ASP A OD2 1 
ATOM   1079 N N   A GLU A 1 117 ? 12.259  -3.109  -13.685 0.16 17.32 ? 1095 GLU A N   1 
ATOM   1080 N N   B GLU A 1 117 ? 12.266  -3.106  -13.694 0.19 16.45 ? 1095 GLU A N   1 
ATOM   1081 N N   C GLU A 1 117 ? 12.260  -3.109  -13.686 0.14 17.36 ? 1095 GLU A N   1 
ATOM   1082 C CA  A GLU A 1 117 ? 11.986  -4.553  -13.463 0.16 18.75 ? 1095 GLU A CA  1 
ATOM   1083 C CA  B GLU A 1 117 ? 11.982  -4.550  -13.484 0.19 17.26 ? 1095 GLU A CA  1 
ATOM   1084 C CA  C GLU A 1 117 ? 11.986  -4.554  -13.464 0.14 18.76 ? 1095 GLU A CA  1 
ATOM   1085 C C   A GLU A 1 117 ? 13.233  -5.271  -12.916 0.16 16.52 ? 1095 GLU A C   1 
ATOM   1086 C C   B GLU A 1 117 ? 13.227  -5.280  -12.940 0.19 15.60 ? 1095 GLU A C   1 
ATOM   1087 C C   C GLU A 1 117 ? 13.231  -5.272  -12.918 0.14 16.62 ? 1095 GLU A C   1 
ATOM   1088 O O   A GLU A 1 117 ? 13.063  -6.227  -12.116 0.16 16.82 ? 1095 GLU A O   1 
ATOM   1089 O O   B GLU A 1 117 ? 13.048  -6.246  -12.151 0.19 16.03 ? 1095 GLU A O   1 
ATOM   1090 O O   C GLU A 1 117 ? 13.059  -6.225  -12.119 0.14 16.86 ? 1095 GLU A O   1 
ATOM   1091 C CB  A GLU A 1 117 ? 11.495  -5.225  -14.750 0.16 21.96 ? 1095 GLU A CB  1 
ATOM   1092 C CB  B GLU A 1 117 ? 11.424  -5.205  -14.761 0.19 19.10 ? 1095 GLU A CB  1 
ATOM   1093 C CB  C GLU A 1 117 ? 11.495  -5.225  -14.751 0.14 21.92 ? 1095 GLU A CB  1 
ATOM   1094 C CG  A GLU A 1 117 ? 10.051  -4.905  -15.088 0.16 25.15 ? 1095 GLU A CG  1 
ATOM   1095 C CG  B GLU A 1 117 ? 12.394  -5.268  -15.937 0.19 20.67 ? 1095 GLU A CG  1 
ATOM   1096 C CG  C GLU A 1 117 ? 10.051  -4.905  -15.089 0.14 25.06 ? 1095 GLU A CG  1 
ATOM   1097 C CD  A GLU A 1 117 ? 9.557   -5.541  -16.382 0.16 29.05 ? 1095 GLU A CD  1 
ATOM   1098 C CD  B GLU A 1 117 ? 11.817  -5.798  -17.250 0.19 23.36 ? 1095 GLU A CD  1 
ATOM   1099 C CD  C GLU A 1 117 ? 9.555   -5.540  -16.382 0.14 28.83 ? 1095 GLU A CD  1 
ATOM   1100 O OE1 A GLU A 1 117 ? 9.921   -6.713  -16.648 0.16 30.71 ? 1095 GLU A OE1 1 
ATOM   1101 O OE1 B GLU A 1 117 ? 10.579  -5.880  -17.374 0.19 24.79 ? 1095 GLU A OE1 1 
ATOM   1102 O OE1 C GLU A 1 117 ? 9.918   -6.711  -16.648 0.14 30.52 ? 1095 GLU A OE1 1 
ATOM   1103 O OE2 A GLU A 1 117 ? 8.823   -4.859  -17.128 0.16 33.50 ? 1095 GLU A OE2 1 
ATOM   1104 O OE2 B GLU A 1 117 ? 12.609  -6.125  -18.155 0.19 25.12 ? 1095 GLU A OE2 1 
ATOM   1105 O OE2 C GLU A 1 117 ? 8.821   -4.858  -17.128 0.14 33.16 ? 1095 GLU A OE2 1 
ATOM   1106 N N   . ASP A 1 118 ? 14.438  -4.859  -13.330 1.00 16.24 ? 1096 ASP A N   1 
ATOM   1107 C CA  . ASP A 1 118 ? 15.676  -5.529  -12.831 1.00 16.30 ? 1096 ASP A CA  1 
ATOM   1108 C C   . ASP A 1 118 ? 15.961  -5.169  -11.362 1.00 14.56 ? 1096 ASP A C   1 
ATOM   1109 O O   . ASP A 1 118 ? 16.589  -5.925  -10.638 1.00 14.85 ? 1096 ASP A O   1 
ATOM   1110 C CB  . ASP A 1 118 ? 16.884  -5.275  -13.723 1.00 16.58 ? 1096 ASP A CB  1 
ATOM   1111 C CG  . ASP A 1 118 ? 16.801  -5.940  -15.111 1.00 20.88 ? 1096 ASP A CG  1 
ATOM   1112 O OD1 . ASP A 1 118 ? 16.046  -6.902  -15.295 1.00 22.12 ? 1096 ASP A OD1 1 
ATOM   1113 O OD2 . ASP A 1 118 ? 17.334  -5.293  -15.988 1.00 26.73 ? 1096 ASP A OD2 1 
ATOM   1114 N N   . PHE A 1 119 ? 15.563  -3.962  -10.921 1.00 14.58 ? 1097 PHE A N   1 
ATOM   1115 C CA  . PHE A 1 119 ? 15.663  -3.560  -9.500  1.00 13.52 ? 1097 PHE A CA  1 
ATOM   1116 C C   . PHE A 1 119 ? 14.723  -4.434  -8.644  1.00 12.78 ? 1097 PHE A C   1 
ATOM   1117 O O   . PHE A 1 119 ? 15.176  -5.005  -7.598  1.00 12.52 ? 1097 PHE A O   1 
ATOM   1118 C CB  . PHE A 1 119 ? 15.357  -2.061  -9.346  1.00 12.86 ? 1097 PHE A CB  1 
ATOM   1119 C CG  . PHE A 1 119 ? 15.479  -1.589  -7.908  1.00 12.47 ? 1097 PHE A CG  1 
ATOM   1120 C CD1 . PHE A 1 119 ? 16.718  -1.175  -7.395  1.00 13.36 ? 1097 PHE A CD1 1 
ATOM   1121 C CD2 . PHE A 1 119 ? 14.376  -1.607  -7.030  1.00 13.25 ? 1097 PHE A CD2 1 
ATOM   1122 C CE1 . PHE A 1 119 ? 16.851  -0.857  -6.057  1.00 14.96 ? 1097 PHE A CE1 1 
ATOM   1123 C CE2 . PHE A 1 119 ? 14.547  -1.227  -5.694  1.00 13.41 ? 1097 PHE A CE2 1 
ATOM   1124 C CZ  . PHE A 1 119 ? 15.769  -0.848  -5.225  1.00 14.11 ? 1097 PHE A CZ  1 
ATOM   1125 N N   . GLU A 1 120 ? 13.479  -4.614  -9.085  1.00 13.75 ? 1098 GLU A N   1 
ATOM   1126 C CA  . GLU A 1 120 ? 12.546  -5.487  -8.357  1.00 13.72 ? 1098 GLU A CA  1 
ATOM   1127 C C   . GLU A 1 120 ? 13.114  -6.932  -8.298  1.00 13.62 ? 1098 GLU A C   1 
ATOM   1128 O O   . GLU A 1 120 ? 12.988  -7.589  -7.278  1.00 14.30 ? 1098 GLU A O   1 
ATOM   1129 C CB  . GLU A 1 120 ? 11.144  -5.450  -8.989  1.00 15.28 ? 1098 GLU A CB  1 
ATOM   1130 C CG  . GLU A 1 120 ? 10.153  -6.392  -8.356  1.00 15.32 ? 1098 GLU A CG  1 
ATOM   1131 C CD  . GLU A 1 120 ? 9.754   -6.202  -6.900  1.00 16.45 ? 1098 GLU A CD  1 
ATOM   1132 O OE1 . GLU A 1 120 ? 10.217  -5.247  -6.262  1.00 17.05 ? 1098 GLU A OE1 1 
ATOM   1133 O OE2 . GLU A 1 120 ? 8.972   -7.061  -6.410  1.00 20.44 ? 1098 GLU A OE2 1 
ATOM   1134 N N   . GLN A 1 121 ? 13.612  -7.440  -9.459  1.00 14.49 ? 1099 GLN A N   1 
ATOM   1135 C CA  . GLN A 1 121 ? 14.108  -8.861  -9.487  1.00 14.72 ? 1099 GLN A CA  1 
ATOM   1136 C C   . GLN A 1 121 ? 15.298  -9.004  -8.533  1.00 14.34 ? 1099 GLN A C   1 
ATOM   1137 O O   . GLN A 1 121 ? 15.377  -10.021 -7.805  1.00 15.41 ? 1099 GLN A O   1 
ATOM   1138 C CB  . GLN A 1 121 ? 14.499  -9.219  -10.919 1.00 17.60 ? 1099 GLN A CB  1 
ATOM   1139 C CG  . GLN A 1 121 ? 14.939  -10.687 -11.086 1.00 18.22 ? 1099 GLN A CG  1 
ATOM   1140 C CD  . GLN A 1 121 ? 13.786  -11.630 -10.880 1.00 22.33 ? 1099 GLN A CD  1 
ATOM   1141 O OE1 . GLN A 1 121 ? 12.613  -11.275 -11.153 1.00 25.51 ? 1099 GLN A OE1 1 
ATOM   1142 N NE2 . GLN A 1 121 ? 14.098  -12.789 -10.285 1.00 22.96 ? 1099 GLN A NE2 1 
ATOM   1143 N N   . LEU A 1 122 ? 16.197  -8.012  -8.412  1.00 13.26 ? 1100 LEU A N   1 
ATOM   1144 C CA  . LEU A 1 122 ? 17.299  -8.014  -7.438  1.00 13.78 ? 1100 LEU A CA  1 
ATOM   1145 C C   . LEU A 1 122 ? 16.722  -8.113  -6.011  1.00 15.37 ? 1100 LEU A C   1 
ATOM   1146 O O   . LEU A 1 122 ? 17.219  -8.927  -5.184  1.00 15.44 ? 1100 LEU A O   1 
ATOM   1147 C CB  . LEU A 1 122 ? 18.221  -6.807  -7.614  1.00 13.33 ? 1100 LEU A CB  1 
ATOM   1148 C CG  . LEU A 1 122 ? 19.352  -6.694  -6.605  1.00 14.29 ? 1100 LEU A CG  1 
ATOM   1149 C CD1 . LEU A 1 122 ? 20.301  -7.936  -6.594  1.00 16.05 ? 1100 LEU A CD1 1 
ATOM   1150 C CD2 . LEU A 1 122 ? 20.181  -5.432  -6.826  1.00 15.11 ? 1100 LEU A CD2 1 
ATOM   1151 N N   . CYS A 1 123 ? 15.742  -7.254  -5.651  1.00 13.63 ? 1101 CYS A N   1 
ATOM   1152 C CA  . CYS A 1 123 ? 15.156  -7.325  -4.286  1.00 14.69 ? 1101 CYS A CA  1 
ATOM   1153 C C   . CYS A 1 123 ? 14.593  -8.742  -4.050  1.00 15.25 ? 1101 CYS A C   1 
ATOM   1154 O O   . CYS A 1 123 ? 14.806  -9.241  -2.937  1.00 15.43 ? 1101 CYS A O   1 
ATOM   1155 C CB  . CYS A 1 123 ? 14.063  -6.259  -4.159  1.00 14.02 ? 1101 CYS A CB  1 
ATOM   1156 S SG  . CYS A 1 123 ? 14.599  -4.535  -4.123  1.00 14.21 ? 1101 CYS A SG  1 
ATOM   1157 N N   . GLU A 1 124 ? 13.901  -9.314  -5.017  1.00 14.86 ? 1102 GLU A N   1 
ATOM   1158 C CA  . GLU A 1 124 ? 13.267  -10.658 -4.879  1.00 16.52 ? 1102 GLU A CA  1 
ATOM   1159 C C   . GLU A 1 124 ? 14.375  -11.695 -4.610  1.00 18.77 ? 1102 GLU A C   1 
ATOM   1160 O O   . GLU A 1 124 ? 14.213  -12.563 -3.701  1.00 20.84 ? 1102 GLU A O   1 
ATOM   1161 C CB  . GLU A 1 124 ? 12.313  -10.994 -6.030  1.00 18.17 ? 1102 GLU A CB  1 
ATOM   1162 C CG  . GLU A 1 124 ? 11.058  -10.101 -6.081  1.00 24.10 ? 1102 GLU A CG  1 
ATOM   1163 C CD  . GLU A 1 124 ? 10.018  -10.318 -7.195  1.00 31.48 ? 1102 GLU A CD  1 
ATOM   1164 O OE1 . GLU A 1 124 ? 10.095  -11.416 -7.797  1.00 34.31 ? 1102 GLU A OE1 1 
ATOM   1165 O OE2 . GLU A 1 124 ? 9.081   -9.412  -7.484  1.00 25.71 ? 1102 GLU A OE2 1 
ATOM   1166 N N   . GLU A 1 125 ? 15.516  -11.608 -5.309  1.00 17.06 ? 1103 GLU A N   1 
ATOM   1167 C CA  . GLU A 1 125 ? 16.583  -12.640 -5.153  1.00 17.45 ? 1103 GLU A CA  1 
ATOM   1168 C C   . GLU A 1 125 ? 17.308  -12.432 -3.841  1.00 19.78 ? 1103 GLU A C   1 
ATOM   1169 O O   . GLU A 1 125 ? 17.664  -13.492 -3.154  1.00 22.00 ? 1103 GLU A O   1 
ATOM   1170 C CB  . GLU A 1 125 ? 17.476  -12.628 -6.416  1.00 16.70 ? 1103 GLU A CB  1 
ATOM   1171 C CG  . GLU A 1 125 ? 16.783  -13.159 -7.638  1.00 16.69 ? 1103 GLU A CG  1 
ATOM   1172 C CD  . GLU A 1 125 ? 17.521  -13.281 -8.992  1.00 16.36 ? 1103 GLU A CD  1 
ATOM   1173 O OE1 . GLU A 1 125 ? 18.762  -13.024 -9.002  1.00 17.55 ? 1103 GLU A OE1 1 
ATOM   1174 O OE2 . GLU A 1 125 ? 16.852  -13.599 -10.016 1.00 19.51 ? 1103 GLU A OE2 1 
ATOM   1175 N N   . ILE A 1 126 ? 17.537  -11.227 -3.338  1.00 17.04 ? 1104 ILE A N   1 
ATOM   1176 C CA  . ILE A 1 126 ? 18.137  -11.039 -1.997  1.00 17.96 ? 1104 ILE A CA  1 
ATOM   1177 C C   . ILE A 1 126 ? 17.125  -11.648 -0.993  1.00 21.94 ? 1104 ILE A C   1 
ATOM   1178 O O   . ILE A 1 126 ? 17.551  -12.449 -0.131  1.00 23.67 ? 1104 ILE A O   1 
ATOM   1179 C CB  . ILE A 1 126 ? 18.457  -9.560  -1.645  1.00 17.20 ? 1104 ILE A CB  1 
ATOM   1180 C CG1 . ILE A 1 126 ? 19.370  -8.904  -2.689  1.00 17.40 ? 1104 ILE A CG1 1 
ATOM   1181 C CG2 . ILE A 1 126 ? 19.022  -9.453  -0.238  1.00 18.48 ? 1104 ILE A CG2 1 
ATOM   1182 C CD1 . ILE A 1 126 ? 19.444  -7.403  -2.660  1.00 17.94 ? 1104 ILE A CD1 1 
ATOM   1183 N N   . GLN A 1 127 ? 15.831  -11.294 -1.044  1.00 23.00 ? 1105 GLN A N   1 
ATOM   1184 C CA  . GLN A 1 127 ? 14.784  -11.823 -0.078  1.00 24.27 ? 1105 GLN A CA  1 
ATOM   1185 C C   . GLN A 1 127 ? 14.830  -13.369 -0.024  1.00 27.44 ? 1105 GLN A C   1 
ATOM   1186 O O   . GLN A 1 127 ? 14.856  -13.954 1.109   1.00 26.54 ? 1105 GLN A O   1 
ATOM   1187 C CB  . GLN A 1 127 ? 13.391  -11.262 -0.444  1.00 22.65 ? 1105 GLN A CB  1 
ATOM   1188 C CG  . GLN A 1 127 ? 12.201  -11.735 0.438   1.00 25.49 ? 1105 GLN A CG  1 
ATOM   1189 C CD  . GLN A 1 127 ? 10.840  -11.292 -0.070  1.00 25.76 ? 1105 GLN A CD  1 
ATOM   1190 O OE1 . GLN A 1 127 ? 10.428  -11.565 -1.213  1.00 29.35 ? 1105 GLN A OE1 1 
ATOM   1191 N NE2 . GLN A 1 127 ? 10.068  -10.641 0.804   1.00 27.86 ? 1105 GLN A NE2 1 
ATOM   1192 N N   A GLU A 1 128 ? 14.828  -14.018 -1.191  0.15 27.56 ? 1106 GLU A N   1 
ATOM   1193 N N   B GLU A 1 128 ? 14.871  -14.015 -1.198  0.20 25.22 ? 1106 GLU A N   1 
ATOM   1194 N N   C GLU A 1 128 ? 14.828  -14.018 -1.191  0.15 27.56 ? 1106 GLU A N   1 
ATOM   1195 C CA  A GLU A 1 128 ? 14.828  -15.503 -1.323  0.15 30.09 ? 1106 GLU A CA  1 
ATOM   1196 C CA  B GLU A 1 128 ? 14.823  -15.500 -1.354  0.20 27.06 ? 1106 GLU A CA  1 
ATOM   1197 C CA  C GLU A 1 128 ? 14.828  -15.503 -1.323  0.15 30.09 ? 1106 GLU A CA  1 
ATOM   1198 C C   A GLU A 1 128 ? 16.063  -16.091 -0.624  0.15 30.94 ? 1106 GLU A C   1 
ATOM   1199 C C   B GLU A 1 128 ? 16.104  -16.159 -0.823  0.20 29.30 ? 1106 GLU A C   1 
ATOM   1200 C C   C GLU A 1 128 ? 16.063  -16.091 -0.624  0.15 30.94 ? 1106 GLU A C   1 
ATOM   1201 O O   A GLU A 1 128 ? 15.928  -17.157 0.031   0.15 31.23 ? 1106 GLU A O   1 
ATOM   1202 O O   B GLU A 1 128 ? 16.050  -17.395 -0.574  0.20 30.45 ? 1106 GLU A O   1 
ATOM   1203 O O   C GLU A 1 128 ? 15.928  -17.157 0.031   0.15 31.23 ? 1106 GLU A O   1 
ATOM   1204 C CB  A GLU A 1 128 ? 14.737  -15.885 -2.800  0.15 32.18 ? 1106 GLU A CB  1 
ATOM   1205 C CB  B GLU A 1 128 ? 14.622  -15.903 -2.817  0.20 27.14 ? 1106 GLU A CB  1 
ATOM   1206 C CB  C GLU A 1 128 ? 14.737  -15.885 -2.800  0.15 32.18 ? 1106 GLU A CB  1 
ATOM   1207 C CG  A GLU A 1 128 ? 13.308  -16.124 -3.248  0.15 34.96 ? 1106 GLU A CG  1 
ATOM   1208 C CG  B GLU A 1 128 ? 14.737  -17.407 -3.034  0.20 28.13 ? 1106 GLU A CG  1 
ATOM   1209 C CG  C GLU A 1 128 ? 13.308  -16.124 -3.248  0.15 34.96 ? 1106 GLU A CG  1 
ATOM   1210 C CD  A GLU A 1 128 ? 12.976  -15.696 -4.666  0.15 38.24 ? 1106 GLU A CD  1 
ATOM   1211 C CD  B GLU A 1 128 ? 13.681  -18.221 -2.307  0.20 30.22 ? 1106 GLU A CD  1 
ATOM   1212 C CD  C GLU A 1 128 ? 12.976  -15.696 -4.666  0.15 38.24 ? 1106 GLU A CD  1 
ATOM   1213 O OE1 A GLU A 1 128 ? 13.914  -15.533 -5.478  0.15 39.24 ? 1106 GLU A OE1 1 
ATOM   1214 O OE1 B GLU A 1 128 ? 13.997  -19.351 -1.881  0.20 31.75 ? 1106 GLU A OE1 1 
ATOM   1215 O OE1 C GLU A 1 128 ? 13.914  -15.533 -5.478  0.15 39.24 ? 1106 GLU A OE1 1 
ATOM   1216 O OE2 A GLU A 1 128 ? 11.776  -15.521 -4.952  0.15 40.99 ? 1106 GLU A OE2 1 
ATOM   1217 O OE2 B GLU A 1 128 ? 12.551  -17.729 -2.175  0.20 30.65 ? 1106 GLU A OE2 1 
ATOM   1218 O OE2 C GLU A 1 128 ? 11.776  -15.521 -4.952  0.15 40.99 ? 1106 GLU A OE2 1 
ATOM   1219 N N   . SER A 1 129 ? 17.207  -15.406 -0.704  1.00 29.72 ? 1107 SER A N   1 
ATOM   1220 C CA  . SER A 1 129 ? 18.495  -15.894 -0.132  1.00 33.58 ? 1107 SER A CA  1 
ATOM   1221 C C   . SER A 1 129 ? 18.525  -15.857 1.397   1.00 40.17 ? 1107 SER A C   1 
ATOM   1222 O O   . SER A 1 129 ? 19.538  -16.349 1.955   1.00 42.41 ? 1107 SER A O   1 
ATOM   1223 C CB  . SER A 1 129 ? 19.662  -15.109 -0.673  1.00 32.62 ? 1107 SER A CB  1 
ATOM   1224 O OG  . SER A 1 129 ? 19.819  -13.861 0.024   1.00 31.97 ? 1107 SER A OG  1 
ATOM   1225 N N   . ARG A 1 130 ? 17.554  -15.236 2.061   1.00 37.72 ? 1108 ARG A N   1 
ATOM   1226 C CA  . ARG A 1 130 ? 17.680  -14.946 3.512   1.00 43.95 ? 1108 ARG A CA  1 
ATOM   1227 C C   . ARG A 1 130 ? 16.944  -16.033 4.290   1.00 50.56 ? 1108 ARG A C   1 
ATOM   1228 O O   . ARG A 1 130 ? 16.134  -16.764 3.701   1.00 50.53 ? 1108 ARG A O   1 
ATOM   1229 C CB  . ARG A 1 130 ? 17.192  -13.533 3.832   1.00 45.91 ? 1108 ARG A CB  1 
ATOM   1230 C CG  . ARG A 1 130 ? 18.047  -12.503 3.112   1.00 49.68 ? 1108 ARG A CG  1 
ATOM   1231 C CD  . ARG A 1 130 ? 18.215  -11.192 3.830   1.00 44.14 ? 1108 ARG A CD  1 
ATOM   1232 N NE  . ARG A 1 130 ? 19.414  -10.500 3.344   1.00 41.13 ? 1108 ARG A NE  1 
ATOM   1233 C CZ  . ARG A 1 130 ? 19.678  -9.228  3.585   1.00 36.18 ? 1108 ARG A CZ  1 
ATOM   1234 N NH1 . ARG A 1 130 ? 18.830  -8.533  4.338   1.00 45.45 ? 1108 ARG A NH1 1 
ATOM   1235 N NH2 . ARG A 1 130 ? 20.783  -8.657  3.131   1.00 31.98 ? 1108 ARG A NH2 1 
ATOM   1236 O OXT . ARG A 1 130 ? 17.221  -16.132 5.500   1.00 55.64 ? 1108 ARG A OXT 1 
HETATM 1237 C C10 . RGV B 2 .   ? 4.718   -4.601  -11.600 0.49 59.59 ? 1201 RGV A C10 1 
HETATM 1238 C C13 . RGV B 2 .   ? 6.742   -3.251  -12.731 0.49 57.14 ? 1201 RGV A C13 1 
HETATM 1239 C C15 . RGV B 2 .   ? 8.393   -4.616  -12.049 0.49 57.57 ? 1201 RGV A C15 1 
HETATM 1240 C C17 . RGV B 2 .   ? 1.904   -8.589  -9.654  0.49 63.09 ? 1201 RGV A C17 1 
HETATM 1241 C C01 . RGV B 2 .   ? 5.679   -5.344  -9.058  0.49 57.05 ? 1201 RGV A C01 1 
HETATM 1242 C C03 . RGV B 2 .   ? 6.864   -6.395  -10.703 0.49 58.08 ? 1201 RGV A C03 1 
HETATM 1243 C C04 . RGV B 2 .   ? 6.254   -7.341  -11.410 0.49 59.78 ? 1201 RGV A C04 1 
HETATM 1244 C C05 . RGV B 2 .   ? 4.955   -7.032  -11.631 0.49 60.25 ? 1201 RGV A C05 1 
HETATM 1245 C C06 . RGV B 2 .   ? 3.920   -8.309  -11.317 0.49 61.08 ? 1201 RGV A C06 1 
HETATM 1246 C C08 . RGV B 2 .   ? 3.028   -6.266  -10.307 0.49 61.05 ? 1201 RGV A C08 1 
HETATM 1247 C C09 . RGV B 2 .   ? 4.537   -5.945  -10.809 0.49 59.62 ? 1201 RGV A C09 1 
HETATM 1248 C C12 . RGV B 2 .   ? 6.154   -4.279  -11.985 0.49 58.37 ? 1201 RGV A C12 1 
HETATM 1249 C C16 . RGV B 2 .   ? 7.203   -5.156  -11.544 0.49 58.64 ? 1201 RGV A C16 1 
HETATM 1250 N N02 . RGV B 2 .   ? 5.579   -6.054  -9.758  0.49 59.05 ? 1201 RGV A N02 1 
HETATM 1251 N N07 . RGV B 2 .   ? 2.880   -7.788  -10.373 0.49 62.30 ? 1201 RGV A N07 1 
HETATM 1252 N N14 . RGV B 2 .   ? 8.087   -3.481  -12.749 0.49 57.51 ? 1201 RGV A N14 1 
HETATM 1253 O O11 . RGV B 2 .   ? 3.803   -3.918  -11.892 0.49 58.41 ? 1201 RGV A O11 1 
HETATM 1254 O O18 . RGV B 2 .   ? 1.128   -8.060  -8.928  0.49 63.78 ? 1201 RGV A O18 1 
HETATM 1255 S S   . SO4 C 3 .   ? -29.524 -0.072  -9.838  1.00 25.41 ? 1202 SO4 A S   1 
HETATM 1256 O O1  . SO4 C 3 .   ? -30.913 0.348   -9.807  1.00 27.47 ? 1202 SO4 A O1  1 
HETATM 1257 O O2  . SO4 C 3 .   ? -29.119 -0.252  -8.453  1.00 29.99 ? 1202 SO4 A O2  1 
HETATM 1258 O O3  . SO4 C 3 .   ? -29.289 -1.120  -10.695 1.00 26.44 ? 1202 SO4 A O3  1 
HETATM 1259 O O4  . SO4 C 3 .   ? -28.784 1.128   -10.306 1.00 32.80 ? 1202 SO4 A O4  1 
HETATM 1260 S S   . SO4 D 3 .   ? 3.223   -8.206  9.834   0.50 23.28 ? 1203 SO4 A S   1 
HETATM 1261 O O1  . SO4 D 3 .   ? 3.275   -9.660  9.967   0.50 25.77 ? 1203 SO4 A O1  1 
HETATM 1262 O O2  . SO4 D 3 .   ? 1.881   -7.848  9.372   0.50 23.80 ? 1203 SO4 A O2  1 
HETATM 1263 O O3  . SO4 D 3 .   ? 4.218   -7.756  8.860   0.50 26.09 ? 1203 SO4 A O3  1 
HETATM 1264 O O4  . SO4 D 3 .   ? 3.509   -7.576  11.113  0.50 24.32 ? 1203 SO4 A O4  1 
HETATM 1265 C C1  . EDO E 4 .   ? 13.037  1.759   -8.561  1.00 23.66 ? 1204 EDO A C1  1 
HETATM 1266 O O1  . EDO E 4 .   ? 13.626  1.384   -9.833  1.00 20.76 ? 1204 EDO A O1  1 
HETATM 1267 C C2  . EDO E 4 .   ? 14.080  2.000   -7.514  1.00 16.92 ? 1204 EDO A C2  1 
HETATM 1268 O O2  . EDO E 4 .   ? 14.698  3.257   -7.658  1.00 17.30 ? 1204 EDO A O2  1 
HETATM 1269 C C1  . EDO F 4 .   ? 13.115  3.801   -13.753 1.00 48.26 ? 1205 EDO A C1  1 
HETATM 1270 O O1  . EDO F 4 .   ? 13.094  4.868   -14.674 1.00 53.40 ? 1205 EDO A O1  1 
HETATM 1271 C C2  . EDO F 4 .   ? 12.443  2.571   -14.247 1.00 51.76 ? 1205 EDO A C2  1 
HETATM 1272 O O2  . EDO F 4 .   ? 11.581  2.736   -15.352 1.00 52.83 ? 1205 EDO A O2  1 
HETATM 1273 C C1  . EDO G 4 .   ? 2.188   0.143   11.588  1.00 24.73 ? 1206 EDO A C1  1 
HETATM 1274 O O1  . EDO G 4 .   ? 1.311   -0.945  11.242  1.00 25.86 ? 1206 EDO A O1  1 
HETATM 1275 C C2  . EDO G 4 .   ? 2.998   -0.060  12.854  1.00 24.38 ? 1206 EDO A C2  1 
HETATM 1276 O O2  . EDO G 4 .   ? 2.128   0.002   13.977  1.00 28.93 ? 1206 EDO A O2  1 
HETATM 1277 O O   . HOH H 5 .   ? 2.480   -2.380  -11.824 0.49 22.62 ? 1301 HOH A O   1 
HETATM 1278 O O   . HOH H 5 .   ? 17.780  -3.177  5.418   1.00 37.84 ? 1302 HOH A O   1 
HETATM 1279 O O   . HOH H 5 .   ? 4.878   8.543   -13.820 1.00 35.93 ? 1303 HOH A O   1 
HETATM 1280 O O   . HOH H 5 .   ? 19.311  10.125  3.479   1.00 22.28 ? 1304 HOH A O   1 
HETATM 1281 O O   . HOH H 5 .   ? -21.507 -3.676  9.244   1.00 49.20 ? 1305 HOH A O   1 
HETATM 1282 O O   . HOH H 5 .   ? 20.176  1.569   6.052   1.00 58.34 ? 1306 HOH A O   1 
HETATM 1283 O O   . HOH H 5 .   ? -25.297 -4.775  -0.909  1.00 42.79 ? 1307 HOH A O   1 
HETATM 1284 O O   . HOH H 5 .   ? -31.460 2.274   -11.107 1.00 26.95 ? 1308 HOH A O   1 
HETATM 1285 O O   . HOH H 5 .   ? 26.241  -8.271  -2.202  1.00 44.33 ? 1309 HOH A O   1 
HETATM 1286 O O   . HOH H 5 .   ? 8.829   8.342   7.195   1.00 40.32 ? 1310 HOH A O   1 
HETATM 1287 O O   . HOH H 5 .   ? 6.418   12.140  -3.536  1.00 30.85 ? 1311 HOH A O   1 
HETATM 1288 O O   . HOH H 5 .   ? -19.437 -7.261  1.573   1.00 36.91 ? 1312 HOH A O   1 
HETATM 1289 O O   . HOH H 5 .   ? -27.939 1.326   -0.302  1.00 38.82 ? 1313 HOH A O   1 
HETATM 1290 O O   . HOH H 5 .   ? 25.249  1.540   -3.007  1.00 35.35 ? 1314 HOH A O   1 
HETATM 1291 O O   . HOH H 5 .   ? 21.721  -12.577 -1.455  1.00 31.19 ? 1315 HOH A O   1 
HETATM 1292 O O   . HOH H 5 .   ? -12.431 0.124   4.148   1.00 22.72 ? 1316 HOH A O   1 
HETATM 1293 O O   . HOH H 5 .   ? -0.897  -0.143  -14.730 1.00 24.96 ? 1317 HOH A O   1 
HETATM 1294 O O   . HOH H 5 .   ? 21.299  -11.797 2.120   1.00 42.01 ? 1318 HOH A O   1 
HETATM 1295 O O   . HOH H 5 .   ? -7.405  -2.318  14.003  1.00 47.69 ? 1319 HOH A O   1 
HETATM 1296 O O   . HOH H 5 .   ? 21.882  4.486   0.636   0.50 34.05 ? 1320 HOH A O   1 
HETATM 1297 O O   . HOH H 5 .   ? 16.229  -16.576 -6.096  1.00 33.67 ? 1321 HOH A O   1 
HETATM 1298 O O   . HOH H 5 .   ? -1.760  -5.804  9.833   1.00 19.90 ? 1322 HOH A O   1 
HETATM 1299 O O   . HOH H 5 .   ? -5.476  -10.156 5.443   1.00 29.84 ? 1323 HOH A O   1 
HETATM 1300 O O   . HOH H 5 .   ? -1.283  -7.887  -4.184  1.00 28.10 ? 1324 HOH A O   1 
HETATM 1301 O O   . HOH H 5 .   ? -11.426 14.762  -0.384  1.00 34.61 ? 1325 HOH A O   1 
HETATM 1302 O O   . HOH H 5 .   ? -22.960 -0.304  3.133   1.00 31.55 ? 1326 HOH A O   1 
HETATM 1303 O O   . HOH H 5 .   ? -5.240  12.708  6.623   1.00 50.26 ? 1327 HOH A O   1 
HETATM 1304 O O   . HOH H 5 .   ? 18.462  -15.752 -4.258  1.00 26.53 ? 1328 HOH A O   1 
HETATM 1305 O O   . HOH H 5 .   ? 10.068  -10.340 3.430   1.00 59.33 ? 1329 HOH A O   1 
HETATM 1306 O O   . HOH H 5 .   ? 13.067  -6.504  7.715   1.00 45.51 ? 1330 HOH A O   1 
HETATM 1307 O O   . HOH H 5 .   ? 1.572   -2.223  15.295  1.00 23.18 ? 1331 HOH A O   1 
HETATM 1308 O O   . HOH H 5 .   ? 8.138   -1.175  -14.612 0.49 26.48 ? 1332 HOH A O   1 
HETATM 1309 O O   . HOH H 5 .   ? 3.524   -11.672 8.255   1.00 33.23 ? 1333 HOH A O   1 
HETATM 1310 O O   . HOH H 5 .   ? -10.885 0.665   -12.097 1.00 52.92 ? 1334 HOH A O   1 
HETATM 1311 O O   . HOH H 5 .   ? -9.006  -0.707  6.050   1.00 18.58 ? 1335 HOH A O   1 
HETATM 1312 O O   . HOH H 5 .   ? -8.022  7.584   12.841  1.00 49.50 ? 1336 HOH A O   1 
HETATM 1313 O O   . HOH H 5 .   ? 3.670   -7.167  6.309   1.00 24.46 ? 1337 HOH A O   1 
HETATM 1314 O O   . HOH H 5 .   ? 7.657   6.119   10.750  1.00 24.08 ? 1338 HOH A O   1 
HETATM 1315 O O   . HOH H 5 .   ? 2.934   -7.247  2.696   1.00 32.80 ? 1339 HOH A O   1 
HETATM 1316 O O   . HOH H 5 .   ? -9.373  3.718   -11.703 1.00 35.87 ? 1340 HOH A O   1 
HETATM 1317 O O   . HOH H 5 .   ? -13.047 -7.086  -2.103  1.00 41.04 ? 1341 HOH A O   1 
HETATM 1318 O O   . HOH H 5 .   ? 18.249  2.019   -9.354  1.00 19.02 ? 1342 HOH A O   1 
HETATM 1319 O O   . HOH H 5 .   ? -4.781  8.950   -10.895 1.00 25.47 ? 1343 HOH A O   1 
HETATM 1320 O O   . HOH H 5 .   ? 10.488  -4.616  11.945  1.00 41.42 ? 1344 HOH A O   1 
HETATM 1321 O O   . HOH H 5 .   ? -5.816  0.806   9.270   1.00 22.18 ? 1345 HOH A O   1 
HETATM 1322 O O   . HOH H 5 .   ? 3.306   -7.596  -7.379  0.49 54.71 ? 1346 HOH A O   1 
HETATM 1323 O O   . HOH H 5 .   ? -21.848 8.142   -5.957  1.00 19.04 ? 1347 HOH A O   1 
HETATM 1324 O O   . HOH H 5 .   ? -25.505 7.229   -0.164  1.00 40.54 ? 1348 HOH A O   1 
HETATM 1325 O O   . HOH H 5 .   ? -10.215 -7.314  2.247   1.00 21.48 ? 1349 HOH A O   1 
HETATM 1326 O O   . HOH H 5 .   ? 1.619   -6.812  12.940  1.00 17.76 ? 1350 HOH A O   1 
HETATM 1327 O O   . HOH H 5 .   ? -10.102 7.559   9.235   1.00 46.62 ? 1351 HOH A O   1 
HETATM 1328 O O   . HOH H 5 .   ? 1.163   4.039   12.195  1.00 29.07 ? 1352 HOH A O   1 
HETATM 1329 O O   . HOH H 5 .   ? -16.364 -10.328 8.113   1.00 47.12 ? 1353 HOH A O   1 
HETATM 1330 O O   . HOH H 5 .   ? 5.470   8.996   2.292   1.00 33.61 ? 1354 HOH A O   1 
HETATM 1331 O O   . HOH H 5 .   ? -20.707 -4.460  -4.580  1.00 37.21 ? 1355 HOH A O   1 
HETATM 1332 O O   . HOH H 5 .   ? -0.588  13.433  -6.025  1.00 28.83 ? 1356 HOH A O   1 
HETATM 1333 O O   . HOH H 5 .   ? -3.856  -8.005  -0.438  1.00 20.43 ? 1357 HOH A O   1 
HETATM 1334 O O   . HOH H 5 .   ? -3.154  0.703   -13.358 1.00 21.07 ? 1358 HOH A O   1 
HETATM 1335 O O   . HOH H 5 .   ? -18.459 7.964   0.117   1.00 34.31 ? 1359 HOH A O   1 
HETATM 1336 O O   . HOH H 5 .   ? 15.962  -16.074 -10.870 1.00 30.24 ? 1360 HOH A O   1 
HETATM 1337 O O   . HOH H 5 .   ? 13.445  5.724   -7.807  1.00 13.37 ? 1361 HOH A O   1 
HETATM 1338 O O   . HOH H 5 .   ? 8.029   -10.618 -2.755  1.00 27.67 ? 1362 HOH A O   1 
HETATM 1339 O O   . HOH H 5 .   ? -12.890 8.696   -7.914  1.00 19.71 ? 1363 HOH A O   1 
HETATM 1340 O O   . HOH H 5 .   ? 14.604  -9.114  -14.451 1.00 32.31 ? 1364 HOH A O   1 
HETATM 1341 O O   . HOH H 5 .   ? 21.011  -1.807  -5.907  1.00 24.38 ? 1365 HOH A O   1 
HETATM 1342 O O   . HOH H 5 .   ? -4.277  16.995  -0.021  1.00 44.18 ? 1366 HOH A O   1 
HETATM 1343 O O   . HOH H 5 .   ? 12.048  5.741   -10.234 1.00 17.22 ? 1367 HOH A O   1 
HETATM 1344 O O   . HOH H 5 .   ? -20.693 4.818   2.329   1.00 56.67 ? 1368 HOH A O   1 
HETATM 1345 O O   . HOH H 5 .   ? -12.450 -8.860  14.310  1.00 52.50 ? 1369 HOH A O   1 
HETATM 1346 O O   . HOH H 5 .   ? -21.069 1.648   3.994   1.00 37.32 ? 1370 HOH A O   1 
HETATM 1347 O O   . HOH H 5 .   ? -10.221 -6.014  13.003  1.00 30.73 ? 1371 HOH A O   1 
HETATM 1348 O O   . HOH H 5 .   ? -5.699  12.946  0.597   1.00 20.34 ? 1372 HOH A O   1 
HETATM 1349 O O   . HOH H 5 .   ? -0.295  -6.500  6.184   1.00 19.41 ? 1373 HOH A O   1 
HETATM 1350 O O   . HOH H 5 .   ? -29.882 4.291   -3.575  1.00 22.64 ? 1374 HOH A O   1 
HETATM 1351 O O   . HOH H 5 .   ? -6.573  -7.867  -0.859  1.00 21.21 ? 1375 HOH A O   1 
HETATM 1352 O O   . HOH H 5 .   ? -18.190 -4.864  -3.418  1.00 28.51 ? 1376 HOH A O   1 
HETATM 1353 O O   . HOH H 5 .   ? -7.288  14.741  -6.938  1.00 42.02 ? 1377 HOH A O   1 
HETATM 1354 O O   . HOH H 5 .   ? -8.215  2.527   4.443   1.00 20.64 ? 1378 HOH A O   1 
HETATM 1355 O O   . HOH H 5 .   ? 1.997   3.208   -16.237 1.00 26.46 ? 1379 HOH A O   1 
HETATM 1356 O O   . HOH H 5 .   ? 11.287  9.234   -0.472  1.00 11.84 ? 1380 HOH A O   1 
HETATM 1357 O O   . HOH H 5 .   ? -9.888  0.718   3.224   1.00 20.99 ? 1381 HOH A O   1 
HETATM 1358 O O   . HOH H 5 .   ? 8.465   -5.858  12.938  1.00 42.09 ? 1382 HOH A O   1 
HETATM 1359 O O   . HOH H 5 .   ? 18.800  -1.331  4.402   1.00 25.56 ? 1383 HOH A O   1 
HETATM 1360 O O   . HOH H 5 .   ? -9.043  4.073   6.380   1.00 31.18 ? 1384 HOH A O   1 
HETATM 1361 O O   . HOH H 5 .   ? -14.084 -0.389  14.621  1.00 39.88 ? 1385 HOH A O   1 
HETATM 1362 O O   . HOH H 5 .   ? 1.468   -8.081  -4.648  1.00 25.02 ? 1386 HOH A O   1 
HETATM 1363 O O   . HOH H 5 .   ? 2.536   -3.502  11.080  1.00 21.60 ? 1387 HOH A O   1 
HETATM 1364 O O   . HOH H 5 .   ? -10.371 -10.119 -0.893  1.00 46.18 ? 1388 HOH A O   1 
HETATM 1365 O O   . HOH H 5 .   ? -24.497 -2.980  -5.062  1.00 34.88 ? 1389 HOH A O   1 
HETATM 1366 O O   . HOH H 5 .   ? 16.294  2.393   -14.019 1.00 29.70 ? 1390 HOH A O   1 
HETATM 1367 O O   . HOH H 5 .   ? -2.443  13.723  3.360   1.00 34.17 ? 1391 HOH A O   1 
HETATM 1368 O O   . HOH H 5 .   ? 10.546  -9.522  -10.272 1.00 36.79 ? 1392 HOH A O   1 
HETATM 1369 O O   . HOH H 5 .   ? 23.761  -7.384  5.003   1.00 49.45 ? 1393 HOH A O   1 
HETATM 1370 O O   . HOH H 5 .   ? -9.423  -7.463  6.085   1.00 17.46 ? 1394 HOH A O   1 
HETATM 1371 O O   . HOH H 5 .   ? -11.974 4.341   -10.438 1.00 22.10 ? 1395 HOH A O   1 
HETATM 1372 O O   . HOH H 5 .   ? 7.785   -8.136  11.182  1.00 38.83 ? 1396 HOH A O   1 
HETATM 1373 O O   . HOH H 5 .   ? -30.868 -2.278  -7.409  1.00 27.44 ? 1397 HOH A O   1 
HETATM 1374 O O   . HOH H 5 .   ? -11.507 10.491  0.112   1.00 21.13 ? 1398 HOH A O   1 
HETATM 1375 O O   . HOH H 5 .   ? -1.208  4.502   11.512  1.00 36.46 ? 1399 HOH A O   1 
HETATM 1376 O O   . HOH H 5 .   ? 18.033  5.715   -8.491  1.00 14.28 ? 1400 HOH A O   1 
HETATM 1377 O O   . HOH H 5 .   ? -24.310 -3.886  3.257   1.00 34.29 ? 1401 HOH A O   1 
HETATM 1378 O O   . HOH H 5 .   ? 9.265   6.966   -6.190  1.00 22.97 ? 1402 HOH A O   1 
HETATM 1379 O O   . HOH H 5 .   ? 8.513   -8.290  6.862   1.00 33.49 ? 1403 HOH A O   1 
HETATM 1380 O O   . HOH H 5 .   ? -9.238  -9.007  13.505  1.00 24.88 ? 1404 HOH A O   1 
HETATM 1381 O O   . HOH H 5 .   ? -26.880 -2.058  -11.997 1.00 48.33 ? 1405 HOH A O   1 
HETATM 1382 O O   . HOH H 5 .   ? 2.816   7.286   9.637   1.00 26.27 ? 1406 HOH A O   1 
HETATM 1383 O O   . HOH H 5 .   ? -25.960 5.364   -6.638  1.00 21.34 ? 1407 HOH A O   1 
HETATM 1384 O O   . HOH H 5 .   ? 11.894  -1.993  -16.346 1.00 28.86 ? 1408 HOH A O   1 
HETATM 1385 O O   . HOH H 5 .   ? 1.659   2.811   14.593  1.00 31.09 ? 1409 HOH A O   1 
HETATM 1386 O O   . HOH H 5 .   ? -7.392  -5.043  -4.392  1.00 27.41 ? 1410 HOH A O   1 
HETATM 1387 O O   . HOH H 5 .   ? -18.699 -1.966  -7.838  1.00 66.85 ? 1411 HOH A O   1 
HETATM 1388 O O   . HOH H 5 .   ? -23.825 -1.127  -6.981  1.00 25.98 ? 1412 HOH A O   1 
HETATM 1389 O O   . HOH H 5 .   ? 5.423   -7.450  4.271   1.00 24.59 ? 1413 HOH A O   1 
HETATM 1390 O O   . HOH H 5 .   ? -18.353 2.785   -8.295  1.00 32.35 ? 1414 HOH A O   1 
HETATM 1391 O O   . HOH H 5 .   ? -1.060  -7.682  2.838   1.00 28.73 ? 1415 HOH A O   1 
HETATM 1392 O O   . HOH H 5 .   ? -1.936  -9.347  4.677   1.00 53.98 ? 1416 HOH A O   1 
HETATM 1393 O O   . HOH H 5 .   ? -14.539 1.992   4.370   1.00 25.46 ? 1417 HOH A O   1 
HETATM 1394 O O   . HOH H 5 .   ? 10.135  -1.464  4.262   1.00 13.69 ? 1418 HOH A O   1 
HETATM 1395 O O   . HOH H 5 .   ? -1.436  9.245   5.158   1.00 28.80 ? 1419 HOH A O   1 
HETATM 1396 O O   . HOH H 5 .   ? -8.024  7.958   -12.127 1.00 36.63 ? 1420 HOH A O   1 
HETATM 1397 O O   . HOH H 5 .   ? -12.049 11.892  4.511   1.00 46.43 ? 1421 HOH A O   1 
HETATM 1398 O O   . HOH H 5 .   ? 2.200   12.204  -8.627  1.00 28.59 ? 1422 HOH A O   1 
HETATM 1399 O O   . HOH H 5 .   ? 17.164  -2.340  -16.556 1.00 35.97 ? 1423 HOH A O   1 
HETATM 1400 O O   . HOH H 5 .   ? 2.059   10.767  -10.635 1.00 37.80 ? 1424 HOH A O   1 
HETATM 1401 O O   . HOH H 5 .   ? 10.330  -7.426  -11.845 0.49 25.58 ? 1425 HOH A O   1 
HETATM 1402 O O   . HOH H 5 .   ? -13.333 6.878   10.580  1.00 40.06 ? 1426 HOH A O   1 
HETATM 1403 O O   . HOH H 5 .   ? -4.832  -5.668  -8.116  1.00 33.46 ? 1427 HOH A O   1 
HETATM 1404 O O   . HOH H 5 .   ? 16.047  2.516   -11.177 1.00 30.41 ? 1428 HOH A O   1 
HETATM 1405 O O   . HOH H 5 .   ? 13.531  0.010   11.551  1.00 33.50 ? 1429 HOH A O   1 
HETATM 1406 O O   . HOH H 5 .   ? -12.125 -2.563  -11.049 1.00 48.71 ? 1430 HOH A O   1 
HETATM 1407 O O   . HOH H 5 .   ? 16.354  -4.657  8.608   1.00 49.70 ? 1431 HOH A O   1 
HETATM 1408 O O   . HOH H 5 .   ? -15.319 8.212   -0.011  1.00 31.64 ? 1432 HOH A O   1 
HETATM 1409 O O   . HOH H 5 .   ? -11.155 9.212   -10.134 1.00 20.35 ? 1433 HOH A O   1 
HETATM 1410 O O   . HOH H 5 .   ? 13.387  3.926   10.450  1.00 31.71 ? 1434 HOH A O   1 
HETATM 1411 O O   . HOH H 5 .   ? 7.688   3.467   11.816  1.00 21.28 ? 1435 HOH A O   1 
HETATM 1412 O O   . HOH H 5 .   ? 13.376  -2.582  4.060   1.00 17.56 ? 1436 HOH A O   1 
HETATM 1413 O O   . HOH H 5 .   ? -8.674  8.580   6.740   1.00 35.21 ? 1437 HOH A O   1 
HETATM 1414 O O   . HOH H 5 .   ? -21.490 -0.201  5.386   1.00 51.36 ? 1438 HOH A O   1 
HETATM 1415 O O   . HOH H 5 .   ? 10.342  -13.096 -12.047 1.00 59.56 ? 1439 HOH A O   1 
HETATM 1416 O O   . HOH H 5 .   ? -12.751 -12.875 14.124  1.00 29.60 ? 1440 HOH A O   1 
HETATM 1417 O O   . HOH H 5 .   ? 1.189   5.906   -16.378 1.00 47.82 ? 1441 HOH A O   1 
HETATM 1418 O O   . HOH H 5 .   ? -4.495  -1.857  -11.988 1.00 43.83 ? 1442 HOH A O   1 
HETATM 1419 O O   . HOH H 5 .   ? -17.485 3.893   5.276   1.00 45.94 ? 1443 HOH A O   1 
HETATM 1420 O O   . HOH H 5 .   ? -5.574  16.418  -5.379  1.00 31.35 ? 1444 HOH A O   1 
HETATM 1421 O O   . HOH H 5 .   ? -2.104  10.408  -6.840  1.00 27.46 ? 1445 HOH A O   1 
HETATM 1422 O O   . HOH H 5 .   ? 17.522  2.005   8.577   1.00 39.42 ? 1446 HOH A O   1 
HETATM 1423 O O   . HOH H 5 .   ? 25.531  -11.634 -0.405  1.00 40.49 ? 1447 HOH A O   1 
HETATM 1424 O O   . HOH H 5 .   ? -11.876 -8.814  6.309   1.00 24.03 ? 1448 HOH A O   1 
HETATM 1425 O O   . HOH H 5 .   ? 29.700  -5.969  2.976   1.00 47.32 ? 1449 HOH A O   1 
HETATM 1426 O O   . HOH H 5 .   ? -3.784  -8.037  -7.143  1.00 53.08 ? 1450 HOH A O   1 
HETATM 1427 O O   . HOH H 5 .   ? -16.429 13.908  -0.862  1.00 37.97 ? 1451 HOH A O   1 
HETATM 1428 O O   . HOH H 5 .   ? 22.822  -5.793  -4.048  1.00 25.12 ? 1452 HOH A O   1 
HETATM 1429 O O   . HOH H 5 .   ? 0.799   8.430   4.249   1.00 35.15 ? 1453 HOH A O   1 
HETATM 1430 O O   . HOH H 5 .   ? 16.346  -9.743  5.885   1.00 45.47 ? 1454 HOH A O   1 
HETATM 1431 O O   . HOH H 5 .   ? -6.899  5.783   -11.586 1.00 33.86 ? 1455 HOH A O   1 
HETATM 1432 O O   . HOH H 5 .   ? 23.677  -2.224  -4.757  1.00 35.61 ? 1456 HOH A O   1 
HETATM 1433 O O   . HOH H 5 .   ? -28.054 -2.402  -2.402  1.00 20.73 ? 1457 HOH A O   1 
HETATM 1434 O O   . HOH H 5 .   ? 27.143  2.546   2.033   1.00 68.41 ? 1458 HOH A O   1 
HETATM 1435 O O   . HOH H 5 .   ? 1.658   6.777   -13.796 1.00 42.13 ? 1459 HOH A O   1 
HETATM 1436 O O   . HOH H 5 .   ? -8.427  1.298   8.474   1.00 24.03 ? 1460 HOH A O   1 
HETATM 1437 O O   . HOH H 5 .   ? 4.801   10.871  -14.989 1.00 34.15 ? 1461 HOH A O   1 
HETATM 1438 O O   . HOH H 5 .   ? 6.148   -9.084  13.157  1.00 31.65 ? 1462 HOH A O   1 
HETATM 1439 O O   . HOH H 5 .   ? -9.612  -5.051  -5.444  1.00 45.28 ? 1463 HOH A O   1 
HETATM 1440 O O   . HOH H 5 .   ? -16.388 -1.784  -7.442  1.00 39.35 ? 1464 HOH A O   1 
HETATM 1441 O O   . HOH H 5 .   ? -8.901  11.259  7.874   1.00 59.91 ? 1465 HOH A O   1 
HETATM 1442 O O   . HOH H 5 .   ? 8.992   10.811  0.105   1.00 22.68 ? 1466 HOH A O   1 
HETATM 1443 O O   . HOH H 5 .   ? -12.937 12.731  1.144   1.00 39.01 ? 1467 HOH A O   1 
HETATM 1444 O O   . HOH H 5 .   ? -4.688  5.021   -13.197 1.00 32.31 ? 1468 HOH A O   1 
HETATM 1445 O O   . HOH H 5 .   ? -16.055 1.144   -8.683  1.00 38.09 ? 1469 HOH A O   1 
HETATM 1446 O O   . HOH H 5 .   ? 15.368  -4.303  5.230   1.00 29.73 ? 1470 HOH A O   1 
HETATM 1447 O O   . HOH H 5 .   ? 5.399   7.554   10.599  1.00 33.68 ? 1471 HOH A O   1 
HETATM 1448 O O   . HOH H 5 .   ? 19.086  -17.939 -2.607  1.00 42.22 ? 1472 HOH A O   1 
HETATM 1449 O O   . HOH H 5 .   ? 4.190   2.679   -18.128 1.00 32.89 ? 1473 HOH A O   1 
HETATM 1450 O O   . HOH H 5 .   ? 10.314  3.345   12.554  1.00 22.45 ? 1474 HOH A O   1 
HETATM 1451 O O   . HOH H 5 .   ? -7.323  9.576   -13.312 1.00 56.26 ? 1475 HOH A O   1 
HETATM 1452 O O   . HOH H 5 .   ? -28.087 6.197   0.605   1.00 48.05 ? 1476 HOH A O   1 
HETATM 1453 O O   . HOH H 5 .   ? -18.444 -7.272  -2.042  1.00 53.46 ? 1477 HOH A O   1 
HETATM 1454 O O   . HOH H 5 .   ? -2.332  15.777  -5.819  1.00 43.97 ? 1478 HOH A O   1 
HETATM 1455 O O   . HOH H 5 .   ? 2.299   9.462   7.478   1.00 50.91 ? 1479 HOH A O   1 
HETATM 1456 O O   . HOH H 5 .   ? -10.998 7.066   -11.790 1.00 25.75 ? 1480 HOH A O   1 
HETATM 1457 O O   . HOH H 5 .   ? -13.174 2.485   -11.818 1.00 51.08 ? 1481 HOH A O   1 
HETATM 1458 O O   . HOH H 5 .   ? -4.537  2.400   -14.903 1.00 34.28 ? 1482 HOH A O   1 
HETATM 1459 O O   . HOH H 5 .   ? -14.274 3.252   4.875   1.00 23.67 ? 1483 HOH A O   1 
HETATM 1460 O O   . HOH H 5 .   ? -24.974 -6.995  0.245   1.00 51.22 ? 1484 HOH A O   1 
HETATM 1461 O O   . HOH H 5 .   ? -4.640  -4.013  -10.538 1.00 55.74 ? 1485 HOH A O   1 
HETATM 1462 O O   . HOH H 5 .   ? -2.520  10.592  -10.600 1.00 45.75 ? 1486 HOH A O   1 
HETATM 1463 O O   . HOH H 5 .   ? -12.723 15.940  -2.638  1.00 39.45 ? 1487 HOH A O   1 
HETATM 1464 O O   . HOH H 5 .   ? -3.202  -9.283  1.866   1.00 35.26 ? 1488 HOH A O   1 
HETATM 1465 O O   . HOH H 5 .   ? -16.917 -4.468  -5.801  1.00 39.60 ? 1489 HOH A O   1 
HETATM 1466 O O   . HOH H 5 .   ? 19.440  0.567   8.210   1.00 53.44 ? 1490 HOH A O   1 
HETATM 1467 O O   . HOH H 5 .   ? 12.084  7.357   -5.880  1.00 14.96 ? 1491 HOH A O   1 
HETATM 1468 O O   . HOH H 5 .   ? -7.238  -10.029 1.016   1.00 38.17 ? 1492 HOH A O   1 
HETATM 1469 O O   . HOH H 5 .   ? -0.539  7.515   -12.658 1.00 48.72 ? 1493 HOH A O   1 
HETATM 1470 O O   . HOH H 5 .   ? 3.894   11.256  2.982   1.00 37.78 ? 1494 HOH A O   1 
HETATM 1471 O O   . HOH H 5 .   ? -12.072 -11.358 6.145   1.00 48.26 ? 1495 HOH A O   1 
HETATM 1472 O O   . HOH H 5 .   ? -2.976  -9.334  -2.727  1.00 26.00 ? 1496 HOH A O   1 
HETATM 1473 O O   . HOH H 5 .   ? -6.989  -8.111  -3.684  1.00 42.90 ? 1497 HOH A O   1 
HETATM 1474 O O   . HOH H 5 .   ? 12.017  1.690   13.873  1.00 29.07 ? 1498 HOH A O   1 
HETATM 1475 O O   . HOH H 5 .   ? -15.641 9.235   2.453   1.00 45.84 ? 1499 HOH A O   1 
HETATM 1476 O O   . HOH H 5 .   ? 6.788   9.805   8.839   1.00 51.26 ? 1500 HOH A O   1 
HETATM 1477 O O   . HOH H 5 .   ? -8.128  -9.831  5.420   1.00 24.17 ? 1501 HOH A O   1 
HETATM 1478 O O   . HOH H 5 .   ? -8.907  -9.713  2.733   1.00 28.00 ? 1502 HOH A O   1 
HETATM 1479 O O   . HOH H 5 .   ? -10.108 15.461  -6.756  1.00 39.47 ? 1503 HOH A O   1 
HETATM 1480 O O   . HOH H 5 .   ? -6.257  15.491  1.227   1.00 36.67 ? 1504 HOH A O   1 
HETATM 1481 O O   . HOH H 5 .   ? -2.810  6.607   -13.601 1.00 41.62 ? 1505 HOH A O   1 
HETATM 1482 O O   . HOH H 5 .   ? -1.706  12.041  5.286   1.00 40.82 ? 1506 HOH A O   1 
HETATM 1483 O O   . HOH H 5 .   ? -23.678 6.602   -7.541  1.00 20.48 ? 1507 HOH A O   1 
HETATM 1484 O O   . HOH H 5 .   ? 7.322   8.996   4.410   1.00 32.69 ? 1508 HOH A O   1 
HETATM 1485 O O   . HOH H 5 .   ? 18.550  3.331   -15.182 1.00 45.05 ? 1509 HOH A O   1 
HETATM 1486 O O   . HOH H 5 .   ? 11.796  -3.634  14.313  1.00 40.12 ? 1510 HOH A O   1 
HETATM 1487 O O   . HOH H 5 .   ? -5.142  -10.490 2.867   1.00 40.64 ? 1511 HOH A O   1 
HETATM 1488 O O   . HOH H 5 .   ? -11.452 -7.045  -4.136  1.00 49.96 ? 1512 HOH A O   1 
HETATM 1489 O O   . HOH H 5 .   ? -9.878  -9.240  -3.662  1.00 50.54 ? 1513 HOH A O   1 
HETATM 1490 O O   . HOH H 5 .   ? -0.331  1.697   -16.722 1.00 28.82 ? 1514 HOH A O   1 
HETATM 1491 O O   . HOH H 5 .   ? -0.515  10.506  -8.936  1.00 37.48 ? 1515 HOH A O   1 
HETATM 1492 O O   . HOH H 5 .   ? -13.142 9.786   6.879   1.00 61.15 ? 1516 HOH A O   1 
HETATM 1493 O O   . HOH H 5 .   ? 14.593  -11.471 5.512   1.00 46.15 ? 1517 HOH A O   1 
HETATM 1494 O O   . HOH H 5 .   ? -14.892 -3.253  -8.341  1.00 53.66 ? 1518 HOH A O   1 
HETATM 1495 O O   . HOH H 5 .   ? -9.431  -12.053 6.485   1.00 33.82 ? 1519 HOH A O   1 
HETATM 1496 O O   . HOH H 5 .   ? -2.672  3.268   -16.898 1.00 37.22 ? 1520 HOH A O   1 
HETATM 1497 O O   . HOH H 5 .   ? -2.044  5.763   -16.161 1.00 46.67 ? 1521 HOH A O   1 
HETATM 1498 O O   . HOH H 5 .   ? 4.678   10.555  6.475   1.00 50.70 ? 1522 HOH A O   1 
# 
